data_9HJM
#
_entry.id   9HJM
#
_cell.length_a   1.00
_cell.length_b   1.00
_cell.length_c   1.00
_cell.angle_alpha   90.00
_cell.angle_beta   90.00
_cell.angle_gamma   90.00
#
_symmetry.space_group_name_H-M   'P 1'
#
loop_
_entity.id
_entity.type
_entity.pdbx_description
1 polymer 'Outer membrane protein'
2 polymer 'DUF4270 domain-containing protein'
3 polymer 'DUF6242 domain-containing protein'
4 polymer 'Peptidyl-prolyl cis-trans isomerase'
5 polymer 'DUF4827 domain-containing protein'
6 polymer 'Putative outer membrane protein'
7 non-polymer 'PALMITIC ACID'
8 non-polymer '(2S)-3-hydroxypropane-1,2-diyl dihexadecanoate'
#
loop_
_entity_poly.entity_id
_entity_poly.type
_entity_poly.pdbx_seq_one_letter_code
_entity_poly.pdbx_strand_id
1 'polypeptide(L)'
;MYKDYKGLYASLRWCALIIGLLFAADSIQAQNNNFTESPYTRFGLGRLGERTTISGHSMGGLGVGLRQGTYVNAVNPASY
SAVDSMTFIFDFGASTGITWYAENGKKDNRKMGNIEYFAMLFPISKSIAMSAGVLPYSASGYQFGSVDQVEGGSVQYTRK
YLGTGNLNDLYVGIGATPFKNFSIGANASFLFGRFTHSRQVIFSTEAPYNPVHLSTLYLKAAKFDFGMQYHLPLKSDRSL
VIGAVYSPRVKMHSELTQIKNQVQNGVVVESETQEYIKGMDYYTLPHTLGIGFSYEKKDKLLLGADVQYSKWKGEKFYKS
DCKFQDRIRVSLGGEIMPDINAVGIWPKVRYRFGLHGENSYLKVPTKGGVYQGYHIVGAVFGIGIPLNDRRSFVNVSLEY
DRLIPKEGMIKENALKLTFGLTFNESWFKKLKLN
;
F
2 'polypeptide(L)'
;MKRYLLLVFSLMALLTVACDDDLSPIGGSIQPPSDPVSARVDTLEFSVKTIPMGDIYNRTNYTLLGDLTDPEYGDLKADY
IMQFKSPRNFKFKYPPKDGKIDSVKLSINYDSWAGDSTSIMKVSIYKINKAIPPSYYSTQELASLLDETQIIASQTFKAG
NDSAFHRVRIPLPNEIGQKIYDLSVNNPSVFDTQESFYNNVLGGLYVTTTTGTGVVLSVYNTQMAIFYSYKVAADSTATA
SETFVNTSESYQVNHIKNSQISHLLQENDSLSCVKSPAGVMTQLTISKEQFTDAFTSNLSSSLAWQIGEAQFNISASKPS
EGLMLSPPSYLLLLPQDSVRNFFEQEQTELMQPRTAFLSTIYNIKKREYRFSNISRLLMEHIKNNTEKTPEGKPYITKDL
VLVLLPVKRQVAGASNSLYTSQLNNFMFPSGVKLQLGKKNKTARIGVYSMTYTDNHHHHHHH
;
G
3 'polypeptide(L)'
;MCKKHFIRYFFWTIIVFFVGAAIHSCKESKIDLEEVSIVDLQIHRFYLSSKKNPDLEKVFFSIDHAKGTIINKKYMPYGT
VLDSVMMKLVTDFSAKKLRVAINDGEYKDWHNKDSLWLRDCHTLHLMVFDESGEKTKKYTVTLNRYDYQPTTFVWHMLDG
VALPDINASFVDVVTHADKVYLVAATGNKTLLYSSDRKNPVHWTLLSSSGLSGACRQIAATEDGRAWILTDSGIYQSDDF
TNWSLLPSEVPVTTLLGAMAWPQGSHTLALLAEKEGSLFFATNIDGIHSWQEQAPETFPVRNFSTQLYKANNHPMLRLVG
GVTHTGAPATSVWITSNGNDWFGLDLAAGAIPASMEKGALVQTPSDGNLYYYATEQAEGIKRVAVAYSTDKGITWKRGAA
DIMLPADPFYTVGYPLPFVCAFDDGAYNIYQLGGVSSSGTFFSSIWKGILKLNENN
;
H
4 'polypeptide(L)'
;MKTKKNIIMALGLMLVNILLVFSSCEKRPNEEKQRRHDNEVAFNAYADSTNFKKVSVDGSTAYVYMRWITNGTGTEHPIA
TSRVEVHYQTYRLVGNIMVDGNYNSEKPARITLYRNEKDKSITGFRIALQNMVIGDECEFIVPWYLAYGSKGVPASSANL
VPIPSYSALRFIVKLSGIIPEEDKK
;
I
5 'polypeptide(L)'
;MKRIIMILLPVLAIGMAVLTLGSCKKSDIKSLKEMKKDERKAIESFINRMGFTIKEGHEGQSEFDPDIMYHFDNDLYMQV
LDKGKEPPVLNKTKINVRMEGFMFNRERDSIYVFNSLTSGGFQESVFRYIYKYNDGDIHFELIKCTTGSNLDMFVCEGVA
FPMTMLGNKARVRLIVPFRIGPESLYSRGLTGYYKEVEYVFRD
;
J
6 'polypeptide(L)'
;MYKKIIAVAALFCASIGILKGQSSDLTPQDTIYSPEISYAKPIHKTIASIEIEGMRSFDDFVLRNLSGLAVGDEVLIPGD
AMSAAVNRIMRQGYFSNVRIIADKYVGNKVYLKIIVTERPRISKVTFSGVKKSEREDLEMKIGLREGIQMTRNNEDKVRQ
IVQKYFSEKGYRDASIRITQEPDLSKDGFVNVLISIEKKSKTKVNEIYFSGNKALSNHKLRMAMKNTNAKFSLRKHIRSS
FLKLFSTHKFVEESYREDLVRLIEKYQEYGYRDAEILTDSVVKAPDGKRVDIYLNIEEGQKYYIKDVNFVGNSQYPSEYL
ERVLGIKSGDVYNQRRLAKRLNEDEDAVGNLYYNNGYIFAWVDPVETNVVGDSVSLDIRIAEGKQANINKVIIKGNTVVY
EDVVRRELYTKPGQLFSREDIINSIRLINQLGHFDAEKSIPRPIPNPETGTVDIEYDLVPRSSDQLELSVGWSQSGLLFR
GAIKFTNFSVGNLLHPSMYKKGIIPQGDGQTLSLSAQTNGKYYQQYSVTFMDPWFGGKRPDMFSFSAFYSKTTAIDSKFY
NSNAGNYYNAYYNSYYNNYNSYYNGMSNYTGDLYTQASDPDRSLQMLGTSIGYGKRLTWPDNWFQIYTSLNYTYYRLRNW
SYNTFQNFHHGSANDLNLELRLSRTSIDNPIYTRSGSDFMVSVAATLPYSLWDNHDYASQNLSVSDRYRYIEYHKWKFRG
RVFTPLLNPATHKYTPVLMSRVEGAVLGSYNSNKKSPFGTFYMGGDGMSSYYGGYMNETIGLRGYKNGSIAGNNYDYAYA
YMRLTMELRFPILFENSFNAWLLAFAEAGNAWRSIDNYNPFNLKRSAGVGLRVTLPMVGMLGIDWGYGFDRPDNSLQRGG
SNVHFVLGQEF
;
A
#
# COMPACT_ATOMS: atom_id res chain seq x y z
N GLN A 31 -13.86 22.57 19.54
CA GLN A 31 -15.21 22.08 19.77
C GLN A 31 -16.05 23.15 20.46
N ASN A 32 -17.36 23.13 20.22
CA ASN A 32 -18.24 24.13 20.79
C ASN A 32 -18.33 23.97 22.30
N ASN A 33 -18.55 25.09 22.98
CA ASN A 33 -18.76 25.11 24.42
C ASN A 33 -20.13 25.65 24.81
N ASN A 34 -20.82 26.32 23.88
CA ASN A 34 -22.19 26.77 24.02
C ASN A 34 -22.39 27.77 25.16
N PHE A 35 -22.22 27.35 26.41
CA PHE A 35 -22.52 28.27 27.51
C PHE A 35 -21.35 29.21 27.81
N THR A 36 -20.21 28.66 28.24
CA THR A 36 -19.13 29.49 28.75
C THR A 36 -17.79 29.04 28.19
N GLU A 37 -16.86 30.01 28.05
CA GLU A 37 -15.49 29.73 27.68
C GLU A 37 -14.51 30.38 28.66
N SER A 38 -14.94 30.56 29.90
CA SER A 38 -14.08 31.18 30.92
C SER A 38 -13.04 30.17 31.41
N PRO A 39 -11.76 30.54 31.47
CA PRO A 39 -10.75 29.61 31.99
C PRO A 39 -10.96 29.20 33.45
N TYR A 40 -11.64 30.03 34.25
CA TYR A 40 -11.88 29.69 35.66
C TYR A 40 -12.63 28.38 35.81
N THR A 41 -13.42 28.00 34.80
CA THR A 41 -14.16 26.75 34.82
C THR A 41 -13.28 25.53 34.65
N ARG A 42 -11.95 25.69 34.62
CA ARG A 42 -11.07 24.52 34.58
C ARG A 42 -11.10 23.75 35.90
N PHE A 43 -11.39 24.42 37.01
CA PHE A 43 -11.37 23.80 38.32
C PHE A 43 -12.79 23.45 38.78
N GLY A 44 -12.88 22.42 39.61
CA GLY A 44 -14.14 22.01 40.20
C GLY A 44 -15.15 21.57 39.16
N LEU A 45 -16.42 21.85 39.44
CA LEU A 45 -17.52 21.54 38.54
C LEU A 45 -17.87 22.70 37.61
N GLY A 46 -16.91 23.58 37.33
CA GLY A 46 -17.17 24.71 36.48
C GLY A 46 -18.01 25.77 37.19
N ARG A 47 -18.56 26.67 36.38
CA ARG A 47 -19.41 27.72 36.92
C ARG A 47 -20.73 27.14 37.40
N LEU A 48 -21.11 27.47 38.63
CA LEU A 48 -22.33 26.94 39.23
C LEU A 48 -23.52 27.73 38.71
N GLY A 49 -24.39 27.08 37.94
CA GLY A 49 -25.61 27.70 37.49
C GLY A 49 -26.68 27.73 38.55
N GLU A 50 -27.74 28.46 38.25
CA GLU A 50 -28.90 28.57 39.13
C GLU A 50 -30.07 27.77 38.52
N ARG A 51 -31.12 27.62 39.32
CA ARG A 51 -32.28 26.82 38.94
C ARG A 51 -33.52 27.71 38.83
N THR A 52 -33.36 28.92 38.29
CA THR A 52 -34.44 29.87 38.10
C THR A 52 -34.81 29.98 36.62
N THR A 53 -36.08 30.25 36.36
CA THR A 53 -36.56 30.48 35.00
C THR A 53 -36.31 31.94 34.61
N ILE A 54 -36.89 32.37 33.48
CA ILE A 54 -36.64 33.72 32.97
C ILE A 54 -37.22 34.77 33.91
N SER A 55 -38.45 34.55 34.40
CA SER A 55 -39.08 35.54 35.27
C SER A 55 -38.33 35.69 36.59
N GLY A 56 -37.90 34.57 37.19
CA GLY A 56 -37.11 34.66 38.40
C GLY A 56 -35.74 35.26 38.17
N HIS A 57 -35.11 34.93 37.03
CA HIS A 57 -33.79 35.46 36.73
C HIS A 57 -33.83 36.96 36.49
N SER A 58 -34.89 37.44 35.83
CA SER A 58 -35.02 38.87 35.54
C SER A 58 -35.16 39.70 36.81
N MET A 59 -35.63 39.10 37.90
CA MET A 59 -35.74 39.77 39.19
C MET A 59 -34.47 39.60 40.03
N GLY A 60 -33.33 39.35 39.40
CA GLY A 60 -32.08 39.19 40.11
C GLY A 60 -31.83 37.81 40.66
N GLY A 61 -32.66 36.83 40.33
CA GLY A 61 -32.51 35.49 40.87
C GLY A 61 -33.41 35.16 42.04
N LEU A 62 -34.45 35.94 42.29
CA LEU A 62 -35.40 35.67 43.36
C LEU A 62 -36.12 34.34 43.10
N GLY A 63 -35.82 33.34 43.91
CA GLY A 63 -36.47 32.04 43.74
C GLY A 63 -37.09 31.51 45.01
N VAL A 64 -36.69 32.06 46.15
CA VAL A 64 -37.16 31.58 47.44
C VAL A 64 -38.36 32.37 47.93
N GLY A 65 -38.28 33.70 47.91
CA GLY A 65 -39.34 34.53 48.43
C GLY A 65 -40.55 34.66 47.52
N LEU A 66 -40.39 34.39 46.23
CA LEU A 66 -41.49 34.57 45.28
C LEU A 66 -42.56 33.51 45.47
N ARG A 67 -43.82 33.93 45.36
CA ARG A 67 -44.95 33.01 45.33
C ARG A 67 -45.97 33.58 44.34
N GLN A 68 -45.86 33.16 43.08
CA GLN A 68 -46.78 33.55 42.03
C GLN A 68 -47.13 32.34 41.19
N GLY A 69 -48.43 32.14 40.95
CA GLY A 69 -48.90 31.03 40.14
C GLY A 69 -49.03 31.43 38.68
N THR A 70 -47.91 31.85 38.09
CA THR A 70 -47.90 32.33 36.71
C THR A 70 -46.76 31.76 35.90
N TYR A 71 -45.69 31.28 36.53
CA TYR A 71 -44.55 30.68 35.87
C TYR A 71 -44.04 29.54 36.74
N VAL A 72 -42.85 29.03 36.42
CA VAL A 72 -42.22 27.96 37.16
C VAL A 72 -41.16 28.56 38.08
N ASN A 73 -41.15 28.13 39.33
CA ASN A 73 -40.27 28.66 40.38
C ASN A 73 -39.49 27.52 41.03
N ALA A 74 -38.83 26.71 40.19
CA ALA A 74 -38.19 25.46 40.60
C ALA A 74 -37.17 25.62 41.73
N VAL A 75 -36.81 26.85 42.10
CA VAL A 75 -35.91 27.06 43.23
C VAL A 75 -36.56 26.58 44.52
N ASN A 76 -37.79 27.01 44.77
CA ASN A 76 -38.49 26.68 46.01
C ASN A 76 -39.74 25.90 45.65
N PRO A 77 -39.74 24.58 45.83
CA PRO A 77 -40.88 23.77 45.39
C PRO A 77 -42.19 24.10 46.09
N ALA A 78 -42.15 24.71 47.28
CA ALA A 78 -43.38 25.05 47.99
C ALA A 78 -44.21 26.08 47.21
N SER A 79 -43.61 26.75 46.24
CA SER A 79 -44.33 27.69 45.38
C SER A 79 -45.18 26.99 44.32
N TYR A 80 -45.10 25.66 44.20
CA TYR A 80 -45.94 24.96 43.24
C TYR A 80 -47.41 25.11 43.59
N SER A 81 -47.75 25.06 44.87
CA SER A 81 -49.15 25.12 45.30
C SER A 81 -49.66 26.55 45.30
N ALA A 82 -49.48 27.24 44.17
CA ALA A 82 -50.03 28.57 43.98
C ALA A 82 -50.59 28.76 42.58
N VAL A 83 -50.59 27.73 41.74
CA VAL A 83 -51.11 27.84 40.38
C VAL A 83 -52.64 27.71 40.43
N ASP A 84 -53.30 28.15 39.37
CA ASP A 84 -54.76 28.13 39.32
C ASP A 84 -55.25 26.70 39.17
N SER A 85 -56.58 26.53 39.09
CA SER A 85 -57.13 25.17 39.14
C SER A 85 -57.11 24.48 37.78
N MET A 86 -57.19 25.23 36.66
CA MET A 86 -57.14 24.64 35.32
C MET A 86 -56.05 25.34 34.51
N THR A 87 -54.83 24.81 34.56
CA THR A 87 -53.67 25.44 33.94
C THR A 87 -52.65 24.39 33.53
N PHE A 88 -51.95 24.62 32.41
CA PHE A 88 -50.78 23.82 32.05
C PHE A 88 -49.69 24.80 31.62
N ILE A 89 -48.84 25.19 32.55
CA ILE A 89 -47.81 26.17 32.25
C ILE A 89 -46.60 25.44 31.70
N PHE A 90 -46.25 25.73 30.45
CA PHE A 90 -45.04 25.21 29.80
C PHE A 90 -44.10 26.38 29.57
N ASP A 91 -42.92 26.33 30.16
CA ASP A 91 -42.02 27.47 30.16
C ASP A 91 -40.75 27.06 29.41
N PHE A 92 -40.48 27.75 28.31
CA PHE A 92 -39.34 27.54 27.44
C PHE A 92 -38.31 28.64 27.75
N GLY A 93 -37.26 28.71 26.94
CA GLY A 93 -36.30 29.77 27.11
C GLY A 93 -35.03 29.57 26.31
N ALA A 94 -34.36 30.66 25.96
CA ALA A 94 -33.10 30.61 25.23
C ALA A 94 -32.36 31.91 25.50
N SER A 95 -31.09 31.94 25.15
CA SER A 95 -30.30 33.14 25.41
C SER A 95 -29.08 33.17 24.52
N THR A 96 -28.51 34.36 24.38
CA THR A 96 -27.26 34.57 23.68
C THR A 96 -26.53 35.71 24.38
N GLY A 97 -25.32 35.99 23.94
CA GLY A 97 -24.57 37.09 24.53
C GLY A 97 -23.11 37.03 24.16
N ILE A 98 -22.37 37.98 24.75
CA ILE A 98 -20.96 38.16 24.45
C ILE A 98 -20.22 38.35 25.78
N THR A 99 -18.92 38.04 25.75
CA THR A 99 -18.08 38.10 26.94
C THR A 99 -16.71 38.65 26.55
N TRP A 100 -16.19 39.57 27.37
CA TRP A 100 -14.88 40.16 27.16
C TRP A 100 -13.95 39.70 28.28
N TYR A 101 -12.82 39.11 27.89
CA TYR A 101 -11.77 38.67 28.79
C TYR A 101 -10.56 39.59 28.66
N ALA A 102 -9.98 39.97 29.80
CA ALA A 102 -8.78 40.78 29.85
C ALA A 102 -7.78 40.12 30.77
N GLU A 103 -6.50 40.44 30.54
CA GLU A 103 -5.38 39.76 31.18
C GLU A 103 -4.34 40.82 31.50
N ASN A 104 -3.10 40.39 31.77
CA ASN A 104 -2.01 41.31 32.07
C ASN A 104 -1.87 42.39 31.00
N GLY A 105 -1.85 41.99 29.73
CA GLY A 105 -1.76 42.96 28.66
C GLY A 105 -2.64 42.65 27.46
N LYS A 106 -3.31 41.51 27.47
CA LYS A 106 -4.03 41.03 26.30
C LYS A 106 -5.54 41.15 26.50
N LYS A 107 -6.25 41.11 25.38
CA LYS A 107 -7.70 41.21 25.38
C LYS A 107 -8.28 40.16 24.42
N ASP A 108 -9.50 39.73 24.70
CA ASP A 108 -10.20 38.78 23.84
C ASP A 108 -11.69 38.90 24.09
N ASN A 109 -12.47 38.43 23.12
CA ASN A 109 -13.92 38.42 23.26
C ASN A 109 -14.49 37.18 22.59
N ARG A 110 -15.51 36.60 23.22
CA ARG A 110 -16.14 35.39 22.72
C ARG A 110 -17.66 35.55 22.78
N LYS A 111 -18.34 34.77 21.95
CA LYS A 111 -19.79 34.79 21.86
C LYS A 111 -20.37 33.47 22.34
N MET A 112 -21.50 33.53 23.04
CA MET A 112 -22.20 32.35 23.52
C MET A 112 -23.60 32.33 22.94
N GLY A 113 -24.37 31.31 23.36
CA GLY A 113 -25.78 31.21 23.04
C GLY A 113 -26.25 29.78 23.09
N ASN A 114 -27.37 29.57 23.77
CA ASN A 114 -27.85 28.21 24.03
C ASN A 114 -29.24 28.28 24.63
N ILE A 115 -29.79 27.11 24.93
CA ILE A 115 -31.11 26.97 25.54
C ILE A 115 -30.94 26.84 27.04
N GLU A 116 -31.62 27.73 27.78
CA GLU A 116 -31.39 27.80 29.22
C GLU A 116 -32.03 26.65 29.97
N TYR A 117 -33.25 26.26 29.61
CA TYR A 117 -34.02 25.29 30.38
C TYR A 117 -35.33 24.97 29.66
N PHE A 118 -36.14 24.07 30.22
CA PHE A 118 -37.56 24.00 29.87
C PHE A 118 -38.29 23.16 30.91
N ALA A 119 -39.46 23.65 31.35
CA ALA A 119 -40.16 23.02 32.45
C ALA A 119 -41.68 23.10 32.23
N MET A 120 -42.42 22.33 33.03
CA MET A 120 -43.87 22.31 33.00
C MET A 120 -44.42 22.22 34.42
N LEU A 121 -45.64 22.75 34.60
CA LEU A 121 -46.30 22.83 35.91
C LEU A 121 -47.81 22.75 35.72
N PHE A 122 -48.45 21.83 36.45
CA PHE A 122 -49.88 21.58 36.33
C PHE A 122 -50.46 21.27 37.70
N PRO A 123 -51.76 21.51 37.91
CA PRO A 123 -52.39 21.14 39.19
C PRO A 123 -52.61 19.64 39.28
N ILE A 124 -52.90 19.18 40.51
CA ILE A 124 -53.14 17.76 40.76
C ILE A 124 -54.47 17.54 41.50
N SER A 125 -54.73 18.37 42.51
CA SER A 125 -55.94 18.28 43.32
C SER A 125 -56.35 19.69 43.71
N LYS A 126 -57.19 19.80 44.75
CA LYS A 126 -57.68 21.11 45.16
C LYS A 126 -56.55 22.05 45.58
N SER A 127 -55.45 21.50 46.10
CA SER A 127 -54.33 22.33 46.52
C SER A 127 -53.00 21.83 45.97
N ILE A 128 -52.87 20.52 45.76
CA ILE A 128 -51.59 19.93 45.38
C ILE A 128 -51.29 20.24 43.92
N ALA A 129 -50.02 20.52 43.62
CA ALA A 129 -49.56 20.76 42.26
C ALA A 129 -48.27 20.00 42.02
N MET A 130 -47.96 19.75 40.75
CA MET A 130 -46.75 19.05 40.36
C MET A 130 -46.06 19.79 39.21
N SER A 131 -44.76 19.54 39.09
CA SER A 131 -43.94 20.16 38.07
C SER A 131 -42.82 19.19 37.67
N ALA A 132 -42.27 19.45 36.50
CA ALA A 132 -41.15 18.67 35.99
C ALA A 132 -40.39 19.53 35.00
N GLY A 133 -39.28 19.02 34.49
CA GLY A 133 -38.53 19.70 33.46
C GLY A 133 -37.05 19.44 33.58
N VAL A 134 -36.29 20.16 32.75
CA VAL A 134 -34.85 20.03 32.68
C VAL A 134 -34.23 21.42 32.88
N LEU A 135 -33.27 21.50 33.81
CA LEU A 135 -32.50 22.67 34.17
C LEU A 135 -31.03 22.29 34.22
N PRO A 136 -30.13 23.24 33.99
CA PRO A 136 -28.69 22.94 34.12
C PRO A 136 -28.19 23.16 35.52
N TYR A 137 -27.41 22.20 36.02
CA TYR A 137 -26.79 22.40 37.32
C TYR A 137 -25.48 23.18 37.20
N SER A 138 -24.59 22.73 36.33
CA SER A 138 -23.35 23.47 36.11
C SER A 138 -22.80 23.18 34.72
N ALA A 139 -22.05 24.15 34.20
CA ALA A 139 -21.42 24.03 32.89
C ALA A 139 -19.98 24.51 32.99
N SER A 140 -19.14 24.01 32.10
CA SER A 140 -17.72 24.32 32.09
C SER A 140 -17.17 24.17 30.69
N GLY A 141 -16.29 25.09 30.31
CA GLY A 141 -15.67 25.06 29.00
C GLY A 141 -14.58 26.10 28.86
N TYR A 142 -13.52 25.76 28.14
CA TYR A 142 -12.42 26.68 27.89
C TYR A 142 -11.54 26.10 26.79
N GLN A 143 -10.77 27.00 26.16
CA GLN A 143 -9.82 26.62 25.13
C GLN A 143 -8.78 27.73 25.00
N PHE A 144 -7.51 27.39 25.13
CA PHE A 144 -6.46 28.38 24.95
C PHE A 144 -5.14 27.67 24.63
N GLY A 145 -4.08 28.45 24.50
CA GLY A 145 -2.78 27.93 24.15
C GLY A 145 -2.01 28.95 23.34
N SER A 146 -0.90 28.49 22.77
CA SER A 146 -0.03 29.39 22.01
C SER A 146 0.94 28.60 21.14
N VAL A 147 1.55 29.30 20.18
CA VAL A 147 2.58 28.73 19.32
C VAL A 147 3.93 29.33 19.69
N ASP A 148 4.95 28.46 19.79
CA ASP A 148 6.29 28.84 20.21
C ASP A 148 7.30 28.07 19.36
N GLN A 149 8.59 28.18 19.68
CA GLN A 149 9.67 27.51 18.96
C GLN A 149 10.22 26.35 19.78
N VAL A 150 10.48 25.22 19.12
CA VAL A 150 10.99 24.03 19.81
C VAL A 150 12.27 24.38 20.54
N GLU A 151 12.32 24.05 21.83
CA GLU A 151 13.46 24.42 22.66
C GLU A 151 14.76 23.84 22.12
N GLY A 152 15.77 24.69 21.99
CA GLY A 152 17.06 24.27 21.47
C GLY A 152 17.02 23.80 20.03
N GLY A 153 16.13 24.35 19.22
CA GLY A 153 15.95 23.91 17.84
C GLY A 153 15.53 25.05 16.94
N SER A 154 14.79 24.72 15.89
CA SER A 154 14.37 25.76 14.94
C SER A 154 12.89 25.76 14.60
N VAL A 155 12.25 24.59 14.47
CA VAL A 155 10.87 24.54 14.03
C VAL A 155 9.93 25.01 15.14
N GLN A 156 8.69 25.30 14.79
CA GLN A 156 7.70 25.82 15.72
C GLN A 156 6.73 24.71 16.15
N TYR A 157 6.09 24.91 17.30
CA TYR A 157 5.15 23.94 17.85
C TYR A 157 3.99 24.68 18.50
N THR A 158 2.82 24.03 18.54
CA THR A 158 1.62 24.60 19.13
C THR A 158 1.23 23.83 20.37
N ARG A 159 0.87 24.55 21.43
CA ARG A 159 0.33 23.96 22.65
C ARG A 159 -1.11 24.38 22.81
N LYS A 160 -2.00 23.41 23.05
CA LYS A 160 -3.42 23.67 23.20
C LYS A 160 -3.95 22.98 24.44
N TYR A 161 -4.66 23.73 25.28
CA TYR A 161 -5.38 23.19 26.42
C TYR A 161 -6.87 23.42 26.19
N LEU A 162 -7.64 22.33 26.26
CA LEU A 162 -9.07 22.36 26.03
C LEU A 162 -9.78 21.75 27.22
N GLY A 163 -11.04 22.13 27.39
CA GLY A 163 -11.85 21.50 28.41
C GLY A 163 -13.33 21.75 28.18
N THR A 164 -14.15 20.70 28.27
CA THR A 164 -15.58 20.88 28.24
C THR A 164 -16.19 20.07 29.37
N GLY A 165 -17.46 20.36 29.67
CA GLY A 165 -18.13 19.59 30.70
C GLY A 165 -19.48 20.17 31.06
N ASN A 166 -20.43 19.29 31.37
CA ASN A 166 -21.77 19.69 31.76
C ASN A 166 -22.31 18.70 32.78
N LEU A 167 -22.92 19.23 33.83
CA LEU A 167 -23.64 18.43 34.82
C LEU A 167 -25.08 18.94 34.82
N ASN A 168 -26.00 18.11 34.32
CA ASN A 168 -27.37 18.53 34.09
C ASN A 168 -28.23 18.18 35.31
N ASP A 169 -29.55 18.34 35.16
CA ASP A 169 -30.47 18.17 36.28
C ASP A 169 -31.85 17.88 35.73
N LEU A 170 -32.35 16.66 35.93
CA LEU A 170 -33.70 16.27 35.54
C LEU A 170 -34.51 16.09 36.82
N TYR A 171 -35.47 16.97 37.06
CA TYR A 171 -36.13 17.06 38.35
C TYR A 171 -37.63 16.83 38.23
N VAL A 172 -38.21 16.26 39.28
CA VAL A 172 -39.65 16.16 39.45
C VAL A 172 -39.98 16.65 40.86
N GLY A 173 -40.94 17.58 40.96
CA GLY A 173 -41.26 18.19 42.23
C GLY A 173 -42.74 18.09 42.55
N ILE A 174 -43.04 18.32 43.82
CA ILE A 174 -44.43 18.33 44.29
C ILE A 174 -44.56 19.30 45.45
N GLY A 175 -45.61 20.11 45.41
CA GLY A 175 -45.87 21.07 46.47
C GLY A 175 -47.31 21.01 46.92
N ALA A 176 -47.52 21.43 48.17
CA ALA A 176 -48.86 21.38 48.76
C ALA A 176 -48.95 22.41 49.88
N THR A 177 -50.19 22.72 50.27
CA THR A 177 -50.47 23.67 51.35
C THR A 177 -51.50 23.07 52.30
N PRO A 178 -51.09 22.10 53.14
CA PRO A 178 -52.03 21.47 54.08
C PRO A 178 -52.60 22.44 55.09
N PHE A 179 -51.74 23.11 55.84
CA PHE A 179 -52.18 24.10 56.82
C PHE A 179 -52.39 25.45 56.14
N LYS A 180 -53.36 26.21 56.64
CA LYS A 180 -53.67 27.50 56.04
C LYS A 180 -52.48 28.45 56.15
N ASN A 181 -52.25 29.20 55.08
CA ASN A 181 -51.15 30.19 55.01
C ASN A 181 -49.78 29.54 55.21
N PHE A 182 -49.65 28.28 54.83
CA PHE A 182 -48.40 27.54 55.03
C PHE A 182 -48.30 26.45 53.98
N SER A 183 -47.13 26.33 53.34
CA SER A 183 -46.98 25.37 52.25
C SER A 183 -45.59 24.75 52.30
N ILE A 184 -45.50 23.51 51.81
CA ILE A 184 -44.25 22.76 51.73
C ILE A 184 -44.11 22.20 50.32
N GLY A 185 -42.87 21.79 50.01
CA GLY A 185 -42.59 21.25 48.70
C GLY A 185 -41.30 20.44 48.71
N ALA A 186 -41.21 19.49 47.80
CA ALA A 186 -40.06 18.60 47.69
C ALA A 186 -39.73 18.34 46.23
N ASN A 187 -38.44 18.42 45.91
CA ASN A 187 -37.92 18.14 44.57
C ASN A 187 -36.98 16.94 44.64
N ALA A 188 -37.18 15.98 43.73
CA ALA A 188 -36.28 14.86 43.55
C ALA A 188 -35.62 15.01 42.19
N SER A 189 -34.29 15.01 42.17
CA SER A 189 -33.52 15.34 40.98
C SER A 189 -32.55 14.22 40.65
N PHE A 190 -32.41 13.93 39.37
CA PHE A 190 -31.41 13.02 38.84
C PHE A 190 -30.34 13.85 38.17
N LEU A 191 -29.10 13.71 38.65
CA LEU A 191 -27.95 14.47 38.14
C LEU A 191 -27.06 13.52 37.36
N PHE A 192 -26.84 13.83 36.09
CA PHE A 192 -25.90 13.12 35.25
C PHE A 192 -25.00 14.15 34.57
N GLY A 193 -23.72 13.81 34.43
CA GLY A 193 -22.80 14.77 33.86
C GLY A 193 -21.50 14.16 33.42
N ARG A 194 -20.78 14.90 32.59
CA ARG A 194 -19.49 14.48 32.07
C ARG A 194 -18.57 15.68 31.96
N PHE A 195 -17.31 15.50 32.34
CA PHE A 195 -16.30 16.55 32.27
C PHE A 195 -15.04 15.97 31.66
N THR A 196 -14.49 16.63 30.64
CA THR A 196 -13.24 16.20 30.07
C THR A 196 -12.28 17.38 29.96
N HIS A 197 -11.01 17.09 30.28
CA HIS A 197 -9.92 18.06 30.21
C HIS A 197 -8.81 17.46 29.36
N SER A 198 -8.38 18.19 28.34
CA SER A 198 -7.39 17.69 27.39
C SER A 198 -6.27 18.70 27.22
N ARG A 199 -5.07 18.18 26.94
CA ARG A 199 -3.91 19.03 26.71
C ARG A 199 -3.01 18.34 25.69
N GLN A 200 -2.51 19.12 24.74
CA GLN A 200 -1.86 18.52 23.59
C GLN A 200 -0.83 19.48 22.99
N VAL A 201 0.09 18.91 22.22
CA VAL A 201 1.07 19.66 21.45
C VAL A 201 1.02 19.16 20.02
N ILE A 202 1.10 20.10 19.08
CA ILE A 202 1.08 19.81 17.64
C ILE A 202 2.41 20.25 17.07
N PHE A 203 3.14 19.30 16.49
CA PHE A 203 4.43 19.54 15.87
C PHE A 203 4.22 19.97 14.43
N SER A 204 5.25 20.59 13.84
CA SER A 204 5.17 21.04 12.45
C SER A 204 6.29 20.37 11.65
N THR A 205 6.06 19.14 11.23
CA THR A 205 7.05 18.34 10.52
C THR A 205 6.36 17.61 9.37
N GLU A 206 7.08 16.65 8.77
CA GLU A 206 6.54 15.91 7.64
C GLU A 206 5.44 14.95 8.07
N ALA A 207 5.66 14.19 9.14
CA ALA A 207 4.67 13.22 9.60
C ALA A 207 4.89 12.88 11.07
N PRO A 208 4.43 13.72 11.99
CA PRO A 208 4.65 13.48 13.42
C PRO A 208 3.52 12.69 14.05
N TYR A 209 3.73 12.34 15.32
CA TYR A 209 2.73 11.69 16.17
C TYR A 209 2.38 12.68 17.29
N ASN A 210 1.37 13.51 17.04
CA ASN A 210 0.97 14.51 18.01
C ASN A 210 0.37 13.84 19.24
N PRO A 211 0.89 14.10 20.43
CA PRO A 211 0.32 13.50 21.65
C PRO A 211 -0.86 14.30 22.18
N VAL A 212 -1.77 13.59 22.84
CA VAL A 212 -2.95 14.18 23.47
C VAL A 212 -3.15 13.49 24.81
N HIS A 213 -3.02 14.23 25.91
CA HIS A 213 -3.30 13.70 27.23
C HIS A 213 -4.69 14.15 27.65
N LEU A 214 -5.55 13.18 27.97
CA LEU A 214 -6.97 13.43 28.15
C LEU A 214 -7.45 12.83 29.46
N SER A 215 -8.43 13.49 30.07
CA SER A 215 -9.01 13.02 31.33
C SER A 215 -10.52 13.17 31.25
N THR A 216 -11.24 12.05 31.40
CA THR A 216 -12.70 12.01 31.33
C THR A 216 -13.25 11.64 32.70
N LEU A 217 -14.40 12.22 33.04
CA LEU A 217 -15.06 11.97 34.31
C LEU A 217 -16.56 11.91 34.10
N TYR A 218 -17.17 10.79 34.48
CA TYR A 218 -18.62 10.61 34.46
C TYR A 218 -19.15 10.67 35.89
N LEU A 219 -20.28 11.36 36.06
CA LEU A 219 -20.88 11.57 37.38
C LEU A 219 -22.37 11.29 37.32
N LYS A 220 -22.86 10.52 38.30
CA LYS A 220 -24.29 10.31 38.51
C LYS A 220 -24.61 10.48 39.98
N ALA A 221 -25.84 10.93 40.24
CA ALA A 221 -26.25 11.19 41.62
C ALA A 221 -27.77 11.21 41.72
N ALA A 222 -28.27 11.60 42.88
CA ALA A 222 -29.70 11.81 43.11
C ALA A 222 -29.84 12.82 44.24
N LYS A 223 -30.31 14.02 43.90
CA LYS A 223 -30.40 15.12 44.84
C LYS A 223 -31.84 15.32 45.30
N PHE A 224 -31.99 15.88 46.50
CA PHE A 224 -33.30 16.21 47.05
C PHE A 224 -33.29 17.62 47.60
N ASP A 225 -34.38 18.34 47.36
CA ASP A 225 -34.56 19.69 47.89
C ASP A 225 -35.86 19.76 48.66
N PHE A 226 -35.84 20.42 49.82
CA PHE A 226 -37.04 20.58 50.64
C PHE A 226 -37.25 22.06 50.93
N GLY A 227 -38.45 22.55 50.67
CA GLY A 227 -38.75 23.95 50.83
C GLY A 227 -40.05 24.19 51.58
N MET A 228 -40.08 25.29 52.32
CA MET A 228 -41.26 25.73 53.05
C MET A 228 -41.50 27.21 52.80
N GLN A 229 -42.78 27.60 52.84
CA GLN A 229 -43.16 28.99 52.61
C GLN A 229 -44.35 29.34 53.48
N TYR A 230 -44.35 30.60 53.95
CA TYR A 230 -45.46 31.16 54.71
C TYR A 230 -45.91 32.43 53.98
N HIS A 231 -47.21 32.49 53.65
CA HIS A 231 -47.76 33.60 52.88
C HIS A 231 -48.89 34.24 53.69
N LEU A 232 -48.58 35.36 54.34
CA LEU A 232 -49.58 36.02 55.17
C LEU A 232 -50.20 37.15 54.36
N PRO A 233 -51.53 37.16 54.15
CA PRO A 233 -52.18 38.29 53.50
C PRO A 233 -52.33 39.44 54.49
N LEU A 234 -51.70 40.57 54.19
CA LEU A 234 -51.76 41.73 55.07
C LEU A 234 -53.04 42.52 54.81
N LYS A 235 -53.09 43.74 55.34
CA LYS A 235 -54.27 44.58 55.19
C LYS A 235 -54.49 44.93 53.73
N SER A 236 -55.76 45.11 53.37
CA SER A 236 -56.19 45.42 52.00
C SER A 236 -55.68 44.38 51.01
N ASP A 237 -54.60 44.72 50.29
CA ASP A 237 -54.05 43.86 49.26
C ASP A 237 -52.61 43.45 49.50
N ARG A 238 -51.96 44.00 50.53
CA ARG A 238 -50.56 43.70 50.78
C ARG A 238 -50.41 42.24 51.20
N SER A 239 -49.26 41.66 50.84
CA SER A 239 -48.97 40.28 51.18
C SER A 239 -47.49 40.14 51.51
N LEU A 240 -47.20 39.28 52.49
CA LEU A 240 -45.83 38.99 52.88
C LEU A 240 -45.56 37.50 52.66
N VAL A 241 -44.41 37.18 52.08
CA VAL A 241 -44.01 35.79 51.87
C VAL A 241 -42.62 35.60 52.47
N ILE A 242 -42.48 34.56 53.29
CA ILE A 242 -41.20 34.20 53.88
C ILE A 242 -40.94 32.73 53.55
N GLY A 243 -39.80 32.45 52.95
CA GLY A 243 -39.51 31.10 52.48
C GLY A 243 -38.12 30.64 52.88
N ALA A 244 -38.01 29.33 53.09
CA ALA A 244 -36.75 28.67 53.39
C ALA A 244 -36.61 27.43 52.53
N VAL A 245 -35.38 27.11 52.16
CA VAL A 245 -35.09 25.95 51.33
C VAL A 245 -33.80 25.30 51.83
N TYR A 246 -33.78 23.97 51.84
CA TYR A 246 -32.64 23.20 52.32
C TYR A 246 -32.32 22.08 51.33
N SER A 247 -31.02 21.84 51.14
CA SER A 247 -30.52 20.81 50.23
C SER A 247 -29.47 19.99 50.96
N PRO A 248 -29.74 18.70 51.23
CA PRO A 248 -28.76 17.88 51.95
C PRO A 248 -27.54 17.57 51.10
N ARG A 249 -26.47 17.15 51.80
CA ARG A 249 -25.25 16.73 51.15
C ARG A 249 -25.48 15.50 50.29
N VAL A 250 -24.83 15.46 49.13
CA VAL A 250 -25.01 14.39 48.15
C VAL A 250 -23.65 13.75 47.86
N LYS A 251 -23.60 12.42 47.87
CA LYS A 251 -22.43 11.68 47.44
C LYS A 251 -22.67 11.14 46.03
N MET A 252 -21.71 11.33 45.14
CA MET A 252 -21.93 11.09 43.72
C MET A 252 -21.11 9.89 43.24
N HIS A 253 -21.76 8.99 42.52
CA HIS A 253 -21.04 7.91 41.85
C HIS A 253 -20.23 8.48 40.70
N SER A 254 -18.96 8.08 40.62
CA SER A 254 -18.02 8.69 39.68
C SER A 254 -17.17 7.63 39.00
N GLU A 255 -16.82 7.91 37.75
CA GLU A 255 -15.91 7.07 36.96
C GLU A 255 -14.93 7.99 36.26
N LEU A 256 -13.65 7.90 36.61
CA LEU A 256 -12.60 8.73 36.03
C LEU A 256 -11.65 7.86 35.21
N THR A 257 -11.30 8.35 34.03
CA THR A 257 -10.40 7.67 33.12
C THR A 257 -9.35 8.66 32.64
N GLN A 258 -8.10 8.21 32.54
CA GLN A 258 -7.02 9.04 32.03
C GLN A 258 -6.37 8.34 30.85
N ILE A 259 -6.38 9.00 29.69
CA ILE A 259 -5.96 8.41 28.43
C ILE A 259 -4.77 9.21 27.90
N LYS A 260 -3.91 8.52 27.14
CA LYS A 260 -2.70 9.11 26.55
C LYS A 260 -2.65 8.66 25.08
N ASN A 261 -3.22 9.48 24.21
CA ASN A 261 -3.36 9.12 22.79
C ASN A 261 -2.24 9.74 21.96
N GLN A 262 -2.00 9.11 20.81
CA GLN A 262 -1.15 9.65 19.76
C GLN A 262 -1.97 9.70 18.48
N VAL A 263 -1.91 10.82 17.77
CA VAL A 263 -2.66 10.99 16.53
C VAL A 263 -1.70 11.37 15.42
N GLN A 264 -2.03 10.97 14.20
CA GLN A 264 -1.32 11.43 13.02
C GLN A 264 -2.23 12.27 12.11
N ASN A 265 -3.32 11.69 11.63
CA ASN A 265 -4.44 12.43 11.07
C ASN A 265 -5.72 12.15 11.83
N GLY A 266 -6.06 10.87 12.00
CA GLY A 266 -6.98 10.42 13.03
C GLY A 266 -6.19 9.66 14.09
N VAL A 267 -6.92 9.26 15.13
CA VAL A 267 -6.28 8.56 16.24
C VAL A 267 -5.68 7.25 15.75
N VAL A 268 -4.45 6.97 16.20
CA VAL A 268 -3.71 5.77 15.81
C VAL A 268 -3.40 4.98 17.07
N VAL A 269 -2.59 3.91 16.91
CA VAL A 269 -2.28 2.95 17.96
C VAL A 269 -1.60 3.66 19.12
N GLU A 270 -1.48 2.98 20.26
CA GLU A 270 -1.10 3.56 21.55
C GLU A 270 -2.15 4.59 22.00
N SER A 271 -3.34 4.06 22.27
CA SER A 271 -4.39 4.75 23.00
C SER A 271 -4.39 4.33 24.46
N GLU A 272 -3.19 4.13 25.02
CA GLU A 272 -3.01 3.56 26.34
C GLU A 272 -3.74 4.37 27.40
N THR A 273 -4.47 3.66 28.26
CA THR A 273 -5.18 4.26 29.39
C THR A 273 -4.25 4.27 30.59
N GLN A 274 -4.03 5.45 31.16
CA GLN A 274 -3.02 5.54 32.20
C GLN A 274 -3.57 5.04 33.53
N GLU A 275 -4.82 5.35 33.82
CA GLU A 275 -5.47 4.87 35.03
C GLU A 275 -6.99 4.97 34.87
N TYR A 276 -7.69 4.23 35.72
CA TYR A 276 -9.14 4.17 35.72
C TYR A 276 -9.61 3.95 37.15
N ILE A 277 -10.37 4.89 37.70
CA ILE A 277 -10.84 4.83 39.07
C ILE A 277 -12.36 4.96 39.09
N LYS A 278 -13.04 4.01 39.72
CA LYS A 278 -14.48 3.96 39.74
C LYS A 278 -14.98 3.80 41.18
N GLY A 279 -16.05 4.49 41.51
CA GLY A 279 -16.71 4.25 42.78
C GLY A 279 -17.48 5.46 43.25
N MET A 280 -18.03 5.32 44.43
CA MET A 280 -18.67 6.41 45.15
C MET A 280 -17.63 7.14 45.99
N ASP A 281 -18.10 7.90 46.99
CA ASP A 281 -17.37 8.58 48.08
C ASP A 281 -16.16 9.39 47.59
N TYR A 282 -16.10 9.73 46.31
CA TYR A 282 -15.01 10.55 45.81
C TYR A 282 -15.41 11.97 45.49
N TYR A 283 -16.68 12.22 45.20
CA TYR A 283 -17.17 13.55 44.87
C TYR A 283 -18.46 13.80 45.64
N THR A 284 -18.57 15.01 46.20
CA THR A 284 -19.70 15.38 47.05
C THR A 284 -20.22 16.75 46.68
N LEU A 285 -21.49 16.97 46.98
CA LEU A 285 -22.17 18.24 46.88
C LEU A 285 -22.60 18.68 48.28
N PRO A 286 -22.37 19.93 48.65
CA PRO A 286 -22.52 20.35 50.04
C PRO A 286 -23.97 20.63 50.42
N HIS A 287 -24.18 20.81 51.72
CA HIS A 287 -25.45 21.31 52.21
C HIS A 287 -25.68 22.73 51.72
N THR A 288 -26.93 23.06 51.43
CA THR A 288 -27.28 24.38 50.92
C THR A 288 -28.48 24.90 51.68
N LEU A 289 -28.42 26.15 52.13
CA LEU A 289 -29.51 26.81 52.82
C LEU A 289 -29.89 28.09 52.09
N GLY A 290 -31.19 28.38 52.04
CA GLY A 290 -31.64 29.59 51.39
C GLY A 290 -32.82 30.23 52.09
N ILE A 291 -32.71 31.53 52.36
CA ILE A 291 -33.74 32.29 53.06
C ILE A 291 -34.17 33.44 52.17
N GLY A 292 -35.48 33.57 51.96
CA GLY A 292 -35.99 34.62 51.09
C GLY A 292 -37.21 35.29 51.69
N PHE A 293 -37.35 36.58 51.40
CA PHE A 293 -38.51 37.34 51.82
C PHE A 293 -39.02 38.19 50.65
N SER A 294 -40.33 38.43 50.65
CA SER A 294 -40.98 39.14 49.56
C SER A 294 -42.19 39.91 50.08
N TYR A 295 -42.35 41.13 49.58
CA TYR A 295 -43.49 42.00 49.88
C TYR A 295 -44.20 42.30 48.56
N GLU A 296 -45.51 42.02 48.51
CA GLU A 296 -46.26 42.09 47.26
C GLU A 296 -47.52 42.92 47.47
N LYS A 297 -47.58 44.07 46.80
CA LYS A 297 -48.81 44.84 46.65
C LYS A 297 -49.43 44.42 45.31
N LYS A 298 -50.64 43.85 45.36
CA LYS A 298 -51.15 43.09 44.23
C LYS A 298 -51.28 43.99 43.01
N ASP A 299 -50.82 43.48 41.87
CA ASP A 299 -50.93 44.15 40.57
C ASP A 299 -50.33 45.56 40.56
N LYS A 300 -49.54 45.90 41.57
CA LYS A 300 -48.93 47.23 41.61
C LYS A 300 -47.43 47.19 41.86
N LEU A 301 -46.94 46.31 42.72
CA LEU A 301 -45.54 46.37 43.12
C LEU A 301 -45.13 45.04 43.75
N LEU A 302 -43.90 44.64 43.50
CA LEU A 302 -43.33 43.44 44.13
C LEU A 302 -41.88 43.72 44.45
N LEU A 303 -41.49 43.46 45.70
CA LEU A 303 -40.10 43.57 46.13
C LEU A 303 -39.69 42.26 46.79
N GLY A 304 -38.43 41.89 46.62
CA GLY A 304 -37.97 40.65 47.24
C GLY A 304 -36.47 40.64 47.37
N ALA A 305 -35.99 39.87 48.34
CA ALA A 305 -34.57 39.61 48.47
C ALA A 305 -34.36 38.23 49.07
N ASP A 306 -33.15 37.71 48.91
CA ASP A 306 -32.85 36.38 49.39
C ASP A 306 -31.34 36.20 49.53
N VAL A 307 -30.98 35.31 50.44
CA VAL A 307 -29.59 34.98 50.74
C VAL A 307 -29.45 33.45 50.68
N GLN A 308 -28.38 33.00 50.03
CA GLN A 308 -28.11 31.57 49.87
C GLN A 308 -26.70 31.28 50.35
N TYR A 309 -26.57 30.23 51.14
CA TYR A 309 -25.30 29.83 51.74
C TYR A 309 -25.03 28.38 51.37
N SER A 310 -23.81 28.12 50.88
CA SER A 310 -23.39 26.78 50.48
C SER A 310 -22.12 26.41 51.23
N LYS A 311 -22.14 25.25 51.88
CA LYS A 311 -21.06 24.81 52.76
C LYS A 311 -20.01 24.02 51.97
N TRP A 312 -19.43 24.68 50.98
CA TRP A 312 -18.45 24.02 50.11
C TRP A 312 -17.14 23.72 50.81
N LYS A 313 -16.90 24.27 51.99
CA LYS A 313 -15.64 24.03 52.70
C LYS A 313 -15.57 22.59 53.18
N GLY A 314 -14.47 21.93 52.88
CA GLY A 314 -14.23 20.57 53.36
C GLY A 314 -14.85 19.47 52.56
N GLU A 315 -15.46 19.77 51.42
CA GLU A 315 -16.04 18.73 50.58
C GLU A 315 -14.99 18.07 49.71
N LYS A 316 -15.14 16.77 49.50
CA LYS A 316 -14.14 16.00 48.78
C LYS A 316 -14.19 16.27 47.28
N PHE A 317 -13.03 16.20 46.65
CA PHE A 317 -12.91 16.25 45.19
C PHE A 317 -11.57 15.63 44.83
N TYR A 318 -11.59 14.50 44.12
CA TYR A 318 -10.38 13.75 43.87
C TYR A 318 -9.45 14.51 42.92
N LYS A 319 -8.19 14.63 43.32
CA LYS A 319 -7.15 15.33 42.56
C LYS A 319 -7.57 16.76 42.21
N SER A 320 -8.27 17.41 43.14
CA SER A 320 -8.59 18.81 42.97
C SER A 320 -7.34 19.66 43.10
N ASP A 321 -7.23 20.68 42.23
CA ASP A 321 -6.09 21.57 42.22
C ASP A 321 -6.42 22.93 42.81
N CYS A 322 -7.35 22.96 43.77
CA CYS A 322 -7.81 24.21 44.35
C CYS A 322 -8.32 23.93 45.76
N LYS A 323 -8.50 25.00 46.53
CA LYS A 323 -9.04 24.93 47.88
C LYS A 323 -10.43 25.55 47.90
N PHE A 324 -11.40 24.81 48.41
CA PHE A 324 -12.78 25.28 48.42
C PHE A 324 -13.00 26.27 49.56
N GLN A 325 -14.08 27.05 49.43
CA GLN A 325 -14.50 27.97 50.47
C GLN A 325 -16.02 28.07 50.42
N ASP A 326 -16.61 28.47 51.54
CA ASP A 326 -18.06 28.58 51.64
C ASP A 326 -18.56 29.67 50.69
N ARG A 327 -19.64 29.36 49.96
CA ARG A 327 -20.15 30.24 48.93
C ARG A 327 -21.36 31.01 49.44
N ILE A 328 -21.35 32.32 49.23
CA ILE A 328 -22.43 33.20 49.65
C ILE A 328 -22.98 33.91 48.43
N ARG A 329 -24.30 33.88 48.27
CA ARG A 329 -25.01 34.52 47.17
C ARG A 329 -26.10 35.41 47.74
N VAL A 330 -26.15 36.66 47.29
CA VAL A 330 -27.12 37.64 47.76
C VAL A 330 -27.84 38.21 46.54
N SER A 331 -29.17 38.16 46.54
CA SER A 331 -29.94 38.68 45.42
C SER A 331 -31.08 39.55 45.93
N LEU A 332 -31.42 40.57 45.16
CA LEU A 332 -32.55 41.42 45.51
C LEU A 332 -33.12 42.03 44.24
N GLY A 333 -34.44 42.04 44.13
CA GLY A 333 -35.06 42.54 42.92
C GLY A 333 -36.48 43.00 43.15
N GLY A 334 -37.08 43.49 42.07
CA GLY A 334 -38.45 43.99 42.13
C GLY A 334 -39.12 44.01 40.78
N GLU A 335 -40.44 44.11 40.82
CA GLU A 335 -41.28 44.19 39.64
C GLU A 335 -42.28 45.33 39.82
N ILE A 336 -42.34 46.20 38.82
CA ILE A 336 -43.26 47.33 38.81
C ILE A 336 -44.01 47.31 37.48
N MET A 337 -45.33 47.43 37.54
CA MET A 337 -46.14 47.58 36.34
C MET A 337 -47.23 48.62 36.58
N PRO A 338 -47.22 49.73 35.83
CA PRO A 338 -48.24 50.76 36.03
C PRO A 338 -49.54 50.41 35.33
N ASP A 339 -50.56 51.22 35.61
CA ASP A 339 -51.86 51.02 35.00
C ASP A 339 -52.12 52.05 33.90
N PRO A 347 -47.83 50.50 28.64
CA PRO A 347 -49.13 49.83 28.71
C PRO A 347 -49.22 48.85 29.88
N LYS A 348 -49.57 47.61 29.57
CA LYS A 348 -49.68 46.56 30.58
C LYS A 348 -48.39 45.78 30.76
N VAL A 349 -47.31 46.19 30.08
CA VAL A 349 -46.05 45.45 30.14
C VAL A 349 -45.46 45.55 31.54
N ARG A 350 -45.16 44.40 32.13
CA ARG A 350 -44.54 44.35 33.45
C ARG A 350 -43.05 44.60 33.34
N TYR A 351 -42.51 45.38 34.26
CA TYR A 351 -41.09 45.71 34.28
C TYR A 351 -40.44 45.03 35.48
N ARG A 352 -39.26 44.43 35.25
CA ARG A 352 -38.54 43.72 36.30
C ARG A 352 -37.10 44.22 36.34
N PHE A 353 -36.57 44.38 37.55
CA PHE A 353 -35.18 44.76 37.73
C PHE A 353 -34.59 43.96 38.89
N GLY A 354 -33.27 43.82 38.88
CA GLY A 354 -32.62 43.09 39.95
C GLY A 354 -31.12 43.24 40.01
N LEU A 355 -30.56 43.09 41.21
CA LEU A 355 -29.12 43.12 41.46
C LEU A 355 -28.73 41.87 42.23
N HIS A 356 -27.62 41.26 41.81
CA HIS A 356 -27.13 40.06 42.48
C HIS A 356 -25.63 40.15 42.65
N GLY A 357 -25.14 39.50 43.71
CA GLY A 357 -23.72 39.39 43.95
C GLY A 357 -23.43 38.07 44.62
N GLU A 358 -22.18 37.63 44.49
CA GLU A 358 -21.79 36.37 45.10
C GLU A 358 -20.28 36.31 45.21
N ASN A 359 -19.81 35.44 46.10
CA ASN A 359 -18.39 35.13 46.17
C ASN A 359 -18.11 33.77 45.53
N SER A 360 -16.86 33.60 45.10
CA SER A 360 -16.47 32.33 44.49
C SER A 360 -16.46 31.22 45.54
N TYR A 361 -16.66 30.00 45.07
CA TYR A 361 -16.68 28.83 45.94
C TYR A 361 -15.37 28.05 45.89
N LEU A 362 -14.31 28.63 45.34
CA LEU A 362 -13.04 27.94 45.26
C LEU A 362 -11.91 28.95 45.14
N LYS A 363 -10.71 28.50 45.49
CA LYS A 363 -9.49 29.32 45.44
C LYS A 363 -8.56 28.74 44.39
N VAL A 364 -8.45 29.43 43.26
CA VAL A 364 -7.55 28.99 42.18
C VAL A 364 -6.12 29.36 42.54
N PRO A 365 -5.11 28.62 42.05
CA PRO A 365 -3.71 28.94 42.39
C PRO A 365 -3.17 30.08 41.52
N THR A 366 -2.91 31.23 42.16
CA THR A 366 -2.37 32.34 41.40
C THR A 366 -0.92 32.07 41.05
N LYS A 367 -0.47 32.64 39.93
CA LYS A 367 0.89 32.42 39.46
C LYS A 367 1.90 32.95 40.48
N GLY A 368 2.78 32.06 40.94
CA GLY A 368 3.79 32.44 41.91
C GLY A 368 3.21 33.07 43.16
N GLY A 369 2.23 32.40 43.76
CA GLY A 369 1.55 32.93 44.93
C GLY A 369 0.75 31.88 45.67
N VAL A 370 -0.36 32.30 46.28
CA VAL A 370 -1.17 31.42 47.11
C VAL A 370 -2.57 31.33 46.48
N TYR A 371 -3.32 30.31 46.88
CA TYR A 371 -4.67 30.12 46.38
C TYR A 371 -5.54 31.34 46.72
N GLN A 372 -6.18 31.94 45.70
CA GLN A 372 -6.97 33.15 45.86
C GLN A 372 -8.33 32.99 45.16
N GLY A 373 -9.30 33.81 45.59
CA GLY A 373 -10.65 33.75 45.08
C GLY A 373 -11.06 34.97 44.28
N TYR A 374 -12.36 35.13 44.08
CA TYR A 374 -12.90 36.24 43.30
C TYR A 374 -14.37 36.43 43.64
N HIS A 375 -14.92 37.57 43.20
CA HIS A 375 -16.32 37.92 43.40
C HIS A 375 -17.01 38.12 42.06
N ILE A 376 -18.33 38.05 42.06
CA ILE A 376 -19.14 38.30 40.86
C ILE A 376 -20.28 39.23 41.23
N VAL A 377 -20.50 40.26 40.42
CA VAL A 377 -21.65 41.16 40.60
C VAL A 377 -22.40 41.25 39.28
N GLY A 378 -23.68 41.61 39.37
CA GLY A 378 -24.50 41.71 38.17
C GLY A 378 -25.82 42.42 38.31
N ALA A 379 -26.30 42.99 37.19
CA ALA A 379 -27.55 43.74 37.13
C ALA A 379 -28.39 43.20 35.98
N VAL A 380 -29.69 43.01 36.22
CA VAL A 380 -30.61 42.45 35.25
C VAL A 380 -31.81 43.38 35.12
N PHE A 381 -32.29 43.57 33.90
CA PHE A 381 -33.52 44.32 33.64
C PHE A 381 -34.30 43.64 32.53
N GLY A 382 -35.60 43.47 32.72
CA GLY A 382 -36.40 42.75 31.74
C GLY A 382 -37.85 43.21 31.69
N ILE A 383 -38.54 42.75 30.65
CA ILE A 383 -39.95 43.04 30.43
C ILE A 383 -40.71 41.74 30.20
N GLY A 384 -42.01 41.81 30.50
CA GLY A 384 -42.88 40.64 30.61
C GLY A 384 -44.17 40.72 29.81
N ILE A 385 -44.08 41.21 28.57
CA ILE A 385 -45.20 41.45 27.67
C ILE A 385 -46.28 40.37 27.74
N PRO A 386 -47.53 40.72 28.05
CA PRO A 386 -48.62 39.75 27.98
C PRO A 386 -49.04 39.53 26.54
N LEU A 387 -49.91 38.55 26.36
CA LEU A 387 -50.40 38.18 25.05
C LEU A 387 -51.92 38.26 25.02
N ASN A 388 -52.49 37.84 23.91
CA ASN A 388 -53.87 38.17 23.66
C ASN A 388 -54.84 37.32 24.48
N ASP A 389 -54.53 36.05 24.65
CA ASP A 389 -55.41 35.17 25.40
C ASP A 389 -55.37 35.41 26.91
N ARG A 390 -54.73 36.49 27.36
CA ARG A 390 -54.69 36.94 28.76
C ARG A 390 -54.08 35.89 29.70
N ARG A 391 -53.36 34.91 29.17
CA ARG A 391 -52.78 33.85 29.98
C ARG A 391 -51.31 33.63 29.70
N SER A 392 -50.87 33.77 28.45
CA SER A 392 -49.49 33.52 28.06
C SER A 392 -48.63 34.76 28.32
N PHE A 393 -47.31 34.58 28.15
CA PHE A 393 -46.35 35.64 28.42
C PHE A 393 -45.12 35.47 27.53
N VAL A 394 -44.55 36.59 27.12
CA VAL A 394 -43.28 36.64 26.41
C VAL A 394 -42.35 37.55 27.19
N ASN A 395 -41.24 37.01 27.66
CA ASN A 395 -40.31 37.74 28.53
C ASN A 395 -39.00 37.95 27.80
N VAL A 396 -38.46 39.17 27.90
CA VAL A 396 -37.17 39.51 27.31
C VAL A 396 -36.35 40.24 28.37
N SER A 397 -35.14 39.76 28.62
CA SER A 397 -34.29 40.32 29.67
C SER A 397 -32.88 40.58 29.16
N LEU A 398 -32.23 41.58 29.76
CA LEU A 398 -30.86 41.95 29.46
C LEU A 398 -30.08 42.01 30.76
N GLU A 399 -28.91 41.37 30.77
CA GLU A 399 -28.11 41.22 31.97
C GLU A 399 -26.67 41.64 31.69
N TYR A 400 -26.07 42.34 32.65
CA TYR A 400 -24.66 42.68 32.61
C TYR A 400 -24.01 42.24 33.90
N ASP A 401 -22.94 41.46 33.81
CA ASP A 401 -22.23 41.04 35.01
C ASP A 401 -20.73 41.19 34.84
N ARG A 402 -20.05 41.37 35.98
CA ARG A 402 -18.61 41.57 36.03
C ARG A 402 -18.01 40.65 37.08
N LEU A 403 -16.86 40.05 36.73
CA LEU A 403 -16.07 39.25 37.64
C LEU A 403 -14.92 40.09 38.16
N ILE A 404 -14.81 40.19 39.48
CA ILE A 404 -13.79 40.98 40.15
C ILE A 404 -12.79 40.02 40.78
N PRO A 405 -11.60 39.87 40.21
CA PRO A 405 -10.58 39.03 40.84
C PRO A 405 -9.82 39.81 41.91
N LYS A 406 -8.78 39.20 42.48
CA LYS A 406 -7.97 39.91 43.46
C LYS A 406 -6.96 40.82 42.78
N GLU A 407 -6.02 40.23 42.04
CA GLU A 407 -4.98 41.00 41.35
C GLU A 407 -4.24 40.07 40.40
N GLY A 408 -3.97 40.58 39.19
CA GLY A 408 -3.16 39.84 38.22
C GLY A 408 -3.79 38.59 37.68
N MET A 409 -5.11 38.57 37.51
CA MET A 409 -5.83 37.41 37.04
C MET A 409 -6.74 37.82 35.89
N ILE A 410 -7.52 36.86 35.39
CA ILE A 410 -8.42 37.13 34.27
C ILE A 410 -9.57 38.00 34.76
N LYS A 411 -9.87 39.05 34.01
CA LYS A 411 -11.02 39.92 34.30
C LYS A 411 -12.08 39.72 33.23
N GLU A 412 -13.33 39.53 33.66
CA GLU A 412 -14.41 39.18 32.75
C GLU A 412 -15.56 40.17 32.88
N ASN A 413 -16.03 40.67 31.73
CA ASN A 413 -17.27 41.45 31.67
C ASN A 413 -18.17 40.83 30.63
N ALA A 414 -19.37 40.41 31.02
CA ALA A 414 -20.25 39.70 30.12
C ALA A 414 -21.61 40.39 30.01
N LEU A 415 -22.13 40.42 28.78
CA LEU A 415 -23.45 40.94 28.46
C LEU A 415 -24.28 39.82 27.87
N LYS A 416 -25.55 39.74 28.26
CA LYS A 416 -26.39 38.60 27.92
C LYS A 416 -27.82 39.05 27.65
N LEU A 417 -28.40 38.53 26.58
CA LEU A 417 -29.79 38.77 26.22
C LEU A 417 -30.54 37.45 26.24
N THR A 418 -31.62 37.40 27.02
CA THR A 418 -32.39 36.17 27.23
C THR A 418 -33.82 36.36 26.76
N PHE A 419 -34.32 35.39 25.99
CA PHE A 419 -35.66 35.40 25.42
C PHE A 419 -36.40 34.18 25.93
N GLY A 420 -37.55 34.40 26.58
CA GLY A 420 -38.33 33.32 27.15
C GLY A 420 -39.70 33.21 26.52
N LEU A 421 -40.47 32.26 27.06
CA LEU A 421 -41.85 32.05 26.62
C LEU A 421 -42.58 31.23 27.69
N THR A 422 -43.70 31.75 28.16
CA THR A 422 -44.54 31.07 29.14
C THR A 422 -45.89 30.81 28.50
N PHE A 423 -46.15 29.56 28.12
CA PHE A 423 -47.41 29.16 27.49
C PHE A 423 -48.32 28.59 28.56
N ASN A 424 -49.38 29.33 28.89
CA ASN A 424 -50.35 28.94 29.89
C ASN A 424 -51.66 28.65 29.17
N GLU A 425 -52.06 27.38 29.18
CA GLU A 425 -53.30 26.92 28.56
C GLU A 425 -54.24 26.38 29.63
N SER A 426 -55.54 26.36 29.33
CA SER A 426 -56.52 25.88 30.29
C SER A 426 -56.85 24.41 30.02
N TRP A 427 -56.11 23.51 30.67
CA TRP A 427 -56.37 22.09 30.57
C TRP A 427 -57.42 21.71 31.61
N PHE A 428 -57.64 20.41 31.79
CA PHE A 428 -58.43 19.90 32.92
C PHE A 428 -59.77 20.63 33.07
N LYS A 429 -60.46 20.80 31.94
CA LYS A 429 -61.75 21.46 31.87
C LYS A 429 -62.86 20.44 31.60
N LYS A 430 -64.01 20.64 32.21
CA LYS A 430 -65.14 19.71 32.05
C LYS A 430 -66.29 20.36 31.28
N CYS B 19 -18.99 31.36 15.91
CA CYS B 19 -18.18 30.74 14.86
C CYS B 19 -16.86 31.48 14.75
N ASP B 20 -15.86 31.03 15.50
CA ASP B 20 -14.55 31.66 15.51
C ASP B 20 -13.52 30.68 16.04
N ASP B 21 -12.45 30.46 15.28
CA ASP B 21 -11.39 29.52 15.65
C ASP B 21 -10.02 30.22 15.65
N ASP B 22 -9.74 30.91 16.75
CA ASP B 22 -8.43 31.51 16.99
C ASP B 22 -7.97 31.13 18.38
N LEU B 23 -6.71 30.74 18.50
CA LEU B 23 -6.16 30.31 19.78
C LEU B 23 -6.02 31.51 20.70
N SER B 24 -6.98 31.68 21.58
CA SER B 24 -6.89 32.72 22.59
C SER B 24 -5.72 32.43 23.53
N PRO B 25 -4.93 33.44 23.86
CA PRO B 25 -3.83 33.24 24.83
C PRO B 25 -4.17 33.59 26.27
N ILE B 26 -5.44 33.82 26.59
CA ILE B 26 -5.80 34.45 27.86
C ILE B 26 -5.49 33.53 29.04
N GLY B 27 -5.91 32.27 28.97
CA GLY B 27 -5.69 31.36 30.07
C GLY B 27 -4.22 31.06 30.28
N GLY B 28 -3.86 30.85 31.54
CA GLY B 28 -2.48 30.54 31.86
C GLY B 28 -1.96 31.17 33.14
N SER B 29 -2.63 32.22 33.61
CA SER B 29 -2.23 32.86 34.86
C SER B 29 -2.77 32.15 36.09
N ILE B 30 -3.69 31.20 35.92
CA ILE B 30 -4.26 30.47 37.04
C ILE B 30 -4.12 28.97 36.80
N GLN B 31 -3.32 28.60 35.81
CA GLN B 31 -3.15 27.19 35.48
C GLN B 31 -2.47 26.47 36.64
N PRO B 32 -2.83 25.20 36.89
CA PRO B 32 -2.12 24.45 37.93
C PRO B 32 -0.67 24.27 37.55
N PRO B 33 0.21 24.16 38.54
CA PRO B 33 1.66 24.06 38.24
C PRO B 33 2.02 22.82 37.44
N SER B 34 1.22 21.76 37.50
CA SER B 34 1.53 20.51 36.84
C SER B 34 0.85 20.36 35.49
N ASP B 35 0.19 21.40 34.99
CA ASP B 35 -0.42 21.31 33.66
C ASP B 35 0.53 21.59 32.49
N PRO B 36 1.34 22.66 32.48
CA PRO B 36 2.00 23.08 31.23
C PRO B 36 2.93 22.02 30.65
N VAL B 37 3.04 22.05 29.32
CA VAL B 37 3.89 21.14 28.58
C VAL B 37 4.82 21.96 27.70
N SER B 38 5.75 21.28 27.02
CA SER B 38 6.72 21.95 26.17
C SER B 38 7.29 20.93 25.19
N ALA B 39 8.06 21.43 24.22
CA ALA B 39 8.67 20.60 23.19
C ALA B 39 10.18 20.77 23.21
N ARG B 40 10.88 19.73 22.75
CA ARG B 40 12.34 19.73 22.74
C ARG B 40 12.84 18.94 21.54
N VAL B 41 14.09 19.23 21.16
CA VAL B 41 14.81 18.51 20.12
C VAL B 41 16.14 18.01 20.66
N ASP B 42 16.46 16.76 20.37
CA ASP B 42 17.75 16.18 20.70
C ASP B 42 18.35 15.50 19.48
N THR B 43 19.65 15.69 19.26
CA THR B 43 20.33 15.09 18.13
C THR B 43 20.98 13.78 18.57
N LEU B 44 20.67 12.70 17.85
CA LEU B 44 21.19 11.38 18.16
C LEU B 44 22.08 10.90 17.02
N GLU B 45 23.18 10.25 17.40
CA GLU B 45 24.25 9.84 16.49
C GLU B 45 24.19 8.33 16.30
N PHE B 46 24.22 7.90 15.05
CA PHE B 46 24.46 6.48 14.82
C PHE B 46 25.96 6.20 14.79
N SER B 47 26.29 4.92 14.92
CA SER B 47 27.64 4.42 14.66
C SER B 47 27.51 3.33 13.61
N VAL B 48 28.20 3.49 12.50
CA VAL B 48 27.95 2.72 11.29
C VAL B 48 29.06 1.71 11.09
N LYS B 49 28.69 0.46 10.82
CA LYS B 49 29.63 -0.58 10.43
C LYS B 49 29.03 -1.42 9.32
N THR B 50 29.90 -2.15 8.63
CA THR B 50 29.48 -3.15 7.64
C THR B 50 29.94 -4.51 8.13
N ILE B 51 29.01 -5.46 8.17
CA ILE B 51 29.29 -6.79 8.73
C ILE B 51 28.77 -7.87 7.80
N PRO B 52 29.32 -9.08 7.84
CA PRO B 52 28.78 -10.17 7.00
C PRO B 52 27.32 -10.42 7.32
N MET B 53 26.51 -10.58 6.27
CA MET B 53 25.08 -10.81 6.46
C MET B 53 24.82 -12.14 7.15
N GLY B 54 25.49 -13.20 6.71
CA GLY B 54 25.22 -14.53 7.19
C GLY B 54 24.24 -15.28 6.31
N ASP B 55 24.04 -16.56 6.65
CA ASP B 55 23.12 -17.41 5.90
C ASP B 55 21.71 -16.82 5.93
N ILE B 56 21.02 -16.92 4.80
CA ILE B 56 19.73 -16.27 4.64
C ILE B 56 18.64 -17.34 4.66
N TYR B 57 17.49 -17.00 5.26
CA TYR B 57 16.37 -17.92 5.29
C TYR B 57 15.61 -17.78 3.97
N ASN B 58 15.37 -18.91 3.32
CA ASN B 58 14.73 -18.90 2.00
C ASN B 58 13.75 -20.06 1.91
N ARG B 59 12.46 -19.74 1.89
CA ARG B 59 11.41 -20.75 1.81
C ARG B 59 10.90 -20.98 0.40
N THR B 60 11.01 -19.99 -0.48
CA THR B 60 10.48 -20.10 -1.83
C THR B 60 11.31 -21.07 -2.65
N ASN B 61 10.92 -21.22 -3.92
CA ASN B 61 11.59 -22.15 -4.83
C ASN B 61 12.70 -21.50 -5.64
N TYR B 62 12.90 -20.19 -5.49
CA TYR B 62 13.93 -19.50 -6.25
C TYR B 62 15.32 -19.96 -5.84
N THR B 63 16.18 -20.13 -6.84
CA THR B 63 17.56 -20.52 -6.65
C THR B 63 18.41 -19.69 -7.60
N LEU B 64 19.72 -19.73 -7.42
CA LEU B 64 20.64 -19.00 -8.26
C LEU B 64 21.67 -19.98 -8.83
N LEU B 65 21.95 -19.86 -10.12
CA LEU B 65 22.91 -20.76 -10.78
C LEU B 65 23.86 -19.92 -11.62
N GLY B 66 25.15 -19.98 -11.31
CA GLY B 66 26.16 -19.34 -12.12
C GLY B 66 27.25 -18.71 -11.28
N ASP B 67 27.96 -17.77 -11.91
CA ASP B 67 29.13 -17.15 -11.30
C ASP B 67 29.20 -15.70 -11.76
N LEU B 68 29.75 -14.85 -10.90
CA LEU B 68 29.84 -13.43 -11.22
C LEU B 68 31.04 -12.82 -10.52
N THR B 69 31.60 -11.78 -11.16
CA THR B 69 32.76 -11.05 -10.66
C THR B 69 32.55 -9.57 -10.90
N ASP B 70 32.50 -8.78 -9.83
CA ASP B 70 32.34 -7.34 -9.99
C ASP B 70 33.54 -6.62 -9.38
N PRO B 71 34.09 -5.61 -10.07
CA PRO B 71 35.32 -4.95 -9.59
C PRO B 71 35.19 -4.32 -8.22
N GLU B 72 34.02 -3.76 -7.88
CA GLU B 72 33.85 -3.06 -6.61
C GLU B 72 33.03 -3.85 -5.61
N TYR B 73 32.76 -5.13 -5.88
CA TYR B 73 31.90 -5.89 -4.98
C TYR B 73 32.38 -7.33 -4.77
N GLY B 74 33.42 -7.77 -5.46
CA GLY B 74 33.94 -9.12 -5.24
C GLY B 74 33.23 -10.15 -6.10
N ASP B 75 33.39 -11.42 -5.70
CA ASP B 75 32.86 -12.54 -6.47
C ASP B 75 31.67 -13.19 -5.79
N LEU B 76 30.99 -14.01 -6.60
CA LEU B 76 29.87 -14.81 -6.13
C LEU B 76 29.75 -16.07 -6.96
N LYS B 77 29.72 -17.22 -6.28
CA LYS B 77 29.48 -18.51 -6.92
C LYS B 77 28.22 -19.13 -6.31
N ALA B 78 27.27 -19.49 -7.17
CA ALA B 78 25.99 -20.03 -6.70
C ALA B 78 25.62 -21.28 -7.48
N ASP B 79 25.26 -22.34 -6.77
CA ASP B 79 24.71 -23.55 -7.38
C ASP B 79 23.74 -24.20 -6.41
N TYR B 80 23.24 -25.40 -6.74
CA TYR B 80 22.25 -25.95 -5.83
C TYR B 80 22.09 -27.45 -5.98
N ILE B 81 21.32 -28.00 -5.05
CA ILE B 81 20.94 -29.41 -5.01
C ILE B 81 19.43 -29.49 -4.87
N MET B 82 18.80 -30.25 -5.76
CA MET B 82 17.35 -30.31 -5.86
C MET B 82 16.84 -31.73 -5.71
N GLN B 83 15.56 -31.81 -5.37
CA GLN B 83 14.83 -33.05 -5.19
C GLN B 83 13.41 -32.86 -5.74
N PHE B 84 12.94 -33.85 -6.50
CA PHE B 84 11.69 -33.72 -7.21
C PHE B 84 10.51 -34.06 -6.30
N LYS B 85 9.37 -33.43 -6.59
CA LYS B 85 8.15 -33.67 -5.84
C LYS B 85 7.43 -34.89 -6.38
N SER B 86 7.08 -35.82 -5.49
CA SER B 86 6.49 -37.08 -5.88
C SER B 86 4.97 -37.02 -5.79
N PRO B 87 4.25 -37.18 -6.89
CA PRO B 87 2.78 -37.26 -6.82
C PRO B 87 2.34 -38.58 -6.21
N ARG B 88 1.13 -38.56 -5.66
CA ARG B 88 0.54 -39.75 -5.06
C ARG B 88 -0.19 -40.57 -6.12
N ASN B 89 0.10 -41.86 -6.18
CA ASN B 89 -0.47 -42.78 -7.15
C ASN B 89 -0.25 -42.25 -8.58
N PHE B 90 1.04 -42.20 -8.95
CA PHE B 90 1.46 -41.55 -10.19
C PHE B 90 0.77 -42.18 -11.40
N LYS B 91 1.08 -43.44 -11.69
CA LYS B 91 0.36 -44.27 -12.66
C LYS B 91 0.03 -43.51 -13.95
N PHE B 92 1.08 -43.12 -14.66
CA PHE B 92 0.89 -42.24 -15.82
C PHE B 92 0.28 -43.01 -17.00
N LYS B 93 -0.41 -42.25 -17.84
CA LYS B 93 -1.38 -42.73 -18.83
C LYS B 93 -0.70 -43.47 -19.98
N TYR B 94 -1.55 -43.92 -20.94
CA TYR B 94 -1.17 -44.45 -22.25
C TYR B 94 0.06 -45.34 -22.19
N PRO B 95 -0.09 -46.59 -21.76
CA PRO B 95 1.06 -47.52 -21.67
C PRO B 95 1.99 -47.37 -22.86
N PRO B 96 3.26 -47.03 -22.64
CA PRO B 96 4.15 -46.78 -23.76
C PRO B 96 4.29 -48.01 -24.65
N LYS B 97 4.34 -47.76 -25.96
CA LYS B 97 4.43 -48.81 -26.97
C LYS B 97 5.56 -49.78 -26.66
N ASP B 98 5.20 -51.03 -26.38
CA ASP B 98 6.16 -52.08 -25.98
C ASP B 98 6.93 -51.70 -24.72
N GLY B 99 6.32 -50.89 -23.86
CA GLY B 99 7.11 -50.37 -22.75
C GLY B 99 8.15 -49.38 -23.28
N LYS B 100 9.20 -49.19 -22.48
CA LYS B 100 10.33 -48.32 -22.83
C LYS B 100 9.91 -46.88 -23.07
N ILE B 101 10.89 -45.98 -23.22
CA ILE B 101 10.66 -44.57 -23.48
C ILE B 101 11.73 -44.06 -24.46
N ASP B 102 11.63 -42.78 -24.81
CA ASP B 102 12.50 -42.17 -25.82
C ASP B 102 13.57 -41.27 -25.20
N SER B 103 13.17 -40.25 -24.42
CA SER B 103 14.13 -39.28 -23.92
C SER B 103 13.66 -38.75 -22.57
N VAL B 104 14.61 -38.24 -21.80
CA VAL B 104 14.38 -37.81 -20.42
C VAL B 104 14.89 -36.37 -20.26
N LYS B 105 14.73 -35.55 -21.31
CA LYS B 105 15.24 -34.19 -21.29
C LYS B 105 14.81 -33.42 -20.05
N LEU B 106 15.77 -32.75 -19.42
CA LEU B 106 15.57 -31.96 -18.22
C LEU B 106 15.66 -30.47 -18.54
N SER B 107 14.69 -29.70 -18.06
CA SER B 107 14.57 -28.29 -18.38
C SER B 107 14.76 -27.46 -17.12
N ILE B 108 15.71 -26.54 -17.16
CA ILE B 108 15.93 -25.55 -16.11
C ILE B 108 15.31 -24.24 -16.60
N ASN B 109 14.34 -23.71 -15.86
CA ASN B 109 13.62 -22.52 -16.29
C ASN B 109 14.05 -21.32 -15.46
N TYR B 110 14.40 -20.24 -16.14
CA TYR B 110 14.79 -18.99 -15.49
C TYR B 110 14.06 -17.84 -16.14
N ASP B 111 13.80 -16.79 -15.35
CA ASP B 111 13.07 -15.62 -15.82
C ASP B 111 13.94 -14.39 -16.03
N SER B 112 15.02 -14.25 -15.27
CA SER B 112 15.90 -13.09 -15.38
C SER B 112 17.31 -13.52 -14.99
N TRP B 113 18.25 -12.60 -15.18
CA TRP B 113 19.65 -12.89 -14.90
C TRP B 113 20.37 -11.60 -14.54
N ALA B 114 21.53 -11.75 -13.91
CA ALA B 114 22.41 -10.64 -13.61
C ALA B 114 23.77 -10.90 -14.22
N GLY B 115 24.30 -9.92 -14.95
CA GLY B 115 25.60 -10.03 -15.60
C GLY B 115 25.50 -9.74 -17.09
N ASP B 116 26.16 -10.59 -17.88
CA ASP B 116 26.24 -10.42 -19.32
C ASP B 116 25.44 -11.51 -19.99
N SER B 117 24.50 -11.12 -20.86
CA SER B 117 23.60 -12.06 -21.51
C SER B 117 24.24 -12.78 -22.70
N THR B 118 25.55 -12.70 -22.86
CA THR B 118 26.24 -13.38 -23.96
C THR B 118 27.45 -14.17 -23.50
N SER B 119 27.67 -14.29 -22.19
CA SER B 119 28.79 -15.08 -21.68
C SER B 119 28.41 -16.56 -21.68
N ILE B 120 29.38 -17.40 -22.06
CA ILE B 120 29.15 -18.83 -22.22
C ILE B 120 29.60 -19.53 -20.95
N MET B 121 28.69 -20.29 -20.35
CA MET B 121 28.97 -21.09 -19.16
C MET B 121 28.83 -22.57 -19.50
N LYS B 122 29.36 -23.41 -18.62
CA LYS B 122 29.22 -24.86 -18.75
C LYS B 122 28.55 -25.40 -17.49
N VAL B 123 27.35 -25.93 -17.64
CA VAL B 123 26.55 -26.43 -16.54
C VAL B 123 26.66 -27.96 -16.52
N SER B 124 26.88 -28.51 -15.33
CA SER B 124 26.98 -29.93 -15.11
C SER B 124 25.94 -30.38 -14.09
N ILE B 125 25.36 -31.56 -14.36
CA ILE B 125 24.36 -32.19 -13.53
C ILE B 125 24.95 -33.49 -13.02
N TYR B 126 25.13 -33.58 -11.70
CA TYR B 126 25.60 -34.77 -11.00
C TYR B 126 24.44 -35.41 -10.23
N LYS B 127 24.63 -36.66 -9.85
CA LYS B 127 23.69 -37.38 -9.00
C LYS B 127 24.35 -37.71 -7.68
N ILE B 128 23.72 -37.31 -6.57
CA ILE B 128 24.28 -37.56 -5.26
C ILE B 128 23.59 -38.77 -4.65
N ASN B 129 24.18 -39.31 -3.59
CA ASN B 129 23.66 -40.49 -2.91
C ASN B 129 23.43 -40.25 -1.42
N LYS B 130 23.46 -39.00 -0.97
CA LYS B 130 23.25 -38.66 0.41
C LYS B 130 21.82 -38.19 0.61
N ALA B 131 21.51 -37.74 1.83
CA ALA B 131 20.20 -37.20 2.16
C ALA B 131 20.32 -35.70 2.38
N ILE B 132 19.43 -34.94 1.77
CA ILE B 132 19.44 -33.48 1.87
C ILE B 132 19.14 -33.08 3.31
N PRO B 133 20.00 -32.29 3.95
CA PRO B 133 19.77 -31.91 5.35
C PRO B 133 18.54 -31.05 5.49
N PRO B 134 17.79 -31.22 6.58
CA PRO B 134 16.59 -30.40 6.78
C PRO B 134 16.91 -29.00 7.29
N SER B 135 16.82 -28.01 6.42
CA SER B 135 17.06 -26.62 6.75
C SER B 135 16.64 -25.75 5.58
N TYR B 136 16.17 -24.54 5.88
CA TYR B 136 15.79 -23.58 4.86
C TYR B 136 16.81 -22.46 4.70
N TYR B 137 18.00 -22.62 5.28
CA TYR B 137 19.04 -21.61 5.20
C TYR B 137 20.03 -21.95 4.09
N SER B 138 20.41 -20.93 3.33
CA SER B 138 21.47 -21.11 2.34
C SER B 138 22.77 -21.47 3.04
N THR B 139 23.55 -22.34 2.42
CA THR B 139 24.77 -22.83 3.04
C THR B 139 25.98 -22.46 2.20
N GLN B 140 27.15 -22.56 2.84
CA GLN B 140 28.43 -22.42 2.17
C GLN B 140 29.29 -23.61 2.55
N GLU B 141 30.20 -23.98 1.64
CA GLU B 141 31.08 -25.14 1.79
C GLU B 141 30.30 -26.42 2.11
N LEU B 142 29.52 -26.87 1.12
CA LEU B 142 28.77 -28.12 1.23
C LEU B 142 29.69 -29.32 1.00
N ALA B 143 30.77 -29.40 1.78
CA ALA B 143 31.80 -30.41 1.57
C ALA B 143 31.30 -31.82 1.85
N SER B 144 30.48 -31.98 2.89
CA SER B 144 30.07 -33.32 3.31
C SER B 144 29.19 -33.99 2.27
N LEU B 145 28.31 -33.23 1.62
CA LEU B 145 27.37 -33.82 0.68
C LEU B 145 28.08 -34.44 -0.52
N LEU B 146 29.10 -33.76 -1.05
CA LEU B 146 29.78 -34.20 -2.27
C LEU B 146 30.91 -35.16 -1.92
N ASP B 147 30.51 -36.34 -1.43
CA ASP B 147 31.48 -37.36 -1.07
C ASP B 147 31.90 -38.20 -2.27
N GLU B 148 30.92 -38.79 -2.97
CA GLU B 148 31.21 -39.57 -4.16
C GLU B 148 30.70 -38.91 -5.44
N THR B 149 29.42 -38.56 -5.50
CA THR B 149 28.76 -37.96 -6.66
C THR B 149 28.86 -38.86 -7.90
N GLN B 150 28.20 -38.46 -8.98
CA GLN B 150 28.30 -39.20 -10.24
C GLN B 150 27.86 -38.28 -11.36
N ILE B 151 28.75 -38.03 -12.32
CA ILE B 151 28.43 -37.13 -13.43
C ILE B 151 27.34 -37.76 -14.30
N ILE B 152 26.26 -37.04 -14.50
CA ILE B 152 25.18 -37.45 -15.39
C ILE B 152 25.26 -36.73 -16.72
N ALA B 153 25.34 -35.40 -16.68
CA ALA B 153 25.29 -34.64 -17.93
C ALA B 153 26.08 -33.34 -17.80
N SER B 154 26.41 -32.77 -18.95
CA SER B 154 27.14 -31.51 -19.01
C SER B 154 26.86 -30.85 -20.35
N GLN B 155 26.73 -29.53 -20.34
CA GLN B 155 26.40 -28.80 -21.56
C GLN B 155 26.73 -27.33 -21.38
N THR B 156 27.20 -26.71 -22.45
CA THR B 156 27.46 -25.27 -22.47
C THR B 156 26.19 -24.52 -22.86
N PHE B 157 26.08 -23.28 -22.38
CA PHE B 157 24.90 -22.47 -22.63
C PHE B 157 25.25 -21.00 -22.49
N LYS B 158 24.31 -20.15 -22.89
CA LYS B 158 24.37 -18.73 -22.65
C LYS B 158 22.98 -18.25 -22.24
N ALA B 159 22.94 -17.10 -21.57
CA ALA B 159 21.68 -16.63 -20.99
C ALA B 159 20.70 -16.21 -22.08
N GLY B 160 21.05 -15.21 -22.87
CA GLY B 160 20.17 -14.73 -23.93
C GLY B 160 20.34 -15.50 -25.21
N ASN B 161 19.30 -16.23 -25.61
CA ASN B 161 19.34 -17.10 -26.79
C ASN B 161 18.46 -16.59 -27.93
N ASP B 162 18.19 -15.27 -27.96
CA ASP B 162 17.27 -14.63 -28.89
C ASP B 162 15.85 -15.16 -28.68
N SER B 163 14.88 -14.60 -29.41
CA SER B 163 13.45 -14.93 -29.26
C SER B 163 13.09 -14.74 -27.78
N ALA B 164 12.41 -15.69 -27.14
CA ALA B 164 12.12 -15.61 -25.71
C ALA B 164 12.24 -16.98 -25.05
N PHE B 165 13.03 -17.88 -25.62
CA PHE B 165 13.17 -19.24 -25.08
C PHE B 165 14.14 -19.20 -23.91
N HIS B 166 13.60 -18.86 -22.74
CA HIS B 166 14.39 -18.77 -21.51
C HIS B 166 14.35 -20.12 -20.78
N ARG B 167 15.01 -21.10 -21.40
CA ARG B 167 15.11 -22.45 -20.85
C ARG B 167 16.50 -22.98 -21.11
N VAL B 168 16.90 -23.97 -20.32
CA VAL B 168 18.11 -24.76 -20.58
C VAL B 168 17.69 -26.21 -20.61
N ARG B 169 17.80 -26.86 -21.78
CA ARG B 169 17.35 -28.23 -21.98
C ARG B 169 18.57 -29.13 -22.10
N ILE B 170 18.63 -30.14 -21.22
CA ILE B 170 19.79 -31.01 -21.11
C ILE B 170 19.30 -32.46 -21.24
N PRO B 171 19.75 -33.21 -22.24
CA PRO B 171 19.39 -34.62 -22.30
C PRO B 171 20.00 -35.40 -21.15
N LEU B 172 19.28 -36.43 -20.71
CA LEU B 172 19.68 -37.29 -19.61
C LEU B 172 19.63 -38.74 -20.06
N PRO B 173 20.40 -39.62 -19.41
CA PRO B 173 20.32 -41.04 -19.74
C PRO B 173 18.93 -41.62 -19.51
N ASN B 174 18.56 -42.56 -20.38
CA ASN B 174 17.22 -43.13 -20.36
C ASN B 174 16.98 -44.06 -19.17
N GLU B 175 18.04 -44.40 -18.43
CA GLU B 175 17.92 -45.37 -17.35
C GLU B 175 16.99 -44.87 -16.23
N ILE B 176 17.10 -43.59 -15.88
CA ILE B 176 16.29 -43.05 -14.79
C ILE B 176 14.80 -43.04 -15.17
N GLY B 177 14.49 -42.63 -16.41
CA GLY B 177 13.11 -42.66 -16.85
C GLY B 177 12.56 -44.06 -16.97
N GLN B 178 13.37 -45.00 -17.45
CA GLN B 178 12.93 -46.38 -17.53
C GLN B 178 12.66 -46.96 -16.15
N LYS B 179 13.52 -46.63 -15.17
CA LYS B 179 13.31 -47.08 -13.80
C LYS B 179 12.03 -46.50 -13.21
N ILE B 180 11.76 -45.22 -13.49
CA ILE B 180 10.53 -44.59 -13.00
C ILE B 180 9.31 -45.32 -13.57
N TYR B 181 9.32 -45.55 -14.89
CA TYR B 181 8.20 -46.25 -15.51
C TYR B 181 8.03 -47.64 -14.94
N ASP B 182 9.13 -48.38 -14.76
CA ASP B 182 9.04 -49.73 -14.23
C ASP B 182 8.46 -49.73 -12.82
N LEU B 183 8.95 -48.83 -11.97
CA LEU B 183 8.47 -48.79 -10.59
C LEU B 183 6.99 -48.40 -10.51
N SER B 184 6.44 -47.75 -11.54
CA SER B 184 5.02 -47.38 -11.48
C SER B 184 4.06 -48.46 -11.97
N VAL B 185 4.52 -49.56 -12.57
CA VAL B 185 3.57 -50.53 -13.12
C VAL B 185 3.75 -51.93 -12.54
N ASN B 186 4.90 -52.55 -12.77
CA ASN B 186 5.14 -53.93 -12.35
C ASN B 186 5.71 -54.03 -10.94
N ASN B 187 5.94 -52.90 -10.29
CA ASN B 187 6.54 -52.81 -8.97
C ASN B 187 5.59 -52.06 -8.04
N PRO B 188 5.75 -52.19 -6.72
CA PRO B 188 4.82 -51.53 -5.80
C PRO B 188 4.79 -50.02 -6.01
N SER B 189 3.60 -49.44 -5.88
CA SER B 189 3.43 -48.01 -6.06
C SER B 189 4.02 -47.28 -4.87
N VAL B 190 5.33 -47.01 -4.95
CA VAL B 190 6.07 -46.42 -3.84
C VAL B 190 5.99 -44.90 -3.87
N PHE B 191 5.25 -44.32 -4.81
CA PHE B 191 5.10 -42.87 -4.93
C PHE B 191 4.10 -42.35 -3.90
N ASP B 192 4.35 -42.67 -2.64
CA ASP B 192 3.47 -42.30 -1.55
C ASP B 192 4.12 -41.31 -0.59
N THR B 193 5.28 -41.65 -0.03
CA THR B 193 6.01 -40.79 0.87
C THR B 193 7.24 -40.25 0.17
N GLN B 194 7.61 -39.01 0.52
CA GLN B 194 8.75 -38.37 -0.13
C GLN B 194 10.05 -39.11 0.16
N GLU B 195 10.19 -39.66 1.37
CA GLU B 195 11.38 -40.42 1.71
C GLU B 195 11.51 -41.67 0.83
N SER B 196 10.40 -42.39 0.61
CA SER B 196 10.43 -43.57 -0.22
C SER B 196 10.76 -43.24 -1.67
N PHE B 197 10.18 -42.16 -2.19
CA PHE B 197 10.49 -41.73 -3.55
C PHE B 197 11.96 -41.34 -3.68
N TYR B 198 12.50 -40.64 -2.69
CA TYR B 198 13.89 -40.22 -2.75
C TYR B 198 14.85 -41.38 -2.59
N ASN B 199 14.47 -42.40 -1.82
CA ASN B 199 15.37 -43.52 -1.57
C ASN B 199 15.25 -44.63 -2.60
N ASN B 200 14.16 -44.70 -3.35
CA ASN B 200 13.96 -45.77 -4.31
C ASN B 200 13.91 -45.29 -5.75
N VAL B 201 13.06 -44.29 -6.05
CA VAL B 201 12.82 -43.92 -7.44
C VAL B 201 13.98 -43.09 -7.98
N LEU B 202 14.21 -41.91 -7.40
CA LEU B 202 15.22 -41.00 -7.91
C LEU B 202 15.82 -40.22 -6.74
N GLY B 203 17.14 -40.06 -6.78
CA GLY B 203 17.87 -39.37 -5.74
C GLY B 203 17.90 -37.87 -5.94
N GLY B 204 18.93 -37.25 -5.36
CA GLY B 204 19.10 -35.81 -5.46
C GLY B 204 20.03 -35.43 -6.61
N LEU B 205 19.68 -34.34 -7.29
CA LEU B 205 20.45 -33.86 -8.43
C LEU B 205 21.19 -32.59 -8.06
N TYR B 206 22.50 -32.58 -8.34
CA TYR B 206 23.37 -31.46 -8.01
C TYR B 206 23.65 -30.69 -9.31
N VAL B 207 23.16 -29.46 -9.38
CA VAL B 207 23.29 -28.61 -10.56
C VAL B 207 24.32 -27.54 -10.24
N THR B 208 25.37 -27.46 -11.07
CA THR B 208 26.44 -26.50 -10.86
C THR B 208 26.98 -26.04 -12.21
N THR B 209 27.87 -25.05 -12.16
CA THR B 209 28.61 -24.61 -13.34
C THR B 209 30.09 -24.89 -13.09
N THR B 210 30.68 -25.73 -13.93
CA THR B 210 32.06 -26.16 -13.69
C THR B 210 33.07 -25.08 -14.07
N THR B 211 32.78 -24.27 -15.07
CA THR B 211 33.70 -23.24 -15.51
C THR B 211 32.92 -22.11 -16.16
N GLY B 212 33.64 -21.06 -16.55
CA GLY B 212 33.01 -19.89 -17.13
C GLY B 212 32.54 -18.91 -16.07
N THR B 213 32.46 -17.64 -16.47
CA THR B 213 32.04 -16.60 -15.55
C THR B 213 31.32 -15.50 -16.33
N GLY B 214 30.52 -14.73 -15.61
CA GLY B 214 29.88 -13.55 -16.17
C GLY B 214 28.37 -13.51 -16.09
N VAL B 215 27.69 -14.48 -15.49
CA VAL B 215 26.23 -14.46 -15.46
C VAL B 215 25.75 -15.29 -14.29
N VAL B 216 24.65 -14.85 -13.69
CA VAL B 216 23.95 -15.60 -12.65
C VAL B 216 22.47 -15.62 -13.00
N LEU B 217 21.91 -16.81 -13.15
CA LEU B 217 20.51 -16.98 -13.50
C LEU B 217 19.69 -17.19 -12.23
N SER B 218 18.53 -16.54 -12.17
CA SER B 218 17.57 -16.71 -11.08
C SER B 218 16.58 -17.79 -11.51
N VAL B 219 16.95 -19.04 -11.23
CA VAL B 219 16.14 -20.19 -11.67
C VAL B 219 14.94 -20.33 -10.73
N TYR B 220 13.75 -20.46 -11.30
CA TYR B 220 12.55 -20.59 -10.47
C TYR B 220 11.98 -21.99 -10.43
N ASN B 221 12.31 -22.86 -11.38
CA ASN B 221 12.00 -24.29 -11.25
C ASN B 221 12.81 -25.11 -12.24
N THR B 222 12.69 -26.44 -12.08
CA THR B 222 13.37 -27.39 -12.93
C THR B 222 12.48 -28.62 -13.08
N GLN B 223 12.34 -29.10 -14.32
CA GLN B 223 11.43 -30.19 -14.66
C GLN B 223 12.19 -31.30 -15.38
N MET B 224 11.64 -32.50 -15.34
CA MET B 224 12.23 -33.68 -15.98
C MET B 224 11.15 -34.38 -16.80
N ALA B 225 11.07 -34.06 -18.09
CA ALA B 225 10.02 -34.60 -18.95
C ALA B 225 10.44 -35.95 -19.50
N ILE B 226 9.68 -36.99 -19.15
CA ILE B 226 9.85 -38.32 -19.72
C ILE B 226 8.91 -38.42 -20.91
N PHE B 227 9.46 -38.44 -22.13
CA PHE B 227 8.66 -38.45 -23.36
C PHE B 227 8.52 -39.88 -23.83
N TYR B 228 7.29 -40.40 -23.94
CA TYR B 228 7.18 -41.79 -24.39
C TYR B 228 6.50 -41.81 -25.75
N SER B 229 6.37 -43.01 -26.30
CA SER B 229 5.85 -43.15 -27.66
C SER B 229 4.36 -42.80 -27.74
N TYR B 230 3.47 -43.75 -27.39
CA TYR B 230 2.05 -43.55 -27.06
C TYR B 230 1.46 -44.95 -26.94
N LYS B 231 0.17 -45.04 -26.59
CA LYS B 231 -0.62 -46.23 -26.90
C LYS B 231 -0.53 -46.44 -28.42
N VAL B 232 -0.88 -47.63 -28.92
CA VAL B 232 -0.72 -47.84 -30.36
C VAL B 232 -1.59 -46.90 -31.17
N ALA B 233 -2.70 -46.39 -30.61
CA ALA B 233 -3.52 -45.36 -31.24
C ALA B 233 -4.02 -45.82 -32.61
N ALA B 234 -4.92 -46.80 -32.57
CA ALA B 234 -5.35 -47.51 -33.78
C ALA B 234 -4.14 -48.20 -34.37
N ASP B 235 -3.47 -47.56 -35.35
CA ASP B 235 -2.25 -48.08 -35.96
C ASP B 235 -1.21 -46.99 -36.21
N SER B 236 -1.23 -45.93 -35.41
CA SER B 236 -0.32 -44.79 -35.45
C SER B 236 0.48 -44.81 -34.16
N THR B 237 0.98 -43.65 -33.73
CA THR B 237 1.45 -43.41 -32.36
C THR B 237 1.74 -41.90 -32.23
N ALA B 238 1.54 -41.33 -31.04
CA ALA B 238 1.71 -39.89 -30.85
C ALA B 238 2.33 -39.55 -29.50
N THR B 239 3.49 -38.88 -29.54
CA THR B 239 4.28 -38.59 -28.35
C THR B 239 3.45 -37.98 -27.23
N ALA B 240 3.71 -38.44 -26.00
CA ALA B 240 3.14 -37.84 -24.81
C ALA B 240 4.18 -37.93 -23.70
N SER B 241 3.96 -37.17 -22.63
CA SER B 241 5.06 -36.89 -21.73
C SER B 241 4.56 -36.65 -20.30
N GLU B 242 5.50 -36.75 -19.36
CA GLU B 242 5.30 -36.39 -17.97
C GLU B 242 6.14 -35.14 -17.69
N THR B 243 6.09 -34.65 -16.44
CA THR B 243 6.88 -33.47 -16.09
C THR B 243 7.81 -33.58 -14.87
N PHE B 244 7.27 -33.99 -13.71
CA PHE B 244 8.04 -34.13 -12.46
C PHE B 244 8.78 -32.85 -12.08
N VAL B 245 8.00 -31.83 -11.70
CA VAL B 245 8.58 -30.54 -11.31
C VAL B 245 9.11 -30.68 -9.88
N ASN B 246 9.91 -29.71 -9.43
CA ASN B 246 10.28 -29.58 -8.03
C ASN B 246 9.53 -28.38 -7.43
N THR B 247 9.13 -28.50 -6.17
CA THR B 247 8.35 -27.49 -5.48
C THR B 247 9.05 -27.06 -4.20
N SER B 248 8.40 -26.13 -3.48
CA SER B 248 8.94 -25.58 -2.24
C SER B 248 8.53 -26.36 -1.01
N GLU B 249 7.80 -27.47 -1.17
CA GLU B 249 7.40 -28.29 -0.05
C GLU B 249 8.54 -29.16 0.47
N SER B 250 9.53 -29.45 -0.38
CA SER B 250 10.66 -30.29 -0.03
C SER B 250 11.83 -29.41 0.39
N TYR B 251 12.98 -30.05 0.64
CA TYR B 251 14.19 -29.37 1.10
C TYR B 251 15.19 -29.29 -0.05
N GLN B 252 15.62 -28.08 -0.36
CA GLN B 252 16.68 -27.84 -1.35
C GLN B 252 17.95 -27.44 -0.62
N VAL B 253 19.05 -27.39 -1.37
CA VAL B 253 20.31 -26.87 -0.86
C VAL B 253 20.80 -25.78 -1.79
N ASN B 254 20.93 -24.56 -1.27
CA ASN B 254 21.43 -23.41 -2.02
C ASN B 254 22.85 -23.13 -1.56
N HIS B 255 23.82 -23.25 -2.46
CA HIS B 255 25.21 -22.93 -2.11
C HIS B 255 25.50 -21.57 -2.72
N ILE B 256 25.47 -20.54 -1.87
CA ILE B 256 25.81 -19.16 -2.22
C ILE B 256 27.08 -18.79 -1.48
N LYS B 257 28.12 -18.43 -2.22
CA LYS B 257 29.42 -18.13 -1.61
C LYS B 257 29.95 -16.85 -2.22
N ASN B 258 30.11 -15.83 -1.38
CA ASN B 258 30.66 -14.54 -1.79
C ASN B 258 32.11 -14.50 -1.35
N SER B 259 32.98 -13.95 -2.20
CA SER B 259 34.40 -14.03 -1.93
C SER B 259 35.11 -12.73 -2.29
N GLN B 260 36.30 -12.57 -1.69
CA GLN B 260 37.14 -11.37 -1.84
C GLN B 260 36.35 -10.10 -1.54
N ILE B 261 35.53 -10.15 -0.50
CA ILE B 261 34.78 -8.99 -0.06
C ILE B 261 35.41 -8.34 1.18
N SER B 262 36.64 -8.76 1.53
CA SER B 262 37.27 -8.27 2.75
C SER B 262 37.50 -6.76 2.70
N HIS B 263 37.69 -6.20 1.50
CA HIS B 263 37.87 -4.75 1.39
C HIS B 263 36.58 -3.99 1.67
N LEU B 264 35.43 -4.66 1.61
CA LEU B 264 34.16 -4.02 1.95
C LEU B 264 33.93 -3.94 3.45
N LEU B 265 34.58 -4.80 4.24
CA LEU B 265 34.44 -4.82 5.69
C LEU B 265 35.39 -3.87 6.41
N GLN B 266 36.39 -3.33 5.72
CA GLN B 266 37.34 -2.44 6.38
C GLN B 266 36.68 -1.11 6.70
N GLU B 267 37.31 -0.36 7.60
CA GLU B 267 36.76 0.89 8.07
C GLU B 267 36.86 1.97 6.99
N ASN B 268 35.76 2.69 6.77
CA ASN B 268 35.72 3.77 5.80
C ASN B 268 34.59 4.70 6.22
N ASP B 269 34.94 5.87 6.74
CA ASP B 269 33.95 6.71 7.43
C ASP B 269 33.28 7.71 6.48
N SER B 270 32.83 7.24 5.32
CA SER B 270 31.87 7.99 4.51
C SER B 270 30.81 7.12 3.86
N LEU B 271 31.01 5.80 3.76
CA LEU B 271 30.11 4.93 3.02
C LEU B 271 29.97 3.61 3.75
N SER B 272 28.86 2.93 3.47
CA SER B 272 28.59 1.60 4.00
C SER B 272 27.88 0.79 2.92
N CYS B 273 28.33 -0.44 2.71
CA CYS B 273 27.86 -1.24 1.59
C CYS B 273 26.81 -2.25 2.03
N VAL B 274 25.93 -2.60 1.09
CA VAL B 274 24.95 -3.67 1.30
C VAL B 274 24.92 -4.51 0.03
N LYS B 275 25.57 -5.68 0.08
CA LYS B 275 25.53 -6.63 -1.02
C LYS B 275 24.38 -7.61 -0.79
N SER B 276 23.73 -8.06 -1.87
CA SER B 276 22.54 -8.83 -1.57
C SER B 276 22.68 -10.32 -1.27
N PRO B 277 23.13 -11.22 -2.21
CA PRO B 277 23.07 -12.65 -1.88
C PRO B 277 24.06 -12.95 -0.78
N ALA B 278 23.56 -13.23 0.42
CA ALA B 278 24.36 -13.18 1.63
C ALA B 278 25.16 -11.89 1.65
N GLY B 279 26.48 -11.97 1.53
CA GLY B 279 27.26 -10.76 1.38
C GLY B 279 27.35 -9.97 2.67
N VAL B 280 27.26 -8.65 2.55
CA VAL B 280 27.47 -7.74 3.66
C VAL B 280 26.21 -6.92 3.90
N MET B 281 26.13 -6.33 5.09
CA MET B 281 25.00 -5.49 5.47
C MET B 281 25.49 -4.36 6.37
N THR B 282 24.63 -3.36 6.55
CA THR B 282 24.95 -2.18 7.35
C THR B 282 24.29 -2.26 8.72
N GLN B 283 25.11 -2.10 9.76
CA GLN B 283 24.68 -2.13 11.15
C GLN B 283 24.87 -0.75 11.78
N LEU B 284 23.81 -0.26 12.42
CA LEU B 284 23.79 1.06 13.04
C LEU B 284 23.58 0.89 14.55
N THR B 285 24.44 1.53 15.34
CA THR B 285 24.42 1.37 16.79
C THR B 285 24.28 2.74 17.45
N ILE B 286 23.26 2.89 18.29
CA ILE B 286 23.11 4.05 19.16
C ILE B 286 23.54 3.65 20.56
N SER B 287 24.46 4.42 21.15
CA SER B 287 25.02 4.09 22.44
C SER B 287 23.99 4.21 23.55
N LYS B 288 24.37 3.74 24.74
CA LYS B 288 23.47 3.79 25.89
C LYS B 288 23.52 5.14 26.60
N GLU B 289 24.71 5.76 26.69
CA GLU B 289 24.80 7.07 27.33
C GLU B 289 24.05 8.12 26.53
N GLN B 290 24.08 8.02 25.20
CA GLN B 290 23.32 8.95 24.36
C GLN B 290 21.83 8.90 24.69
N PHE B 291 21.32 7.71 25.01
CA PHE B 291 19.94 7.60 25.47
C PHE B 291 19.80 8.15 26.89
N THR B 292 20.79 7.87 27.75
CA THR B 292 20.65 8.21 29.17
C THR B 292 20.61 9.72 29.38
N ASP B 293 21.57 10.46 28.84
CA ASP B 293 21.54 11.92 29.00
C ASP B 293 20.86 12.61 27.82
N ALA B 294 19.72 12.07 27.39
CA ALA B 294 18.79 12.75 26.50
C ALA B 294 17.33 12.57 26.91
N PHE B 295 16.98 11.48 27.57
CA PHE B 295 15.65 11.23 28.10
C PHE B 295 15.82 10.75 29.53
N THR B 296 14.71 10.61 30.24
CA THR B 296 14.73 10.31 31.67
C THR B 296 15.69 11.25 32.39
N SER B 297 16.77 10.71 32.91
CA SER B 297 17.88 11.47 33.52
C SER B 297 17.33 12.38 34.62
N ASN B 298 17.95 13.56 34.78
CA ASN B 298 17.56 14.55 35.79
C ASN B 298 17.55 13.99 37.20
N LEU B 299 16.92 14.72 38.11
CA LEU B 299 16.77 14.27 39.49
C LEU B 299 15.37 14.49 40.05
N SER B 300 14.53 15.30 39.42
CA SER B 300 13.19 15.53 39.91
C SER B 300 12.34 14.28 39.81
N SER B 301 12.52 13.50 38.75
CA SER B 301 11.75 12.29 38.45
C SER B 301 10.25 12.58 38.30
N SER B 302 9.90 13.83 38.03
CA SER B 302 8.51 14.21 37.75
C SER B 302 8.26 14.48 36.28
N LEU B 303 9.29 14.75 35.50
CA LEU B 303 9.15 14.94 34.06
C LEU B 303 9.02 13.60 33.35
N ALA B 304 8.60 13.66 32.10
CA ALA B 304 8.54 12.49 31.24
C ALA B 304 8.65 12.95 29.79
N TRP B 305 9.01 12.03 28.91
CA TRP B 305 9.19 12.31 27.50
C TRP B 305 8.22 11.50 26.67
N GLN B 306 7.77 12.11 25.57
CA GLN B 306 6.85 11.46 24.63
C GLN B 306 7.37 11.82 23.24
N ILE B 307 8.26 10.98 22.71
CA ILE B 307 8.83 11.24 21.40
C ILE B 307 7.74 11.16 20.34
N GLY B 308 7.72 12.15 19.47
CA GLY B 308 6.68 12.24 18.45
C GLY B 308 7.23 12.38 17.04
N GLU B 309 8.51 12.69 16.87
CA GLU B 309 9.01 12.77 15.50
C GLU B 309 10.49 12.46 15.43
N ALA B 310 10.88 11.54 14.53
CA ALA B 310 12.30 11.27 14.30
C ALA B 310 12.47 10.81 12.85
N GLN B 311 12.80 11.75 11.97
CA GLN B 311 12.98 11.42 10.56
C GLN B 311 14.28 10.65 10.35
N PHE B 312 14.30 9.84 9.30
CA PHE B 312 15.51 9.08 8.96
C PHE B 312 15.46 8.75 7.47
N ASN B 313 16.30 9.42 6.69
CA ASN B 313 16.41 9.19 5.25
C ASN B 313 17.88 8.99 4.89
N ILE B 314 18.13 8.13 3.91
CA ILE B 314 19.49 7.78 3.51
C ILE B 314 19.65 8.08 2.03
N SER B 315 20.80 8.62 1.64
CA SER B 315 21.11 8.94 0.26
C SER B 315 22.15 7.93 -0.25
N ALA B 316 21.82 7.24 -1.34
CA ALA B 316 22.74 6.28 -1.93
C ALA B 316 23.72 7.00 -2.85
N SER B 317 24.98 6.58 -2.79
CA SER B 317 26.01 7.16 -3.65
C SER B 317 25.75 6.79 -5.10
N LYS B 318 26.15 7.68 -5.99
CA LYS B 318 25.98 7.45 -7.42
C LYS B 318 26.87 6.29 -7.84
N PRO B 319 26.31 5.22 -8.41
CA PRO B 319 27.15 4.08 -8.79
C PRO B 319 28.03 4.43 -9.98
N SER B 320 29.25 3.90 -9.95
CA SER B 320 30.19 4.13 -11.04
C SER B 320 29.78 3.33 -12.27
N GLU B 321 30.27 3.79 -13.42
CA GLU B 321 29.99 3.12 -14.68
C GLU B 321 30.78 1.81 -14.78
N GLY B 322 30.26 0.88 -15.56
CA GLY B 322 30.89 -0.41 -15.74
C GLY B 322 30.54 -1.46 -14.71
N LEU B 323 29.71 -1.11 -13.72
CA LEU B 323 29.30 -2.08 -12.73
C LEU B 323 28.30 -3.07 -13.31
N MET B 324 28.36 -4.31 -12.82
CA MET B 324 27.41 -5.34 -13.21
C MET B 324 26.24 -5.46 -12.24
N LEU B 325 26.41 -4.94 -11.02
CA LEU B 325 25.41 -5.01 -9.97
C LEU B 325 24.72 -3.67 -9.83
N SER B 326 23.40 -3.69 -9.64
CA SER B 326 22.62 -2.47 -9.49
C SER B 326 22.00 -2.41 -8.10
N PRO B 327 21.70 -1.22 -7.58
CA PRO B 327 21.24 -1.12 -6.19
C PRO B 327 19.90 -1.83 -5.99
N PRO B 328 19.68 -2.40 -4.82
CA PRO B 328 18.38 -3.03 -4.55
C PRO B 328 17.27 -2.01 -4.47
N SER B 329 16.06 -2.44 -4.88
CA SER B 329 14.93 -1.53 -4.96
C SER B 329 14.40 -1.14 -3.58
N TYR B 330 14.45 -2.06 -2.62
CA TYR B 330 13.92 -1.83 -1.29
C TYR B 330 14.95 -2.17 -0.22
N LEU B 331 14.85 -1.48 0.91
CA LEU B 331 15.63 -1.76 2.09
C LEU B 331 14.69 -1.86 3.30
N LEU B 332 15.02 -2.77 4.21
CA LEU B 332 14.26 -2.98 5.43
C LEU B 332 15.16 -2.67 6.61
N LEU B 333 14.71 -1.76 7.47
CA LEU B 333 15.44 -1.37 8.67
C LEU B 333 14.76 -2.01 9.87
N LEU B 334 15.51 -2.79 10.65
CA LEU B 334 14.91 -3.48 11.78
C LEU B 334 16.00 -3.85 12.77
N PRO B 335 15.65 -4.04 14.05
CA PRO B 335 16.67 -4.44 15.04
C PRO B 335 17.30 -5.78 14.69
N GLN B 336 18.58 -5.91 15.06
CA GLN B 336 19.33 -7.11 14.71
C GLN B 336 18.84 -8.34 15.48
N ASP B 337 18.26 -8.15 16.65
CA ASP B 337 17.79 -9.31 17.41
C ASP B 337 16.56 -9.94 16.78
N SER B 338 15.69 -9.13 16.16
CA SER B 338 14.46 -9.63 15.55
C SER B 338 14.63 -9.94 14.06
N VAL B 339 15.84 -10.29 13.62
CA VAL B 339 16.02 -10.57 12.20
C VAL B 339 15.72 -12.03 11.87
N ARG B 340 15.89 -12.94 12.83
CA ARG B 340 15.63 -14.35 12.56
C ARG B 340 14.13 -14.62 12.56
N ASN B 341 13.47 -14.35 13.68
CA ASN B 341 12.03 -14.61 13.80
C ASN B 341 11.21 -13.79 12.82
N PHE B 342 11.76 -12.70 12.28
CA PHE B 342 11.02 -11.95 11.27
C PHE B 342 10.83 -12.77 10.00
N PHE B 343 11.86 -13.51 9.59
CA PHE B 343 11.75 -14.29 8.35
C PHE B 343 11.33 -15.73 8.57
N GLU B 344 11.65 -16.30 9.73
CA GLU B 344 11.20 -17.67 10.01
C GLU B 344 9.69 -17.75 10.14
N GLN B 345 9.05 -16.72 10.67
CA GLN B 345 7.60 -16.65 10.75
C GLN B 345 6.97 -16.05 9.50
N GLU B 346 7.80 -15.62 8.53
CA GLU B 346 7.32 -15.04 7.27
C GLU B 346 6.40 -13.85 7.51
N GLN B 347 6.86 -12.93 8.36
CA GLN B 347 6.07 -11.76 8.73
C GLN B 347 6.15 -10.70 7.63
N THR B 348 5.61 -9.53 7.94
CA THR B 348 5.55 -8.41 7.02
C THR B 348 5.66 -7.14 7.85
N GLU B 349 6.15 -6.06 7.23
CA GLU B 349 6.30 -4.80 7.97
C GLU B 349 4.97 -4.24 8.44
N LEU B 350 3.85 -4.68 7.86
CA LEU B 350 2.54 -4.29 8.35
C LEU B 350 2.10 -5.09 9.56
N MET B 351 2.80 -6.19 9.89
CA MET B 351 2.49 -6.96 11.08
C MET B 351 3.33 -6.55 12.29
N GLN B 352 4.44 -5.86 12.06
CA GLN B 352 5.27 -5.29 13.12
C GLN B 352 5.52 -3.82 12.81
N PRO B 353 4.48 -2.98 12.88
CA PRO B 353 4.65 -1.58 12.48
C PRO B 353 5.56 -0.78 13.39
N ARG B 354 5.82 -1.26 14.60
CA ARG B 354 6.59 -0.51 15.59
C ARG B 354 8.09 -0.68 15.45
N THR B 355 8.56 -1.80 14.89
CA THR B 355 9.98 -2.12 14.90
C THR B 355 10.60 -2.34 13.53
N ALA B 356 9.82 -2.62 12.49
CA ALA B 356 10.34 -2.85 11.16
C ALA B 356 9.84 -1.76 10.22
N PHE B 357 10.75 -1.16 9.45
CA PHE B 357 10.40 -0.08 8.54
C PHE B 357 10.90 -0.39 7.15
N LEU B 358 10.05 -0.11 6.16
CA LEU B 358 10.35 -0.37 4.76
C LEU B 358 10.51 0.95 4.03
N SER B 359 11.60 1.07 3.28
CA SER B 359 11.89 2.30 2.55
C SER B 359 10.98 2.41 1.33
N THR B 360 11.23 3.45 0.53
CA THR B 360 10.51 3.67 -0.72
C THR B 360 11.34 3.14 -1.89
N ILE B 361 10.75 3.21 -3.09
CA ILE B 361 11.46 2.81 -4.30
C ILE B 361 12.75 3.62 -4.47
N TYR B 362 13.83 2.90 -4.77
CA TYR B 362 15.05 3.52 -5.25
C TYR B 362 14.78 4.12 -6.62
N ASN B 363 14.69 5.45 -6.68
CA ASN B 363 14.41 6.18 -7.91
C ASN B 363 15.66 6.97 -8.29
N ILE B 364 16.11 6.82 -9.54
CA ILE B 364 17.35 7.45 -9.96
C ILE B 364 17.25 8.97 -10.07
N LYS B 365 16.06 9.53 -9.90
CA LYS B 365 15.92 10.99 -9.87
C LYS B 365 16.70 11.59 -8.71
N LYS B 366 16.52 11.03 -7.50
CA LYS B 366 17.21 11.50 -6.32
C LYS B 366 18.13 10.47 -5.68
N ARG B 367 17.92 9.18 -5.95
CA ARG B 367 18.77 8.09 -5.45
C ARG B 367 18.83 8.10 -3.92
N GLU B 368 17.67 7.88 -3.30
CA GLU B 368 17.61 7.86 -1.85
C GLU B 368 16.53 6.90 -1.38
N TYR B 369 16.78 6.30 -0.21
CA TYR B 369 15.80 5.49 0.49
C TYR B 369 15.23 6.31 1.62
N ARG B 370 13.93 6.56 1.56
CA ARG B 370 13.25 7.44 2.51
C ARG B 370 12.37 6.61 3.43
N PHE B 371 12.83 6.40 4.65
CA PHE B 371 11.94 5.95 5.71
C PHE B 371 11.17 7.17 6.22
N SER B 372 10.48 7.01 7.33
CA SER B 372 9.68 8.10 7.89
C SER B 372 9.91 8.09 9.40
N ASN B 373 9.01 8.74 10.13
CA ASN B 373 9.08 8.82 11.57
C ASN B 373 9.27 7.43 12.18
N ILE B 374 10.42 7.22 12.83
CA ILE B 374 10.72 5.96 13.50
C ILE B 374 10.64 6.12 15.02
N SER B 375 9.87 7.11 15.50
CA SER B 375 9.81 7.36 16.94
C SER B 375 9.29 6.16 17.71
N ARG B 376 8.42 5.36 17.10
CA ARG B 376 7.89 4.20 17.80
C ARG B 376 8.98 3.20 18.15
N LEU B 377 10.00 3.08 17.29
CA LEU B 377 11.12 2.20 17.60
C LEU B 377 11.88 2.69 18.83
N LEU B 378 12.13 4.00 18.90
CA LEU B 378 12.84 4.56 20.06
C LEU B 378 12.01 4.44 21.33
N MET B 379 10.69 4.70 21.23
CA MET B 379 9.78 4.46 22.34
C MET B 379 9.86 3.02 22.82
N GLU B 380 9.82 2.07 21.89
CA GLU B 380 9.87 0.66 22.27
C GLU B 380 11.18 0.32 22.95
N HIS B 381 12.30 0.86 22.42
CA HIS B 381 13.59 0.57 23.02
C HIS B 381 13.71 1.15 24.43
N ILE B 382 13.22 2.37 24.64
CA ILE B 382 13.30 2.98 25.96
C ILE B 382 12.37 2.25 26.94
N LYS B 383 11.21 1.80 26.46
CA LYS B 383 10.19 1.27 27.36
C LYS B 383 10.67 0.03 28.10
N ASN B 384 11.26 -0.93 27.39
CA ASN B 384 11.60 -2.22 27.96
C ASN B 384 13.11 -2.38 28.19
N ASN B 385 13.83 -1.26 28.35
CA ASN B 385 15.24 -1.33 28.69
C ASN B 385 15.63 -0.27 29.72
N THR B 386 14.67 0.24 30.49
CA THR B 386 14.92 1.26 31.50
C THR B 386 15.01 0.58 32.86
N GLU B 387 16.11 0.80 33.56
CA GLU B 387 16.31 0.28 34.91
C GLU B 387 16.63 1.45 35.84
N LYS B 388 16.80 1.14 37.12
CA LYS B 388 17.09 2.15 38.12
C LYS B 388 18.27 1.71 38.97
N THR B 389 19.19 2.64 39.21
CA THR B 389 20.24 2.42 40.19
C THR B 389 19.62 2.41 41.59
N PRO B 390 20.33 1.86 42.59
CA PRO B 390 19.76 1.85 43.95
C PRO B 390 19.37 3.23 44.45
N GLU B 391 20.10 4.27 44.08
CA GLU B 391 19.73 5.65 44.40
C GLU B 391 18.93 6.29 43.26
N GLY B 392 17.86 5.62 42.84
CA GLY B 392 17.04 6.15 41.76
C GLY B 392 17.81 6.20 40.45
N LYS B 393 17.78 7.36 39.78
CA LYS B 393 18.47 7.63 38.54
C LYS B 393 18.13 6.58 37.48
N PRO B 394 16.94 6.65 36.88
CA PRO B 394 16.61 5.73 35.79
C PRO B 394 17.56 5.92 34.62
N TYR B 395 17.90 4.81 33.98
CA TYR B 395 18.89 4.81 32.90
C TYR B 395 18.64 3.63 31.97
N ILE B 396 19.14 3.76 30.75
CA ILE B 396 19.04 2.73 29.73
C ILE B 396 20.23 1.78 29.90
N THR B 397 19.98 0.49 29.69
CA THR B 397 20.98 -0.54 29.96
C THR B 397 21.57 -1.19 28.72
N LYS B 398 20.96 -1.03 27.56
CA LYS B 398 21.43 -1.69 26.35
C LYS B 398 21.44 -0.71 25.18
N ASP B 399 22.43 -0.88 24.31
CA ASP B 399 22.50 -0.08 23.09
C ASP B 399 21.36 -0.46 22.14
N LEU B 400 21.12 0.42 21.17
CA LEU B 400 20.15 0.16 20.11
C LEU B 400 20.90 -0.28 18.86
N VAL B 401 20.66 -1.51 18.42
CA VAL B 401 21.34 -2.08 17.27
C VAL B 401 20.31 -2.35 16.19
N LEU B 402 20.51 -1.76 15.01
CA LEU B 402 19.64 -1.93 13.87
C LEU B 402 20.47 -2.40 12.68
N VAL B 403 19.81 -3.06 11.74
CA VAL B 403 20.43 -3.46 10.49
C VAL B 403 19.54 -3.07 9.33
N LEU B 404 20.20 -2.83 8.19
CA LEU B 404 19.56 -2.57 6.91
C LEU B 404 19.75 -3.78 6.00
N LEU B 405 18.65 -4.31 5.48
CA LEU B 405 18.71 -5.51 4.64
C LEU B 405 18.04 -5.25 3.29
N PRO B 406 18.56 -5.84 2.22
CA PRO B 406 17.83 -5.80 0.94
C PRO B 406 16.78 -6.89 0.89
N VAL B 407 15.53 -6.50 0.62
CA VAL B 407 14.41 -7.42 0.63
C VAL B 407 13.66 -7.30 -0.70
N LYS B 408 12.98 -8.39 -1.05
CA LYS B 408 12.09 -8.43 -2.20
C LYS B 408 10.65 -8.38 -1.72
N ARG B 409 9.89 -7.42 -2.24
CA ARG B 409 8.52 -7.17 -1.82
C ARG B 409 7.56 -7.54 -2.94
N GLN B 410 6.54 -8.31 -2.61
CA GLN B 410 5.47 -8.68 -3.52
C GLN B 410 4.17 -8.03 -3.06
N VAL B 411 3.52 -7.32 -3.96
CA VAL B 411 2.38 -6.47 -3.63
C VAL B 411 1.10 -7.13 -4.10
N ALA B 412 -0.02 -6.59 -3.63
CA ALA B 412 -1.35 -7.00 -4.08
C ALA B 412 -2.32 -5.88 -3.74
N GLY B 413 -3.61 -6.14 -3.94
CA GLY B 413 -4.63 -5.13 -3.69
C GLY B 413 -4.88 -4.26 -4.88
N ALA B 414 -5.86 -3.37 -4.72
CA ALA B 414 -6.24 -2.45 -5.79
C ALA B 414 -5.14 -1.43 -6.04
N SER B 415 -5.24 -0.74 -7.17
CA SER B 415 -4.20 0.19 -7.58
C SER B 415 -4.06 1.33 -6.59
N ASN B 416 -5.19 1.86 -6.10
CA ASN B 416 -5.13 2.94 -5.12
C ASN B 416 -4.54 2.45 -3.79
N SER B 417 -4.91 1.24 -3.36
CA SER B 417 -4.49 0.70 -2.07
C SER B 417 -3.59 -0.51 -2.32
N LEU B 418 -2.29 -0.25 -2.44
CA LEU B 418 -1.29 -1.30 -2.57
C LEU B 418 -0.64 -1.54 -1.21
N TYR B 419 -0.57 -2.81 -0.80
CA TYR B 419 -0.02 -3.18 0.49
C TYR B 419 0.97 -4.33 0.30
N THR B 420 1.90 -4.44 1.24
CA THR B 420 2.96 -5.45 1.16
C THR B 420 2.37 -6.81 1.46
N SER B 421 2.11 -7.59 0.41
CA SER B 421 1.60 -8.94 0.62
C SER B 421 2.68 -9.87 1.17
N GLN B 422 3.88 -9.81 0.59
CA GLN B 422 4.95 -10.70 1.00
C GLN B 422 6.28 -9.95 1.01
N LEU B 423 7.15 -10.34 1.96
CA LEU B 423 8.46 -9.71 2.12
C LEU B 423 9.47 -10.82 2.35
N ASN B 424 10.31 -11.07 1.35
CA ASN B 424 11.29 -12.15 1.42
C ASN B 424 12.69 -11.56 1.36
N ASN B 425 13.68 -12.38 1.69
CA ASN B 425 15.06 -11.92 1.61
C ASN B 425 15.52 -12.01 0.16
N PHE B 426 16.18 -10.94 -0.28
CA PHE B 426 16.44 -10.76 -1.70
C PHE B 426 17.51 -11.74 -2.15
N MET B 427 17.23 -12.48 -3.23
CA MET B 427 18.06 -13.59 -3.68
C MET B 427 18.46 -13.31 -5.12
N PHE B 428 19.08 -12.16 -5.34
CA PHE B 428 19.52 -11.80 -6.68
C PHE B 428 20.75 -10.94 -6.50
N PRO B 429 21.72 -11.00 -7.41
CA PRO B 429 22.94 -10.20 -7.24
C PRO B 429 22.64 -8.70 -7.29
N SER B 430 22.95 -8.00 -6.21
CA SER B 430 22.86 -6.54 -6.19
C SER B 430 23.83 -5.97 -5.17
N GLY B 431 24.04 -4.66 -5.24
CA GLY B 431 24.92 -3.99 -4.31
C GLY B 431 24.73 -2.48 -4.27
N VAL B 432 24.81 -1.88 -3.08
CA VAL B 432 24.65 -0.44 -2.97
C VAL B 432 25.63 0.12 -1.95
N LYS B 433 26.05 1.37 -2.16
CA LYS B 433 26.95 2.09 -1.25
C LYS B 433 26.20 3.30 -0.67
N LEU B 434 25.70 3.15 0.56
CA LEU B 434 25.00 4.23 1.24
C LEU B 434 25.99 5.22 1.85
N GLN B 435 25.51 6.44 2.04
CA GLN B 435 26.31 7.53 2.62
C GLN B 435 25.94 7.65 4.09
N LEU B 436 26.72 7.00 4.95
CA LEU B 436 26.51 7.04 6.40
C LEU B 436 27.88 7.09 7.07
N GLY B 437 28.20 8.19 7.72
CA GLY B 437 29.49 8.33 8.35
C GLY B 437 29.60 9.63 9.11
N LYS B 438 30.81 9.89 9.61
CA LYS B 438 31.10 11.06 10.42
C LYS B 438 31.56 12.26 9.61
N LYS B 439 31.89 12.08 8.32
CA LYS B 439 32.47 13.15 7.53
C LYS B 439 31.48 14.29 7.31
N ASN B 440 30.28 13.98 6.84
CA ASN B 440 29.28 14.98 6.52
C ASN B 440 28.09 14.95 7.47
N LYS B 441 28.25 14.34 8.65
CA LYS B 441 27.20 14.28 9.67
C LYS B 441 25.93 13.66 9.10
N THR B 442 26.07 12.58 8.33
CA THR B 442 24.92 11.93 7.72
C THR B 442 24.20 10.99 8.67
N ALA B 443 24.87 10.53 9.72
CA ALA B 443 24.24 9.66 10.72
C ALA B 443 23.70 10.49 11.89
N ARG B 444 22.74 11.36 11.54
CA ARG B 444 22.12 12.29 12.48
C ARG B 444 20.62 12.12 12.43
N ILE B 445 19.99 12.04 13.60
CA ILE B 445 18.52 12.08 13.67
C ILE B 445 18.10 13.12 14.69
N GLY B 446 17.12 13.94 14.31
CA GLY B 446 16.57 14.94 15.20
C GLY B 446 15.29 14.48 15.86
N VAL B 447 15.41 14.06 17.12
CA VAL B 447 14.29 13.50 17.88
C VAL B 447 13.54 14.66 18.51
N TYR B 448 12.29 14.85 18.07
CA TYR B 448 11.37 15.86 18.59
C TYR B 448 10.45 15.19 19.61
N SER B 449 10.47 15.71 20.84
CA SER B 449 9.81 15.11 22.00
C SER B 449 8.99 16.15 22.75
N MET B 450 8.06 15.65 23.56
CA MET B 450 7.16 16.46 24.38
C MET B 450 7.47 16.19 25.85
N THR B 451 7.79 17.25 26.60
CA THR B 451 8.20 17.12 27.99
C THR B 451 7.07 17.63 28.90
N TYR B 452 6.18 16.72 29.28
CA TYR B 452 5.15 17.02 30.25
C TYR B 452 5.61 16.62 31.64
N THR B 453 4.83 17.02 32.64
CA THR B 453 5.10 16.63 34.01
C THR B 453 3.97 15.74 34.54
N ASP B 454 4.35 14.85 35.45
CA ASP B 454 3.46 13.77 35.86
C ASP B 454 3.93 13.26 37.23
N ASN B 455 3.20 13.64 38.28
CA ASN B 455 3.59 13.34 39.65
C ASN B 455 2.61 12.42 40.37
N HIS B 456 1.79 11.66 39.64
CA HIS B 456 0.79 10.89 40.34
C HIS B 456 1.38 9.62 40.93
N HIS B 457 2.66 9.34 40.64
CA HIS B 457 3.38 8.19 41.18
C HIS B 457 3.29 8.15 42.71
N VAL C 39 2.72 16.90 -42.67
CA VAL C 39 3.26 15.92 -43.61
C VAL C 39 4.17 16.60 -44.65
N ASP C 40 5.39 16.11 -44.79
CA ASP C 40 6.39 16.60 -45.76
C ASP C 40 7.23 15.44 -46.27
N LEU C 41 8.38 15.79 -46.85
CA LEU C 41 9.21 14.93 -47.67
C LEU C 41 10.42 14.47 -46.86
N GLN C 42 10.49 13.17 -46.60
CA GLN C 42 11.62 12.56 -45.92
C GLN C 42 11.72 11.11 -46.38
N ILE C 43 12.87 10.49 -46.12
CA ILE C 43 13.12 9.10 -46.44
C ILE C 43 13.34 8.35 -45.14
N HIS C 44 12.64 7.22 -44.95
CA HIS C 44 12.77 6.48 -43.70
C HIS C 44 13.55 5.18 -43.84
N ARG C 45 13.64 4.63 -45.05
CA ARG C 45 14.35 3.38 -45.29
C ARG C 45 14.70 3.31 -46.77
N PHE C 46 15.92 2.83 -47.06
CA PHE C 46 16.46 2.83 -48.40
C PHE C 46 17.42 1.65 -48.54
N TYR C 47 17.31 0.94 -49.66
CA TYR C 47 18.16 -0.23 -49.86
C TYR C 47 18.14 -0.57 -51.34
N LEU C 48 19.04 -1.47 -51.73
CA LEU C 48 19.18 -1.89 -53.11
C LEU C 48 18.96 -3.39 -53.22
N SER C 49 18.43 -3.82 -54.36
CA SER C 49 18.22 -5.23 -54.62
C SER C 49 18.41 -5.51 -56.10
N SER C 50 19.06 -6.62 -56.41
CA SER C 50 19.34 -7.02 -57.78
C SER C 50 18.62 -8.34 -58.08
N LYS C 51 18.17 -8.47 -59.33
CA LYS C 51 17.50 -9.69 -59.76
C LYS C 51 18.45 -10.88 -59.69
N LYS C 52 19.70 -10.69 -60.11
CA LYS C 52 20.69 -11.76 -60.10
C LYS C 52 21.49 -11.80 -58.81
N ASN C 53 21.64 -10.67 -58.12
CA ASN C 53 22.39 -10.61 -56.87
C ASN C 53 21.44 -10.42 -55.70
N PRO C 54 21.19 -11.45 -54.88
CA PRO C 54 20.31 -11.29 -53.73
C PRO C 54 20.99 -10.76 -52.48
N ASP C 55 22.31 -10.61 -52.48
CA ASP C 55 23.04 -10.19 -51.29
C ASP C 55 22.90 -8.70 -51.01
N LEU C 56 22.43 -7.90 -51.97
CA LEU C 56 22.30 -6.46 -51.76
C LEU C 56 21.22 -6.13 -50.74
N GLU C 57 20.25 -7.02 -50.53
CA GLU C 57 19.19 -6.75 -49.57
C GLU C 57 19.73 -6.68 -48.15
N LYS C 58 20.66 -7.56 -47.80
CA LYS C 58 21.19 -7.62 -46.44
C LYS C 58 21.98 -6.37 -46.06
N VAL C 59 22.52 -5.65 -47.04
CA VAL C 59 23.27 -4.44 -46.75
C VAL C 59 22.32 -3.37 -46.22
N PHE C 60 22.70 -2.76 -45.11
CA PHE C 60 21.88 -1.74 -44.45
C PHE C 60 22.50 -0.36 -44.67
N PHE C 61 21.63 0.65 -44.82
CA PHE C 61 22.05 2.02 -45.07
C PHE C 61 21.53 2.93 -43.96
N SER C 62 22.39 3.85 -43.51
CA SER C 62 22.06 4.83 -42.49
C SER C 62 21.80 6.17 -43.15
N ILE C 63 20.71 6.83 -42.75
CA ILE C 63 20.21 8.04 -43.40
C ILE C 63 20.26 9.19 -42.40
N ASP C 64 21.01 10.24 -42.74
CA ASP C 64 21.15 11.44 -41.92
C ASP C 64 20.40 12.58 -42.60
N HIS C 65 19.33 13.06 -41.96
CA HIS C 65 18.54 14.15 -42.53
C HIS C 65 19.23 15.50 -42.37
N ALA C 66 19.97 15.69 -41.28
CA ALA C 66 20.60 16.98 -41.02
C ALA C 66 21.60 17.34 -42.12
N LYS C 67 22.40 16.38 -42.55
CA LYS C 67 23.30 16.55 -43.69
C LYS C 67 22.77 15.93 -44.96
N GLY C 68 21.66 15.20 -44.89
CA GLY C 68 21.05 14.61 -46.06
C GLY C 68 21.92 13.60 -46.77
N THR C 69 22.51 12.66 -46.02
CA THR C 69 23.43 11.71 -46.60
C THR C 69 23.03 10.29 -46.23
N ILE C 70 23.16 9.37 -47.19
CA ILE C 70 22.89 7.95 -46.96
C ILE C 70 24.20 7.20 -47.14
N ILE C 71 24.67 6.57 -46.05
CA ILE C 71 25.96 5.88 -46.03
C ILE C 71 25.77 4.46 -45.56
N ASN C 72 26.44 3.53 -46.24
CA ASN C 72 26.58 2.16 -45.74
C ASN C 72 27.85 2.10 -44.89
N LYS C 73 27.68 2.10 -43.57
CA LYS C 73 28.84 2.12 -42.69
C LYS C 73 29.57 0.79 -42.70
N LYS C 74 28.88 -0.30 -43.00
CA LYS C 74 29.52 -1.59 -43.22
C LYS C 74 29.86 -1.71 -44.71
N TYR C 75 31.14 -1.90 -45.00
CA TYR C 75 31.59 -1.88 -46.38
C TYR C 75 31.02 -3.06 -47.17
N MET C 76 30.67 -2.80 -48.42
CA MET C 76 30.18 -3.86 -49.28
C MET C 76 31.34 -4.82 -49.62
N PRO C 77 31.07 -6.12 -49.70
CA PRO C 77 32.17 -7.08 -49.92
C PRO C 77 32.92 -6.82 -51.22
N TYR C 78 34.22 -7.11 -51.19
CA TYR C 78 35.08 -6.85 -52.33
C TYR C 78 34.68 -7.70 -53.54
N GLY C 79 34.80 -7.12 -54.73
CA GLY C 79 34.54 -7.82 -55.96
C GLY C 79 33.08 -7.94 -56.35
N THR C 80 32.19 -7.22 -55.69
CA THR C 80 30.77 -7.29 -56.02
C THR C 80 30.48 -6.56 -57.34
N VAL C 81 29.31 -6.85 -57.89
CA VAL C 81 28.89 -6.34 -59.19
C VAL C 81 27.50 -5.74 -59.04
N LEU C 82 27.31 -4.54 -59.58
CA LEU C 82 26.08 -3.76 -59.43
C LEU C 82 25.52 -3.36 -60.78
N ASP C 83 25.34 -4.33 -61.68
CA ASP C 83 24.94 -4.08 -63.06
C ASP C 83 23.58 -3.42 -63.14
N SER C 84 22.55 -4.18 -62.81
CA SER C 84 21.17 -3.74 -62.85
C SER C 84 20.58 -3.95 -61.47
N VAL C 85 20.19 -2.86 -60.83
CA VAL C 85 19.68 -2.90 -59.46
C VAL C 85 18.49 -1.97 -59.37
N MET C 86 17.53 -2.35 -58.54
CA MET C 86 16.42 -1.47 -58.21
C MET C 86 16.65 -0.90 -56.83
N MET C 87 16.29 0.36 -56.67
CA MET C 87 16.39 1.05 -55.39
C MET C 87 14.99 1.08 -54.76
N LYS C 88 14.82 0.35 -53.67
CA LYS C 88 13.55 0.32 -52.96
C LYS C 88 13.67 1.18 -51.71
N LEU C 89 12.74 2.11 -51.55
CA LEU C 89 12.79 3.07 -50.47
C LEU C 89 11.38 3.30 -49.93
N VAL C 90 11.29 3.46 -48.62
CA VAL C 90 10.03 3.74 -47.95
C VAL C 90 9.99 5.23 -47.61
N THR C 91 8.97 5.91 -48.11
CA THR C 91 8.82 7.35 -47.98
C THR C 91 7.42 7.67 -47.45
N ASP C 92 7.21 8.96 -47.18
CA ASP C 92 5.92 9.45 -46.73
C ASP C 92 4.93 9.46 -47.90
N PHE C 93 3.65 9.61 -47.56
CA PHE C 93 2.63 9.70 -48.60
C PHE C 93 2.79 10.96 -49.43
N SER C 94 3.24 12.06 -48.82
CA SER C 94 3.40 13.32 -49.55
C SER C 94 4.47 13.24 -50.63
N ALA C 95 5.34 12.22 -50.58
CA ALA C 95 6.33 12.04 -51.63
C ALA C 95 5.64 11.63 -52.92
N LYS C 96 5.78 12.44 -53.97
CA LYS C 96 5.09 12.21 -55.23
C LYS C 96 6.04 12.05 -56.41
N LYS C 97 7.10 12.84 -56.49
CA LYS C 97 8.03 12.79 -57.61
C LYS C 97 9.44 12.61 -57.09
N LEU C 98 10.22 11.80 -57.79
CA LEU C 98 11.61 11.56 -57.43
C LEU C 98 12.50 11.73 -58.66
N ARG C 99 13.70 12.25 -58.43
CA ARG C 99 14.68 12.43 -59.50
C ARG C 99 16.02 11.87 -59.04
N VAL C 100 16.65 11.09 -59.91
CA VAL C 100 17.86 10.35 -59.61
C VAL C 100 18.98 10.81 -60.54
N ALA C 101 20.13 11.11 -59.97
CA ALA C 101 21.32 11.50 -60.73
C ALA C 101 22.46 10.56 -60.37
N ILE C 102 23.04 9.94 -61.38
CA ILE C 102 24.11 8.95 -61.20
C ILE C 102 25.45 9.63 -61.44
N ASN C 103 26.32 9.59 -60.42
CA ASN C 103 27.63 10.23 -60.43
C ASN C 103 27.44 11.70 -60.76
N ASP C 104 27.99 12.22 -61.86
CA ASP C 104 27.77 13.59 -62.29
C ASP C 104 26.88 13.66 -63.52
N GLY C 105 25.90 12.75 -63.61
CA GLY C 105 25.05 12.69 -64.77
C GLY C 105 23.93 13.71 -64.75
N GLU C 106 22.75 13.30 -65.20
CA GLU C 106 21.59 14.17 -65.31
C GLU C 106 20.48 13.68 -64.39
N TYR C 107 19.73 14.64 -63.84
CA TYR C 107 18.60 14.31 -62.98
C TYR C 107 17.49 13.73 -63.84
N LYS C 108 17.26 12.43 -63.72
CA LYS C 108 16.27 11.71 -64.50
C LYS C 108 15.06 11.42 -63.62
N ASP C 109 13.87 11.65 -64.18
CA ASP C 109 12.63 11.35 -63.47
C ASP C 109 12.55 9.85 -63.17
N TRP C 110 12.53 9.51 -61.88
CA TRP C 110 12.60 8.15 -61.41
C TRP C 110 11.23 7.59 -61.11
N HIS C 111 11.07 6.29 -61.34
CA HIS C 111 9.85 5.57 -61.02
C HIS C 111 10.21 4.28 -60.30
N ASN C 112 9.23 3.74 -59.57
CA ASN C 112 9.48 2.54 -58.76
C ASN C 112 9.81 1.31 -59.59
N LYS C 113 9.52 1.35 -60.89
CA LYS C 113 9.76 0.21 -61.79
C LYS C 113 10.96 0.41 -62.68
N ASP C 114 12.04 0.99 -62.15
CA ASP C 114 13.26 1.23 -62.91
C ASP C 114 14.39 0.39 -62.32
N SER C 115 15.09 -0.34 -63.18
CA SER C 115 16.26 -1.12 -62.81
C SER C 115 17.48 -0.37 -63.36
N LEU C 116 18.07 0.47 -62.53
CA LEU C 116 19.13 1.37 -62.99
C LEU C 116 20.47 0.65 -63.08
N TRP C 117 21.39 1.28 -63.80
CA TRP C 117 22.70 0.71 -64.10
C TRP C 117 23.77 1.47 -63.32
N LEU C 118 24.39 0.79 -62.35
CA LEU C 118 25.38 1.43 -61.47
C LEU C 118 26.59 0.53 -61.28
N ARG C 119 27.12 -0.04 -62.38
CA ARG C 119 28.30 -0.90 -62.28
C ARG C 119 29.51 -0.14 -61.78
N ASP C 120 29.66 1.12 -62.18
CA ASP C 120 30.84 1.90 -61.87
C ASP C 120 30.46 3.19 -61.14
N CYS C 121 29.52 3.07 -60.21
CA CYS C 121 28.88 4.24 -59.62
C CYS C 121 29.12 4.24 -58.12
N HIS C 122 29.69 5.33 -57.62
CA HIS C 122 30.03 5.43 -56.21
C HIS C 122 29.29 6.53 -55.48
N THR C 123 28.74 7.51 -56.19
CA THR C 123 27.91 8.56 -55.61
C THR C 123 26.59 8.67 -56.37
N LEU C 124 25.54 8.98 -55.62
CA LEU C 124 24.20 9.09 -56.18
C LEU C 124 23.52 10.30 -55.54
N HIS C 125 22.77 11.04 -56.35
CA HIS C 125 22.03 12.21 -55.89
C HIS C 125 20.54 11.95 -56.05
N LEU C 126 19.77 12.21 -55.00
CA LEU C 126 18.31 12.07 -55.00
C LEU C 126 17.64 13.39 -54.67
N MET C 127 16.64 13.75 -55.45
CA MET C 127 15.83 14.95 -55.21
C MET C 127 14.37 14.56 -55.15
N VAL C 128 13.73 14.94 -54.05
CA VAL C 128 12.35 14.56 -53.80
C VAL C 128 11.47 15.80 -53.95
N PHE C 129 10.35 15.65 -54.66
CA PHE C 129 9.31 16.66 -54.77
C PHE C 129 7.97 16.14 -54.32
N ASP C 130 7.18 17.05 -53.77
CA ASP C 130 5.79 16.78 -53.49
C ASP C 130 4.95 16.97 -54.75
N GLU C 131 3.64 16.83 -54.60
CA GLU C 131 2.72 17.06 -55.72
C GLU C 131 2.69 18.52 -56.13
N SER C 132 2.98 19.44 -55.19
CA SER C 132 3.02 20.85 -55.54
C SER C 132 4.15 21.15 -56.52
N GLY C 133 5.33 20.56 -56.28
CA GLY C 133 6.44 20.65 -57.20
C GLY C 133 7.52 21.64 -56.84
N GLU C 134 7.24 22.58 -55.94
CA GLU C 134 8.25 23.57 -55.57
C GLU C 134 9.12 23.13 -54.41
N LYS C 135 8.64 22.25 -53.54
CA LYS C 135 9.41 21.82 -52.39
C LYS C 135 10.48 20.82 -52.78
N THR C 136 11.70 21.03 -52.29
CA THR C 136 12.85 20.23 -52.67
C THR C 136 13.56 19.71 -51.43
N LYS C 137 14.23 18.58 -51.59
CA LYS C 137 15.14 18.08 -50.58
C LYS C 137 16.14 17.15 -51.25
N LYS C 138 17.43 17.43 -50.98
CA LYS C 138 18.59 16.75 -51.55
C LYS C 138 19.06 15.62 -50.64
N TYR C 139 19.48 14.52 -51.25
CA TYR C 139 20.07 13.40 -50.54
C TYR C 139 21.25 12.88 -51.34
N THR C 140 22.31 12.49 -50.64
CA THR C 140 23.50 11.93 -51.25
C THR C 140 23.70 10.51 -50.72
N VAL C 141 23.81 9.55 -51.63
CA VAL C 141 24.03 8.15 -51.29
C VAL C 141 25.41 7.77 -51.78
N THR C 142 26.30 7.41 -50.86
CA THR C 142 27.66 6.99 -51.21
C THR C 142 27.78 5.51 -50.92
N LEU C 143 28.17 4.73 -51.94
CA LEU C 143 28.34 3.30 -51.80
C LEU C 143 29.78 3.02 -51.35
N ASN C 144 29.92 2.36 -50.20
CA ASN C 144 31.21 2.00 -49.67
C ASN C 144 31.55 0.56 -50.06
N ARG C 145 32.72 0.37 -50.64
CA ARG C 145 33.16 -0.94 -51.09
C ARG C 145 34.64 -1.11 -50.79
N TYR C 146 35.04 -2.35 -50.56
CA TYR C 146 36.46 -2.67 -50.39
C TYR C 146 37.11 -2.67 -51.76
N ASP C 147 37.95 -1.66 -52.02
CA ASP C 147 38.73 -1.63 -53.25
C ASP C 147 39.72 -2.79 -53.38
N TYR C 148 40.28 -3.29 -52.28
CA TYR C 148 41.06 -4.52 -52.32
C TYR C 148 40.57 -5.57 -51.32
N GLN C 149 41.34 -6.65 -51.16
CA GLN C 149 40.96 -7.70 -50.22
C GLN C 149 41.10 -7.20 -48.79
N PRO C 150 40.04 -7.32 -47.97
CA PRO C 150 40.11 -6.74 -46.62
C PRO C 150 41.15 -7.37 -45.70
N THR C 151 41.64 -8.57 -46.03
CA THR C 151 42.58 -9.30 -45.17
C THR C 151 43.99 -9.35 -45.73
N THR C 152 44.33 -8.43 -46.63
CA THR C 152 45.68 -8.39 -47.17
C THR C 152 46.69 -7.91 -46.13
N PHE C 153 47.89 -8.49 -46.20
CA PHE C 153 49.03 -8.16 -45.35
C PHE C 153 50.21 -7.67 -46.17
N VAL C 154 51.05 -6.84 -45.55
CA VAL C 154 52.30 -6.37 -46.12
C VAL C 154 53.44 -6.88 -45.24
N TRP C 155 54.48 -7.43 -45.87
CA TRP C 155 55.57 -8.10 -45.18
C TRP C 155 56.90 -7.52 -45.60
N HIS C 156 57.87 -7.58 -44.68
CA HIS C 156 59.23 -7.10 -44.93
C HIS C 156 60.23 -8.02 -44.26
N MET C 157 61.41 -8.17 -44.90
CA MET C 157 62.59 -8.72 -44.24
C MET C 157 63.07 -7.85 -43.08
N LEU C 158 63.71 -8.49 -42.11
CA LEU C 158 64.47 -7.80 -41.08
C LEU C 158 65.95 -8.05 -41.34
N ASP C 159 66.70 -6.99 -41.58
CA ASP C 159 68.12 -7.10 -41.87
C ASP C 159 68.95 -7.11 -40.59
N GLY C 160 70.12 -7.76 -40.68
CA GLY C 160 71.02 -7.87 -39.55
C GLY C 160 70.66 -8.91 -38.53
N VAL C 161 69.63 -9.73 -38.78
CA VAL C 161 69.22 -10.73 -37.81
C VAL C 161 70.34 -11.76 -37.62
N ALA C 162 70.51 -12.19 -36.38
CA ALA C 162 71.60 -13.08 -35.98
C ALA C 162 71.06 -14.22 -35.12
N LEU C 163 69.99 -14.86 -35.59
CA LEU C 163 69.37 -15.94 -34.84
C LEU C 163 70.35 -17.10 -34.67
N PRO C 164 70.50 -17.65 -33.47
CA PRO C 164 71.47 -18.73 -33.26
C PRO C 164 71.08 -19.98 -34.03
N ASP C 165 72.09 -20.71 -34.50
CA ASP C 165 71.88 -21.97 -35.20
C ASP C 165 71.80 -23.06 -34.15
N ILE C 166 70.58 -23.37 -33.72
CA ILE C 166 70.34 -24.30 -32.62
C ILE C 166 69.50 -25.46 -33.12
N ASN C 167 69.94 -26.68 -32.78
CA ASN C 167 69.20 -27.89 -33.10
C ASN C 167 68.34 -28.27 -31.91
N ALA C 168 67.02 -28.17 -32.06
CA ALA C 168 66.10 -28.47 -30.99
C ALA C 168 64.78 -28.95 -31.58
N SER C 169 64.01 -29.65 -30.75
CA SER C 169 62.73 -30.22 -31.15
C SER C 169 61.55 -29.34 -30.77
N PHE C 170 61.58 -28.72 -29.59
CA PHE C 170 60.50 -27.86 -29.12
C PHE C 170 61.03 -26.45 -28.96
N VAL C 171 60.39 -25.50 -29.63
CA VAL C 171 60.79 -24.09 -29.57
C VAL C 171 59.55 -23.24 -29.34
N ASP C 172 59.64 -22.30 -28.40
CA ASP C 172 58.54 -21.42 -28.06
C ASP C 172 59.06 -20.01 -27.80
N VAL C 173 58.17 -19.03 -27.95
CA VAL C 173 58.50 -17.62 -27.72
C VAL C 173 57.49 -17.04 -26.76
N VAL C 174 57.99 -16.31 -25.75
CA VAL C 174 57.15 -15.63 -24.76
C VAL C 174 57.57 -14.18 -24.67
N THR C 175 56.61 -13.28 -24.79
CA THR C 175 56.86 -11.84 -24.74
C THR C 175 56.35 -11.29 -23.41
N HIS C 176 57.23 -10.60 -22.68
CA HIS C 176 56.85 -9.94 -21.44
C HIS C 176 57.35 -8.51 -21.46
N ALA C 177 56.46 -7.56 -21.18
CA ALA C 177 56.77 -6.14 -21.18
C ALA C 177 57.37 -5.70 -22.50
N ASP C 178 58.70 -5.63 -22.57
CA ASP C 178 59.41 -5.22 -23.77
C ASP C 178 60.58 -6.15 -24.05
N LYS C 179 60.40 -7.44 -23.77
CA LYS C 179 61.45 -8.44 -23.95
C LYS C 179 60.83 -9.74 -24.46
N VAL C 180 61.43 -10.29 -25.51
CA VAL C 180 61.05 -11.61 -26.03
C VAL C 180 62.07 -12.63 -25.56
N TYR C 181 61.56 -13.79 -25.12
CA TYR C 181 62.39 -14.89 -24.65
C TYR C 181 62.03 -16.12 -25.47
N LEU C 182 63.02 -16.69 -26.14
CA LEU C 182 62.87 -17.91 -26.92
C LEU C 182 63.44 -19.07 -26.12
N VAL C 183 62.63 -20.10 -25.91
CA VAL C 183 63.03 -21.31 -25.20
C VAL C 183 63.13 -22.43 -26.21
N ALA C 184 64.23 -23.17 -26.15
CA ALA C 184 64.48 -24.30 -27.05
C ALA C 184 64.88 -25.52 -26.23
N ALA C 185 64.33 -26.67 -26.61
CA ALA C 185 64.60 -27.94 -25.95
C ALA C 185 65.60 -28.70 -26.82
N THR C 186 66.89 -28.46 -26.58
CA THR C 186 67.96 -29.08 -27.36
C THR C 186 68.25 -30.45 -26.77
N GLY C 187 67.56 -31.47 -27.27
CA GLY C 187 67.75 -32.82 -26.80
C GLY C 187 67.33 -33.00 -25.35
N ASN C 188 68.32 -33.19 -24.47
CA ASN C 188 68.06 -33.39 -23.05
C ASN C 188 68.20 -32.07 -22.29
N LYS C 189 68.70 -31.02 -22.93
CA LYS C 189 68.93 -29.75 -22.26
C LYS C 189 67.94 -28.68 -22.71
N THR C 190 68.06 -27.49 -22.12
CA THR C 190 67.17 -26.37 -22.38
C THR C 190 68.01 -25.10 -22.52
N LEU C 191 67.71 -24.32 -23.55
CA LEU C 191 68.41 -23.06 -23.79
C LEU C 191 67.40 -21.92 -23.89
N LEU C 192 67.81 -20.76 -23.39
CA LEU C 192 66.96 -19.57 -23.39
C LEU C 192 67.72 -18.40 -24.00
N TYR C 193 67.01 -17.63 -24.85
CA TYR C 193 67.59 -16.46 -25.49
C TYR C 193 66.64 -15.29 -25.32
N SER C 194 67.21 -14.08 -25.26
CA SER C 194 66.43 -12.86 -25.05
C SER C 194 66.73 -11.86 -26.16
N SER C 195 65.72 -11.04 -26.45
CA SER C 195 65.86 -9.98 -27.43
C SER C 195 64.82 -8.92 -27.15
N ASP C 196 64.92 -7.81 -27.87
CA ASP C 196 63.99 -6.70 -27.71
C ASP C 196 62.73 -6.94 -28.53
N ARG C 197 61.59 -6.57 -27.95
CA ARG C 197 60.32 -6.68 -28.66
C ARG C 197 60.32 -5.83 -29.93
N LYS C 198 60.74 -4.56 -29.80
CA LYS C 198 60.64 -3.63 -30.92
C LYS C 198 61.69 -3.92 -31.98
N ASN C 199 62.90 -4.31 -31.56
CA ASN C 199 64.00 -4.61 -32.48
C ASN C 199 64.54 -5.99 -32.12
N PRO C 200 64.00 -7.05 -32.72
CA PRO C 200 64.44 -8.41 -32.39
C PRO C 200 65.71 -8.82 -33.12
N VAL C 201 66.45 -7.84 -33.64
CA VAL C 201 67.61 -8.12 -34.47
C VAL C 201 68.68 -8.88 -33.69
N HIS C 202 68.95 -8.46 -32.46
CA HIS C 202 70.04 -9.02 -31.67
C HIS C 202 69.50 -9.95 -30.59
N TRP C 203 70.06 -11.15 -30.50
CA TRP C 203 69.65 -12.15 -29.53
C TRP C 203 70.82 -12.53 -28.64
N THR C 204 70.56 -12.64 -27.34
CA THR C 204 71.58 -12.90 -26.35
C THR C 204 71.22 -14.14 -25.55
N LEU C 205 72.17 -15.06 -25.40
CA LEU C 205 71.95 -16.24 -24.57
C LEU C 205 71.82 -15.85 -23.10
N LEU C 206 70.98 -16.58 -22.38
CA LEU C 206 70.78 -16.36 -20.95
C LEU C 206 71.35 -17.52 -20.15
N SER C 207 71.97 -17.20 -19.02
CA SER C 207 72.56 -18.19 -18.13
C SER C 207 71.46 -18.72 -17.22
N SER C 208 70.90 -19.87 -17.58
CA SER C 208 69.85 -20.49 -16.77
C SER C 208 70.48 -21.25 -15.60
N SER C 209 69.99 -20.97 -14.40
CA SER C 209 70.49 -21.60 -13.19
C SER C 209 69.36 -22.36 -12.51
N GLY C 210 69.63 -23.60 -12.12
CA GLY C 210 68.67 -24.43 -11.43
C GLY C 210 67.83 -25.30 -12.32
N LEU C 211 67.79 -25.02 -13.62
CA LEU C 211 66.99 -25.84 -14.54
C LEU C 211 67.66 -27.18 -14.78
N SER C 212 66.82 -28.18 -15.08
CA SER C 212 67.30 -29.51 -15.40
C SER C 212 66.33 -30.17 -16.36
N GLY C 213 66.80 -31.18 -17.08
CA GLY C 213 65.96 -31.88 -18.02
C GLY C 213 65.68 -31.05 -19.26
N ALA C 214 64.76 -31.57 -20.07
CA ALA C 214 64.37 -30.94 -21.32
C ALA C 214 63.05 -30.21 -21.12
N CYS C 215 62.98 -28.98 -21.62
CA CYS C 215 61.75 -28.20 -21.56
C CYS C 215 60.63 -28.87 -22.33
N ARG C 216 59.63 -29.39 -21.61
CA ARG C 216 58.45 -29.89 -22.30
C ARG C 216 57.53 -28.72 -22.67
N GLN C 217 57.11 -27.94 -21.67
CA GLN C 217 56.24 -26.79 -21.95
C GLN C 217 56.58 -25.61 -21.05
N ILE C 218 56.05 -24.44 -21.44
CA ILE C 218 56.28 -23.19 -20.74
C ILE C 218 54.94 -22.48 -20.56
N ALA C 219 54.88 -21.61 -19.54
CA ALA C 219 53.73 -20.76 -19.29
C ALA C 219 54.20 -19.51 -18.55
N ALA C 220 53.46 -18.41 -18.72
CA ALA C 220 53.83 -17.15 -18.09
C ALA C 220 52.59 -16.29 -17.92
N THR C 221 52.63 -15.45 -16.89
CA THR C 221 51.56 -14.50 -16.60
C THR C 221 51.98 -13.11 -17.06
N GLU C 222 51.17 -12.10 -16.70
CA GLU C 222 51.41 -10.73 -17.13
C GLU C 222 52.39 -9.98 -16.25
N ASP C 223 52.76 -10.52 -15.10
CA ASP C 223 53.69 -9.86 -14.19
C ASP C 223 55.10 -10.41 -14.28
N GLY C 224 55.39 -11.25 -15.28
CA GLY C 224 56.73 -11.72 -15.55
C GLY C 224 57.07 -13.08 -14.99
N ARG C 225 56.32 -13.55 -13.99
CA ARG C 225 56.60 -14.86 -13.41
C ARG C 225 56.27 -15.96 -14.42
N ALA C 226 57.17 -16.94 -14.53
CA ALA C 226 57.05 -17.99 -15.53
C ALA C 226 57.28 -19.36 -14.89
N TRP C 227 56.65 -20.36 -15.49
CA TRP C 227 56.82 -21.76 -15.12
C TRP C 227 57.24 -22.57 -16.34
N ILE C 228 58.09 -23.56 -16.11
CA ILE C 228 58.49 -24.53 -17.14
C ILE C 228 58.31 -25.93 -16.60
N LEU C 229 57.59 -26.77 -17.33
CA LEU C 229 57.47 -28.18 -16.99
C LEU C 229 58.44 -28.98 -17.84
N THR C 230 59.28 -29.76 -17.17
CA THR C 230 60.30 -30.64 -17.73
C THR C 230 59.97 -32.09 -17.36
N ASP C 231 60.92 -32.98 -17.63
CA ASP C 231 60.77 -34.37 -17.21
C ASP C 231 60.64 -34.47 -15.70
N SER C 232 61.39 -33.66 -14.97
CA SER C 232 61.26 -33.55 -13.52
C SER C 232 60.07 -32.63 -13.20
N GLY C 233 59.99 -32.19 -11.95
CA GLY C 233 58.88 -31.35 -11.53
C GLY C 233 58.92 -29.97 -12.18
N ILE C 234 57.84 -29.21 -11.94
CA ILE C 234 57.70 -27.88 -12.48
C ILE C 234 58.74 -26.95 -11.85
N TYR C 235 59.32 -26.07 -12.67
CA TYR C 235 60.27 -25.06 -12.22
C TYR C 235 59.65 -23.68 -12.37
N GLN C 236 59.97 -22.80 -11.42
CA GLN C 236 59.38 -21.47 -11.33
C GLN C 236 60.46 -20.42 -11.32
N SER C 237 60.22 -19.29 -12.00
CA SER C 237 61.14 -18.17 -11.98
C SER C 237 60.37 -16.86 -12.06
N ASP C 238 61.06 -15.79 -11.67
CA ASP C 238 60.55 -14.44 -11.81
C ASP C 238 61.42 -13.58 -12.72
N ASP C 239 62.53 -14.12 -13.24
CA ASP C 239 63.42 -13.36 -14.10
C ASP C 239 63.93 -14.16 -15.28
N PHE C 240 63.38 -15.35 -15.55
CA PHE C 240 63.75 -16.25 -16.63
C PHE C 240 65.18 -16.78 -16.50
N THR C 241 65.86 -16.50 -15.39
CA THR C 241 67.25 -16.93 -15.20
C THR C 241 67.42 -17.86 -14.01
N ASN C 242 66.88 -17.50 -12.85
CA ASN C 242 67.03 -18.30 -11.63
C ASN C 242 65.76 -19.11 -11.43
N TRP C 243 65.89 -20.44 -11.51
CA TRP C 243 64.75 -21.35 -11.49
C TRP C 243 64.77 -22.19 -10.22
N SER C 244 63.63 -22.27 -9.54
CA SER C 244 63.48 -23.05 -8.32
C SER C 244 62.53 -24.20 -8.59
N LEU C 245 62.87 -25.38 -8.06
CA LEU C 245 62.03 -26.56 -8.24
C LEU C 245 60.80 -26.45 -7.35
N LEU C 246 59.63 -26.43 -7.98
CA LEU C 246 58.38 -26.39 -7.22
C LEU C 246 58.10 -27.76 -6.63
N PRO C 247 57.91 -27.88 -5.31
CA PRO C 247 57.66 -29.19 -4.73
C PRO C 247 56.29 -29.74 -5.10
N SER C 248 56.25 -31.02 -5.42
CA SER C 248 55.01 -31.70 -5.77
C SER C 248 55.23 -33.20 -5.64
N GLU C 249 54.13 -33.95 -5.71
CA GLU C 249 54.20 -35.40 -5.68
C GLU C 249 53.56 -36.05 -6.89
N VAL C 250 52.45 -35.49 -7.38
CA VAL C 250 51.73 -36.06 -8.52
C VAL C 250 52.51 -35.77 -9.79
N PRO C 251 52.90 -36.79 -10.56
CA PRO C 251 53.64 -36.54 -11.79
C PRO C 251 52.76 -35.93 -12.86
N VAL C 252 52.94 -34.64 -13.11
CA VAL C 252 52.12 -33.93 -14.08
C VAL C 252 52.45 -34.45 -15.48
N THR C 253 51.45 -34.43 -16.36
CA THR C 253 51.64 -34.79 -17.76
C THR C 253 51.75 -33.58 -18.67
N THR C 254 50.97 -32.53 -18.43
CA THR C 254 51.15 -31.31 -19.21
C THR C 254 50.76 -30.08 -18.40
N LEU C 255 51.48 -28.98 -18.65
CA LEU C 255 51.19 -27.65 -18.10
C LEU C 255 50.40 -26.85 -19.12
N LEU C 256 49.09 -26.72 -18.86
CA LEU C 256 48.21 -26.03 -19.80
C LEU C 256 48.45 -24.51 -19.77
N GLY C 257 48.45 -23.92 -18.58
CA GLY C 257 48.61 -22.49 -18.50
C GLY C 257 48.66 -22.03 -17.05
N ALA C 258 48.84 -20.72 -16.89
CA ALA C 258 48.97 -20.11 -15.57
C ALA C 258 48.09 -18.88 -15.49
N MET C 259 47.47 -18.69 -14.32
CA MET C 259 46.64 -17.53 -14.05
C MET C 259 47.15 -16.88 -12.76
N ALA C 260 46.62 -15.69 -12.49
CA ALA C 260 46.93 -14.96 -11.26
C ALA C 260 45.65 -14.44 -10.63
N TRP C 261 44.62 -15.29 -10.55
CA TRP C 261 43.31 -14.77 -10.17
C TRP C 261 43.20 -14.46 -8.68
N PRO C 262 43.41 -15.41 -7.76
CA PRO C 262 43.30 -15.06 -6.34
C PRO C 262 44.38 -14.05 -5.97
N GLN C 263 43.95 -12.89 -5.48
CA GLN C 263 44.83 -11.73 -5.33
C GLN C 263 46.07 -12.07 -4.54
N GLY C 264 47.24 -12.01 -5.19
CA GLY C 264 48.50 -12.41 -4.59
C GLY C 264 48.88 -13.86 -4.83
N SER C 265 47.98 -14.67 -5.37
CA SER C 265 48.26 -16.07 -5.64
C SER C 265 48.51 -16.28 -7.14
N HIS C 266 48.72 -17.53 -7.54
CA HIS C 266 48.97 -17.87 -8.93
C HIS C 266 48.37 -19.24 -9.21
N THR C 267 47.16 -19.25 -9.76
CA THR C 267 46.54 -20.51 -10.18
C THR C 267 47.31 -21.10 -11.36
N LEU C 268 47.46 -22.42 -11.36
CA LEU C 268 48.30 -23.11 -12.34
C LEU C 268 47.54 -24.32 -12.85
N ALA C 269 46.99 -24.22 -14.06
CA ALA C 269 46.17 -25.29 -14.63
C ALA C 269 47.07 -26.41 -15.17
N LEU C 270 46.72 -27.64 -14.82
CA LEU C 270 47.54 -28.82 -15.08
C LEU C 270 46.66 -29.95 -15.59
N LEU C 271 47.28 -30.87 -16.34
CA LEU C 271 46.60 -32.11 -16.71
C LEU C 271 47.48 -33.27 -16.28
N ALA C 272 46.94 -34.09 -15.38
CA ALA C 272 47.65 -35.18 -14.73
C ALA C 272 46.98 -36.51 -15.08
N GLU C 273 47.65 -37.60 -14.69
CA GLU C 273 47.19 -38.94 -15.01
C GLU C 273 46.82 -39.65 -13.71
N LYS C 274 45.53 -39.89 -13.52
CA LYS C 274 45.00 -40.63 -12.38
C LYS C 274 44.46 -41.96 -12.87
N GLU C 275 44.81 -43.04 -12.16
CA GLU C 275 44.57 -44.44 -12.55
C GLU C 275 45.02 -44.73 -13.98
N GLY C 276 44.11 -44.63 -14.95
CA GLY C 276 44.38 -44.84 -16.35
C GLY C 276 43.61 -43.85 -17.20
N SER C 277 43.33 -42.68 -16.64
CA SER C 277 42.65 -41.60 -17.34
C SER C 277 43.34 -40.28 -17.00
N LEU C 278 42.95 -39.24 -17.72
CA LEU C 278 43.53 -37.91 -17.57
C LEU C 278 42.53 -36.99 -16.88
N PHE C 279 43.01 -36.27 -15.88
CA PHE C 279 42.17 -35.36 -15.11
C PHE C 279 42.79 -33.97 -15.08
N PHE C 280 41.92 -32.96 -15.09
CA PHE C 280 42.34 -31.59 -14.85
C PHE C 280 42.74 -31.41 -13.39
N ALA C 281 43.66 -30.48 -13.15
CA ALA C 281 44.17 -30.25 -11.81
C ALA C 281 44.59 -28.79 -11.69
N THR C 282 44.66 -28.32 -10.45
CA THR C 282 45.13 -26.98 -10.16
C THR C 282 46.24 -27.05 -9.14
N ASN C 283 47.18 -26.11 -9.24
CA ASN C 283 48.34 -26.02 -8.35
C ASN C 283 48.39 -24.63 -7.72
N ILE C 284 47.25 -24.20 -7.18
CA ILE C 284 47.13 -22.88 -6.59
C ILE C 284 48.00 -22.81 -5.34
N ASP C 285 49.06 -22.01 -5.40
CA ASP C 285 50.00 -21.79 -4.29
C ASP C 285 50.55 -23.11 -3.75
N GLY C 286 50.97 -23.98 -4.67
CA GLY C 286 51.58 -25.24 -4.30
C GLY C 286 50.59 -26.33 -3.93
N ILE C 287 49.40 -25.94 -3.48
CA ILE C 287 48.39 -26.91 -3.09
C ILE C 287 47.83 -27.58 -4.33
N HIS C 288 47.81 -28.91 -4.31
CA HIS C 288 47.35 -29.71 -5.45
C HIS C 288 45.91 -30.15 -5.23
N SER C 289 45.17 -30.25 -6.32
CA SER C 289 43.77 -30.66 -6.25
C SER C 289 43.40 -31.40 -7.54
N TRP C 290 42.35 -32.21 -7.45
CA TRP C 290 41.83 -32.95 -8.59
C TRP C 290 40.49 -32.38 -9.02
N GLN C 291 40.22 -32.48 -10.31
CA GLN C 291 39.05 -31.85 -10.93
C GLN C 291 38.41 -32.84 -11.89
N GLU C 292 37.57 -32.33 -12.78
CA GLU C 292 36.78 -33.15 -13.68
C GLU C 292 37.67 -33.98 -14.60
N GLN C 293 37.06 -34.95 -15.28
CA GLN C 293 37.77 -35.83 -16.18
C GLN C 293 37.86 -35.19 -17.57
N ALA C 294 39.05 -35.22 -18.14
CA ALA C 294 39.28 -34.60 -19.43
C ALA C 294 38.54 -35.36 -20.53
N PRO C 295 37.93 -34.66 -21.48
CA PRO C 295 37.33 -35.34 -22.63
C PRO C 295 38.40 -35.96 -23.51
N GLU C 296 37.97 -36.93 -24.34
CA GLU C 296 38.91 -37.73 -25.11
C GLU C 296 39.55 -36.96 -26.26
N THR C 297 38.94 -35.84 -26.68
CA THR C 297 39.48 -35.03 -27.77
C THR C 297 40.39 -33.92 -27.28
N PHE C 298 40.74 -33.92 -25.99
CA PHE C 298 41.55 -32.84 -25.44
C PHE C 298 43.02 -33.04 -25.81
N PRO C 299 43.69 -32.02 -26.35
CA PRO C 299 45.10 -32.18 -26.71
C PRO C 299 46.00 -32.27 -25.49
N VAL C 300 47.17 -32.87 -25.70
CA VAL C 300 48.14 -33.04 -24.63
C VAL C 300 49.50 -32.50 -25.04
N ARG C 301 49.69 -32.23 -26.33
CA ARG C 301 51.00 -31.83 -26.84
C ARG C 301 50.84 -30.86 -28.00
N ASN C 302 51.85 -30.00 -28.17
CA ASN C 302 51.98 -29.13 -29.34
C ASN C 302 50.76 -28.24 -29.54
N PHE C 303 50.27 -27.65 -28.46
CA PHE C 303 49.14 -26.73 -28.50
C PHE C 303 49.61 -25.33 -28.14
N SER C 304 48.83 -24.34 -28.58
CA SER C 304 49.14 -22.93 -28.33
C SER C 304 48.17 -22.37 -27.30
N THR C 305 48.72 -21.75 -26.26
CA THR C 305 47.91 -21.18 -25.19
C THR C 305 48.02 -19.66 -25.19
N GLN C 306 47.04 -19.03 -24.55
CA GLN C 306 47.03 -17.58 -24.44
C GLN C 306 46.18 -17.20 -23.22
N LEU C 307 46.58 -16.13 -22.55
CA LEU C 307 45.90 -15.63 -21.37
C LEU C 307 45.32 -14.26 -21.68
N TYR C 308 44.02 -14.10 -21.47
CA TYR C 308 43.35 -12.83 -21.74
C TYR C 308 42.42 -12.52 -20.58
N LYS C 309 41.63 -11.47 -20.73
CA LYS C 309 40.75 -10.99 -19.68
C LYS C 309 39.37 -10.69 -20.23
N ALA C 310 38.34 -11.07 -19.47
CA ALA C 310 36.96 -10.79 -19.86
C ALA C 310 36.09 -10.81 -18.62
N ASN C 311 35.09 -9.92 -18.59
CA ASN C 311 34.15 -9.82 -17.48
C ASN C 311 34.86 -9.67 -16.14
N ASN C 312 35.92 -8.85 -16.14
CA ASN C 312 36.74 -8.60 -14.95
C ASN C 312 37.31 -9.90 -14.39
N HIS C 313 37.70 -10.82 -15.28
CA HIS C 313 38.17 -12.12 -14.84
C HIS C 313 39.21 -12.64 -15.82
N PRO C 314 40.34 -13.15 -15.35
CA PRO C 314 41.30 -13.79 -16.26
C PRO C 314 40.72 -15.07 -16.86
N MET C 315 41.10 -15.32 -18.12
CA MET C 315 40.62 -16.47 -18.86
C MET C 315 41.75 -17.04 -19.70
N LEU C 316 41.67 -18.34 -19.99
CA LEU C 316 42.66 -19.04 -20.79
C LEU C 316 42.02 -19.57 -22.07
N ARG C 317 42.75 -19.42 -23.18
CA ARG C 317 42.34 -19.90 -24.49
C ARG C 317 43.42 -20.84 -25.02
N LEU C 318 42.99 -21.98 -25.56
CA LEU C 318 43.91 -23.03 -26.02
C LEU C 318 43.47 -23.47 -27.40
N VAL C 319 44.42 -23.55 -28.33
CA VAL C 319 44.17 -23.82 -29.73
C VAL C 319 45.08 -24.93 -30.21
N GLY C 320 44.52 -25.86 -30.99
CA GLY C 320 45.29 -26.88 -31.66
C GLY C 320 45.81 -27.95 -30.70
N GLY C 321 46.78 -28.70 -31.20
CA GLY C 321 47.44 -29.74 -30.43
C GLY C 321 47.25 -31.11 -31.04
N VAL C 322 47.70 -32.11 -30.29
CA VAL C 322 47.60 -33.52 -30.68
C VAL C 322 46.86 -34.25 -29.57
N THR C 323 45.84 -35.02 -29.94
CA THR C 323 45.04 -35.74 -28.97
C THR C 323 45.87 -36.81 -28.27
N HIS C 324 45.26 -37.40 -27.23
CA HIS C 324 45.94 -38.45 -26.47
C HIS C 324 46.19 -39.67 -27.33
N THR C 325 45.24 -40.01 -28.21
CA THR C 325 45.44 -41.14 -29.11
C THR C 325 46.59 -40.90 -30.07
N GLY C 326 46.67 -39.69 -30.63
CA GLY C 326 47.70 -39.36 -31.59
C GLY C 326 47.20 -38.53 -32.75
N ALA C 327 45.88 -38.57 -32.99
CA ALA C 327 45.30 -37.77 -34.05
C ALA C 327 45.33 -36.29 -33.67
N PRO C 328 45.42 -35.40 -34.65
CA PRO C 328 45.37 -33.96 -34.35
C PRO C 328 43.97 -33.54 -33.89
N ALA C 329 43.93 -32.47 -33.11
CA ALA C 329 42.70 -31.88 -32.62
C ALA C 329 42.48 -30.53 -33.28
N THR C 330 41.23 -30.24 -33.63
CA THR C 330 40.87 -29.05 -34.40
C THR C 330 39.79 -28.25 -33.67
N SER C 331 39.99 -28.03 -32.36
CA SER C 331 39.01 -27.32 -31.54
C SER C 331 39.71 -26.30 -30.68
N VAL C 332 38.94 -25.31 -30.23
CA VAL C 332 39.41 -24.24 -29.36
C VAL C 332 38.74 -24.40 -28.01
N TRP C 333 39.55 -24.50 -26.95
CA TRP C 333 39.07 -24.75 -25.59
C TRP C 333 39.39 -23.55 -24.72
N ILE C 334 38.39 -23.05 -24.01
CA ILE C 334 38.61 -21.91 -23.12
C ILE C 334 38.21 -22.31 -21.71
N THR C 335 38.75 -21.57 -20.73
CA THR C 335 38.45 -21.84 -19.33
C THR C 335 38.62 -20.57 -18.50
N SER C 336 38.08 -20.60 -17.29
CA SER C 336 38.14 -19.48 -16.37
C SER C 336 38.79 -19.81 -15.03
N ASN C 337 38.84 -21.08 -14.63
CA ASN C 337 39.42 -21.45 -13.35
C ASN C 337 40.35 -22.65 -13.39
N GLY C 338 40.41 -23.38 -14.51
CA GLY C 338 41.23 -24.56 -14.60
C GLY C 338 40.58 -25.84 -14.12
N ASN C 339 39.38 -25.76 -13.54
CA ASN C 339 38.69 -26.96 -13.10
C ASN C 339 38.16 -27.77 -14.28
N ASP C 340 37.66 -27.07 -15.31
CA ASP C 340 37.09 -27.75 -16.46
C ASP C 340 37.21 -26.83 -17.67
N TRP C 341 37.20 -27.45 -18.85
CA TRP C 341 37.33 -26.75 -20.12
C TRP C 341 36.15 -27.12 -21.02
N PHE C 342 35.81 -26.20 -21.92
CA PHE C 342 34.77 -26.49 -22.92
C PHE C 342 35.20 -25.94 -24.27
N GLY C 343 34.76 -26.61 -25.32
CA GLY C 343 35.10 -26.24 -26.68
C GLY C 343 34.03 -25.35 -27.30
N LEU C 344 34.46 -24.49 -28.21
CA LEU C 344 33.56 -23.58 -28.91
C LEU C 344 32.96 -24.26 -30.14
N ASP C 345 31.85 -23.71 -30.61
CA ASP C 345 31.17 -24.21 -31.80
C ASP C 345 31.72 -23.47 -33.01
N LEU C 346 32.75 -24.03 -33.62
CA LEU C 346 33.41 -23.37 -34.74
C LEU C 346 32.70 -23.69 -36.05
N ALA C 347 33.28 -23.24 -37.16
CA ALA C 347 32.78 -23.56 -38.49
C ALA C 347 33.27 -24.94 -38.89
N ALA C 348 33.10 -25.28 -40.16
CA ALA C 348 33.49 -26.60 -40.68
C ALA C 348 35.00 -26.64 -40.84
N GLY C 349 35.68 -27.02 -39.79
CA GLY C 349 37.13 -27.20 -39.84
C GLY C 349 37.91 -25.94 -40.13
N ALA C 350 37.54 -24.82 -39.49
CA ALA C 350 38.27 -23.58 -39.68
C ALA C 350 39.70 -23.69 -39.15
N ILE C 351 39.86 -24.32 -37.99
CA ILE C 351 41.19 -24.44 -37.37
C ILE C 351 42.02 -25.46 -38.16
N PRO C 352 43.22 -25.12 -38.59
CA PRO C 352 44.06 -26.09 -39.29
C PRO C 352 44.44 -27.25 -38.38
N ALA C 353 44.59 -28.43 -38.99
CA ALA C 353 45.00 -29.64 -38.29
C ALA C 353 46.51 -29.81 -38.44
N SER C 354 47.23 -29.79 -37.32
CA SER C 354 48.68 -29.87 -37.34
C SER C 354 49.13 -30.97 -36.39
N MET C 355 50.23 -31.61 -36.77
CA MET C 355 50.86 -32.64 -35.95
C MET C 355 51.97 -32.09 -35.05
N GLU C 356 52.22 -30.78 -35.10
CA GLU C 356 53.28 -30.18 -34.31
C GLU C 356 52.85 -28.80 -33.84
N LYS C 357 53.78 -28.13 -33.15
CA LYS C 357 53.48 -26.86 -32.50
C LYS C 357 53.10 -25.80 -33.51
N GLY C 358 52.03 -25.07 -33.19
CA GLY C 358 51.59 -23.93 -33.97
C GLY C 358 52.12 -22.63 -33.39
N ALA C 359 51.39 -21.54 -33.65
CA ALA C 359 51.76 -20.24 -33.12
C ALA C 359 50.51 -19.36 -33.07
N LEU C 360 50.16 -18.90 -31.88
CA LEU C 360 49.01 -18.04 -31.67
C LEU C 360 49.50 -16.65 -31.30
N VAL C 361 49.10 -15.65 -32.09
CA VAL C 361 49.51 -14.27 -31.87
C VAL C 361 48.27 -13.37 -31.83
N GLN C 362 48.44 -12.21 -31.21
CA GLN C 362 47.35 -11.25 -31.01
C GLN C 362 47.85 -9.85 -31.27
N THR C 363 47.09 -9.09 -32.06
CA THR C 363 47.34 -7.67 -32.22
C THR C 363 46.36 -6.91 -31.32
N PRO C 364 46.84 -6.24 -30.27
CA PRO C 364 45.90 -5.64 -29.30
C PRO C 364 45.28 -4.33 -29.74
N SER C 365 45.89 -3.62 -30.70
CA SER C 365 45.36 -2.34 -31.13
C SER C 365 43.99 -2.49 -31.77
N ASP C 366 43.82 -3.50 -32.61
CA ASP C 366 42.53 -3.83 -33.18
C ASP C 366 41.92 -5.08 -32.58
N GLY C 367 42.63 -5.73 -31.66
CA GLY C 367 42.13 -6.93 -31.00
C GLY C 367 41.91 -8.10 -31.94
N ASN C 368 42.86 -8.36 -32.83
CA ASN C 368 42.74 -9.43 -33.80
C ASN C 368 43.58 -10.62 -33.37
N LEU C 369 43.08 -11.83 -33.65
CA LEU C 369 43.76 -13.06 -33.28
C LEU C 369 44.16 -13.82 -34.52
N TYR C 370 45.38 -14.34 -34.54
CA TYR C 370 45.88 -15.11 -35.67
C TYR C 370 46.53 -16.40 -35.16
N TYR C 371 46.35 -17.48 -35.91
CA TYR C 371 46.92 -18.77 -35.55
C TYR C 371 47.52 -19.38 -36.79
N TYR C 372 48.83 -19.62 -36.75
CA TYR C 372 49.58 -20.23 -37.84
C TYR C 372 49.92 -21.67 -37.47
N ALA C 373 49.58 -22.60 -38.35
CA ALA C 373 49.85 -24.01 -38.13
C ALA C 373 50.39 -24.60 -39.42
N THR C 374 50.83 -25.86 -39.34
CA THR C 374 51.32 -26.58 -40.50
C THR C 374 50.29 -27.62 -40.91
N GLU C 375 49.82 -27.52 -42.15
CA GLU C 375 48.80 -28.41 -42.69
C GLU C 375 49.41 -29.27 -43.77
N GLN C 376 49.10 -30.57 -43.73
CA GLN C 376 49.58 -31.52 -44.73
C GLN C 376 48.58 -31.52 -45.88
N ALA C 377 48.75 -30.58 -46.80
CA ALA C 377 47.87 -30.43 -47.95
C ALA C 377 48.52 -31.07 -49.17
N GLU C 378 47.78 -31.96 -49.82
CA GLU C 378 48.22 -32.75 -50.99
C GLU C 378 49.66 -33.26 -50.83
N GLY C 379 49.95 -33.84 -49.66
CA GLY C 379 51.22 -34.46 -49.41
C GLY C 379 52.36 -33.48 -49.15
N ILE C 380 52.07 -32.20 -48.99
CA ILE C 380 53.08 -31.17 -48.78
C ILE C 380 52.73 -30.41 -47.51
N LYS C 381 53.73 -30.18 -46.67
CA LYS C 381 53.55 -29.40 -45.46
C LYS C 381 53.55 -27.92 -45.83
N ARG C 382 52.40 -27.26 -45.71
CA ARG C 382 52.27 -25.84 -45.94
C ARG C 382 51.89 -25.16 -44.64
N VAL C 383 51.89 -23.83 -44.66
CA VAL C 383 51.48 -23.03 -43.51
C VAL C 383 50.06 -22.55 -43.76
N ALA C 384 49.20 -22.76 -42.77
CA ALA C 384 47.81 -22.34 -42.83
C ALA C 384 47.53 -21.36 -41.70
N VAL C 385 46.68 -20.38 -41.99
CA VAL C 385 46.37 -19.30 -41.07
C VAL C 385 44.87 -19.30 -40.79
N ALA C 386 44.52 -19.20 -39.50
CA ALA C 386 43.15 -19.02 -39.06
C ALA C 386 43.08 -17.70 -38.29
N TYR C 387 42.19 -16.81 -38.71
CA TYR C 387 42.11 -15.48 -38.13
C TYR C 387 40.74 -15.26 -37.50
N SER C 388 40.72 -14.32 -36.55
CA SER C 388 39.48 -13.96 -35.86
C SER C 388 39.52 -12.48 -35.52
N THR C 389 38.37 -11.82 -35.67
CA THR C 389 38.24 -10.41 -35.37
C THR C 389 37.18 -10.13 -34.32
N ASP C 390 36.46 -11.15 -33.84
CA ASP C 390 35.43 -10.97 -32.83
C ASP C 390 35.92 -11.34 -31.43
N LYS C 391 37.21 -11.14 -31.17
CA LYS C 391 37.82 -11.46 -29.88
C LYS C 391 37.66 -12.94 -29.52
N GLY C 392 37.78 -13.80 -30.52
CA GLY C 392 37.73 -15.23 -30.31
C GLY C 392 36.34 -15.84 -30.30
N ILE C 393 35.29 -15.05 -30.52
CA ILE C 393 33.94 -15.61 -30.57
C ILE C 393 33.77 -16.51 -31.79
N THR C 394 34.23 -16.04 -32.95
CA THR C 394 34.12 -16.78 -34.20
C THR C 394 35.48 -16.82 -34.89
N TRP C 395 35.74 -17.92 -35.60
CA TRP C 395 36.99 -18.09 -36.32
C TRP C 395 36.68 -18.49 -37.75
N LYS C 396 37.44 -17.96 -38.70
CA LYS C 396 37.26 -18.26 -40.11
C LYS C 396 38.61 -18.58 -40.73
N ARG C 397 38.63 -19.65 -41.54
CA ARG C 397 39.85 -20.01 -42.25
C ARG C 397 40.22 -18.94 -43.26
N GLY C 398 41.52 -18.67 -43.38
CA GLY C 398 42.02 -17.64 -44.26
C GLY C 398 42.78 -18.21 -45.45
N ALA C 399 43.08 -17.31 -46.39
CA ALA C 399 43.84 -17.66 -47.59
C ALA C 399 45.32 -17.48 -47.29
N ALA C 400 46.10 -18.55 -47.49
CA ALA C 400 47.52 -18.52 -47.14
C ALA C 400 48.30 -17.53 -48.00
N ASP C 401 47.99 -17.47 -49.30
CA ASP C 401 48.79 -16.66 -50.23
C ASP C 401 48.71 -15.18 -49.92
N ILE C 402 47.63 -14.74 -49.28
CA ILE C 402 47.46 -13.33 -48.96
C ILE C 402 47.98 -13.01 -47.57
N MET C 403 47.62 -13.83 -46.58
CA MET C 403 48.00 -13.54 -45.20
C MET C 403 49.49 -13.76 -44.98
N LEU C 404 49.99 -14.92 -45.37
CA LEU C 404 51.37 -15.28 -45.12
C LEU C 404 52.31 -14.48 -46.02
N PRO C 405 53.60 -14.40 -45.67
CA PRO C 405 54.57 -13.78 -46.58
C PRO C 405 54.68 -14.55 -47.89
N ALA C 406 55.41 -13.94 -48.82
CA ALA C 406 55.68 -14.54 -50.13
C ALA C 406 57.08 -15.11 -50.21
N ASP C 407 57.54 -15.74 -49.13
CA ASP C 407 58.90 -16.25 -49.05
C ASP C 407 59.14 -17.32 -50.11
N PRO C 408 60.13 -17.17 -50.98
CA PRO C 408 60.35 -18.16 -52.06
C PRO C 408 60.75 -19.53 -51.54
N PHE C 409 61.50 -19.59 -50.44
CA PHE C 409 61.97 -20.87 -49.92
C PHE C 409 60.84 -21.72 -49.36
N TYR C 410 59.73 -21.10 -48.97
CA TYR C 410 58.59 -21.81 -48.40
C TYR C 410 57.47 -22.02 -49.41
N THR C 411 57.71 -21.69 -50.68
CA THR C 411 56.71 -21.96 -51.71
C THR C 411 56.50 -23.46 -51.91
N VAL C 412 57.59 -24.23 -51.86
CA VAL C 412 57.51 -25.66 -52.11
C VAL C 412 57.20 -26.47 -50.85
N GLY C 413 57.37 -25.89 -49.67
CA GLY C 413 57.11 -26.62 -48.44
C GLY C 413 57.71 -25.90 -47.26
N TYR C 414 57.50 -26.50 -46.08
CA TYR C 414 57.98 -25.95 -44.82
C TYR C 414 58.87 -27.00 -44.16
N PRO C 415 60.18 -26.98 -44.43
CA PRO C 415 61.05 -28.04 -43.91
C PRO C 415 61.15 -28.09 -42.39
N LEU C 416 60.99 -26.95 -41.71
CA LEU C 416 61.15 -26.92 -40.27
C LEU C 416 59.98 -27.64 -39.59
N PRO C 417 60.23 -28.28 -38.44
CA PRO C 417 59.16 -29.05 -37.77
C PRO C 417 58.31 -28.26 -36.79
N PHE C 418 58.35 -26.93 -36.85
CA PHE C 418 57.56 -26.10 -35.96
C PHE C 418 57.48 -24.69 -36.51
N VAL C 419 56.48 -23.94 -36.05
CA VAL C 419 56.23 -22.58 -36.48
C VAL C 419 56.29 -21.68 -35.25
N CYS C 420 57.08 -20.60 -35.33
CA CYS C 420 57.21 -19.64 -34.24
C CYS C 420 56.83 -18.25 -34.74
N ALA C 421 56.07 -17.53 -33.90
CA ALA C 421 55.62 -16.18 -34.22
C ALA C 421 55.26 -15.48 -32.93
N PHE C 422 55.61 -14.20 -32.83
CA PHE C 422 55.24 -13.39 -31.68
C PHE C 422 54.83 -12.00 -32.15
N ASP C 423 53.97 -11.36 -31.36
CA ASP C 423 53.46 -10.04 -31.71
C ASP C 423 54.40 -8.96 -31.20
N ASP C 424 53.98 -7.70 -31.38
CA ASP C 424 54.76 -6.55 -30.94
C ASP C 424 54.00 -5.63 -30.01
N GLY C 425 52.71 -5.41 -30.25
CA GLY C 425 51.92 -4.54 -29.40
C GLY C 425 51.03 -3.59 -30.17
N ALA C 426 51.36 -3.32 -31.43
CA ALA C 426 50.56 -2.38 -32.23
C ALA C 426 50.76 -2.72 -33.71
N TYR C 427 49.79 -3.41 -34.29
CA TYR C 427 49.71 -3.67 -35.73
C TYR C 427 50.98 -4.32 -36.27
N ASN C 428 51.62 -5.18 -35.49
CA ASN C 428 52.91 -5.73 -35.89
C ASN C 428 53.03 -7.16 -35.40
N ILE C 429 53.43 -8.06 -36.31
CA ILE C 429 53.66 -9.47 -36.00
C ILE C 429 55.01 -9.85 -36.58
N TYR C 430 55.68 -10.80 -35.91
CA TYR C 430 56.96 -11.32 -36.35
C TYR C 430 56.82 -12.80 -36.68
N GLN C 431 57.42 -13.21 -37.80
CA GLN C 431 57.19 -14.50 -38.43
C GLN C 431 58.54 -15.20 -38.64
N LEU C 432 59.28 -15.38 -37.54
CA LEU C 432 60.61 -16.01 -37.55
C LEU C 432 60.69 -17.19 -38.51
N GLY C 433 61.71 -17.16 -39.36
CA GLY C 433 61.91 -18.17 -40.38
C GLY C 433 61.84 -17.66 -41.79
N GLY C 434 63.00 -17.52 -42.42
CA GLY C 434 63.09 -17.27 -43.84
C GLY C 434 63.59 -18.48 -44.60
N VAL C 435 64.63 -19.14 -44.08
CA VAL C 435 65.15 -20.38 -44.62
C VAL C 435 65.43 -21.34 -43.47
N SER C 436 65.95 -22.52 -43.81
CA SER C 436 66.30 -23.53 -42.81
C SER C 436 67.66 -23.29 -42.16
N SER C 437 68.34 -22.20 -42.54
CA SER C 437 69.66 -21.83 -42.02
C SER C 437 70.68 -22.93 -42.26
N SER C 438 71.80 -22.87 -41.54
CA SER C 438 72.87 -23.87 -41.68
C SER C 438 72.46 -25.11 -40.90
N GLY C 439 71.68 -25.98 -41.56
CA GLY C 439 71.18 -27.17 -40.92
C GLY C 439 69.73 -27.05 -40.50
N THR C 440 69.50 -26.85 -39.21
CA THR C 440 68.17 -26.72 -38.64
C THR C 440 67.93 -25.26 -38.21
N PHE C 441 66.73 -25.03 -37.69
CA PHE C 441 66.30 -23.75 -37.12
C PHE C 441 66.22 -22.62 -38.13
N PHE C 442 65.51 -21.56 -37.76
CA PHE C 442 65.28 -20.43 -38.65
C PHE C 442 66.53 -19.58 -38.78
N SER C 443 66.52 -18.67 -39.74
CA SER C 443 67.60 -17.72 -39.94
C SER C 443 67.12 -16.28 -40.01
N SER C 444 65.98 -16.02 -40.65
CA SER C 444 65.54 -14.68 -40.96
C SER C 444 64.22 -14.38 -40.24
N ILE C 445 63.90 -13.09 -40.17
CA ILE C 445 62.71 -12.59 -39.49
C ILE C 445 61.88 -11.79 -40.48
N TRP C 446 60.58 -12.05 -40.50
CA TRP C 446 59.62 -11.32 -41.31
C TRP C 446 58.71 -10.50 -40.40
N LYS C 447 58.55 -9.22 -40.71
CA LYS C 447 57.65 -8.33 -39.99
C LYS C 447 56.46 -7.99 -40.89
N GLY C 448 55.25 -8.17 -40.37
CA GLY C 448 54.05 -8.00 -41.16
C GLY C 448 53.06 -7.08 -40.50
N ILE C 449 52.28 -6.39 -41.34
CA ILE C 449 51.26 -5.46 -40.91
C ILE C 449 50.01 -5.69 -41.76
N LEU C 450 48.84 -5.73 -41.13
CA LEU C 450 47.60 -5.66 -41.89
C LEU C 450 47.53 -4.38 -42.70
N LYS C 451 47.23 -4.52 -43.99
CA LYS C 451 47.15 -3.37 -44.89
C LYS C 451 46.06 -2.39 -44.47
N LEU C 452 44.89 -2.91 -44.08
CA LEU C 452 43.81 -2.03 -43.64
C LEU C 452 44.29 -1.10 -42.54
N ASN C 453 45.18 -1.58 -41.68
CA ASN C 453 45.77 -0.81 -40.60
C ASN C 453 47.23 -0.46 -40.87
N GLU C 454 47.60 -0.30 -42.15
CA GLU C 454 48.96 0.15 -42.48
C GLU C 454 49.26 1.48 -41.83
N ASN C 455 48.33 2.42 -41.92
CA ASN C 455 48.50 3.74 -41.34
C ASN C 455 47.60 3.89 -40.12
N GLU D 31 -18.33 12.94 -28.19
CA GLU D 31 -17.65 11.91 -27.41
C GLU D 31 -16.15 11.87 -27.76
N GLU D 32 -15.76 10.94 -28.64
CA GLU D 32 -14.35 10.88 -29.04
C GLU D 32 -13.94 12.12 -29.82
N LYS D 33 -14.87 12.74 -30.56
CA LYS D 33 -14.57 13.98 -31.25
C LYS D 33 -14.22 15.08 -30.25
N GLN D 34 -14.99 15.17 -29.16
CA GLN D 34 -14.64 16.09 -28.08
C GLN D 34 -13.31 15.72 -27.45
N ARG D 35 -12.97 14.43 -27.42
CA ARG D 35 -11.66 14.00 -26.92
C ARG D 35 -10.53 14.50 -27.82
N ARG D 36 -10.71 14.42 -29.13
CA ARG D 36 -9.69 14.97 -30.02
C ARG D 36 -9.60 16.47 -29.85
N HIS D 37 -10.76 17.12 -29.67
CA HIS D 37 -10.77 18.57 -29.59
C HIS D 37 -10.07 19.07 -28.33
N ASP D 38 -10.31 18.43 -27.18
CA ASP D 38 -9.63 18.93 -25.98
C ASP D 38 -8.17 18.52 -25.98
N ASN D 39 -7.82 17.39 -26.59
CA ASN D 39 -6.40 17.04 -26.73
C ASN D 39 -5.66 18.11 -27.54
N GLU D 40 -6.20 18.48 -28.70
CA GLU D 40 -5.51 19.47 -29.52
C GLU D 40 -5.55 20.86 -28.90
N VAL D 41 -6.62 21.23 -28.19
CA VAL D 41 -6.62 22.56 -27.57
C VAL D 41 -5.57 22.60 -26.46
N ALA D 42 -5.40 21.50 -25.71
CA ALA D 42 -4.37 21.47 -24.67
C ALA D 42 -2.98 21.54 -25.27
N PHE D 43 -2.67 20.67 -26.25
CA PHE D 43 -1.38 20.70 -26.92
C PHE D 43 -1.06 22.11 -27.41
N ASN D 44 -2.04 22.76 -28.06
CA ASN D 44 -1.81 24.09 -28.58
C ASN D 44 -1.52 25.09 -27.46
N ALA D 45 -2.22 24.97 -26.33
CA ALA D 45 -1.88 25.80 -25.18
C ALA D 45 -0.43 25.58 -24.72
N TYR D 46 0.12 24.40 -24.92
CA TYR D 46 1.50 24.20 -24.49
C TYR D 46 2.51 24.96 -25.34
N ALA D 47 2.04 25.71 -26.34
CA ALA D 47 2.95 26.58 -27.09
C ALA D 47 3.14 27.88 -26.33
N ASP D 48 2.07 28.67 -26.20
CA ASP D 48 2.14 29.99 -25.58
C ASP D 48 2.64 29.90 -24.15
N SER D 49 2.72 28.68 -23.61
CA SER D 49 3.13 28.48 -22.23
C SER D 49 4.62 28.75 -22.09
N THR D 50 5.03 29.97 -22.44
CA THR D 50 6.39 30.38 -22.72
C THR D 50 7.41 29.80 -21.76
N ASN D 51 8.31 28.98 -22.30
CA ASN D 51 9.22 28.11 -21.57
C ASN D 51 9.61 27.04 -22.55
N PHE D 52 8.61 26.57 -23.30
CA PHE D 52 8.78 25.35 -24.09
C PHE D 52 8.80 25.80 -25.54
N LYS D 53 9.99 25.77 -26.13
CA LYS D 53 10.16 26.16 -27.54
C LYS D 53 9.64 25.05 -28.45
N LYS D 54 9.21 25.42 -29.66
CA LYS D 54 8.82 24.43 -30.64
C LYS D 54 10.02 23.98 -31.46
N VAL D 55 10.01 22.73 -31.91
CA VAL D 55 11.14 22.23 -32.70
C VAL D 55 10.63 21.30 -33.81
N SER D 56 11.45 21.13 -34.85
CA SER D 56 11.16 20.18 -35.91
C SER D 56 12.46 19.70 -36.58
N VAL D 57 12.37 18.53 -37.21
CA VAL D 57 13.46 18.01 -38.03
C VAL D 57 13.36 18.60 -39.42
N ASP D 58 14.49 18.61 -40.14
CA ASP D 58 14.55 19.17 -41.48
C ASP D 58 13.56 18.47 -42.42
N GLY D 59 12.86 19.27 -43.21
CA GLY D 59 11.91 18.74 -44.19
C GLY D 59 10.70 18.03 -43.60
N SER D 60 10.08 18.60 -42.58
CA SER D 60 8.90 18.01 -41.96
C SER D 60 8.05 19.10 -41.32
N THR D 61 6.79 19.23 -41.76
CA THR D 61 5.84 20.11 -41.07
C THR D 61 5.56 19.68 -39.64
N ALA D 62 5.83 18.42 -39.30
CA ALA D 62 5.57 17.93 -37.95
C ALA D 62 6.46 18.68 -36.95
N TYR D 63 5.91 18.95 -35.77
CA TYR D 63 6.59 19.75 -34.77
C TYR D 63 6.26 19.19 -33.39
N VAL D 64 7.21 19.33 -32.46
CA VAL D 64 7.01 18.86 -31.10
C VAL D 64 7.50 19.95 -30.15
N TYR D 65 6.70 20.24 -29.11
CA TYR D 65 7.01 21.33 -28.20
C TYR D 65 7.94 20.75 -27.14
N MET D 66 9.07 21.40 -26.86
CA MET D 66 10.08 20.79 -25.99
C MET D 66 10.77 21.85 -25.13
N ARG D 67 11.43 21.39 -24.06
CA ARG D 67 12.17 22.22 -23.13
C ARG D 67 13.63 21.77 -23.03
N TRP D 68 14.36 22.30 -22.04
CA TRP D 68 15.78 22.00 -21.85
C TRP D 68 16.13 21.93 -20.37
N ILE D 69 15.39 21.11 -19.60
CA ILE D 69 15.55 20.95 -18.14
C ILE D 69 17.02 20.93 -17.74
N THR D 70 17.79 20.12 -18.44
CA THR D 70 19.22 20.00 -18.23
C THR D 70 19.91 20.13 -19.56
N ASN D 71 21.13 20.66 -19.54
CA ASN D 71 21.95 20.79 -20.74
C ASN D 71 23.16 19.88 -20.62
N GLY D 72 23.41 19.09 -21.67
CA GLY D 72 24.50 18.15 -21.67
C GLY D 72 25.72 18.67 -22.44
N THR D 73 26.75 17.83 -22.49
CA THR D 73 28.00 18.14 -23.17
C THR D 73 28.17 17.20 -24.35
N GLY D 74 28.54 17.75 -25.49
CA GLY D 74 28.74 16.99 -26.71
C GLY D 74 28.09 17.69 -27.90
N THR D 75 28.54 17.30 -29.09
CA THR D 75 28.02 17.84 -30.34
C THR D 75 27.73 16.71 -31.31
N GLU D 76 27.08 15.66 -30.83
CA GLU D 76 26.72 14.50 -31.66
C GLU D 76 25.24 14.19 -31.50
N HIS D 77 24.45 14.60 -32.48
CA HIS D 77 23.04 14.29 -32.43
C HIS D 77 22.79 12.88 -32.97
N PRO D 78 21.80 12.18 -32.41
CA PRO D 78 21.42 10.87 -32.96
C PRO D 78 20.89 11.00 -34.38
N ILE D 79 21.12 9.95 -35.16
CA ILE D 79 20.71 9.91 -36.55
C ILE D 79 19.37 9.14 -36.60
N ALA D 80 18.64 9.31 -37.69
CA ALA D 80 17.32 8.70 -37.82
C ALA D 80 17.36 7.18 -37.73
N THR D 81 18.49 6.56 -38.02
CA THR D 81 18.65 5.11 -37.94
C THR D 81 19.51 4.68 -36.75
N SER D 82 19.67 5.54 -35.75
CA SER D 82 20.51 5.26 -34.60
C SER D 82 19.69 4.67 -33.47
N ARG D 83 20.32 3.80 -32.70
CA ARG D 83 19.73 3.23 -31.50
C ARG D 83 20.33 3.92 -30.28
N VAL D 84 19.47 4.41 -29.39
CA VAL D 84 19.90 5.17 -28.22
C VAL D 84 19.32 4.53 -26.97
N GLU D 85 20.11 4.47 -25.91
CA GLU D 85 19.63 3.99 -24.62
C GLU D 85 19.37 5.17 -23.71
N VAL D 86 18.20 5.18 -23.08
CA VAL D 86 17.66 6.33 -22.36
C VAL D 86 16.92 5.85 -21.11
N HIS D 87 16.60 6.83 -20.26
CA HIS D 87 15.60 6.70 -19.21
C HIS D 87 14.43 7.61 -19.56
N TYR D 88 13.22 7.06 -19.60
CA TYR D 88 12.07 7.80 -20.11
C TYR D 88 10.85 7.57 -19.26
N GLN D 89 9.96 8.56 -19.24
CA GLN D 89 8.62 8.42 -18.68
C GLN D 89 7.61 8.98 -19.68
N THR D 90 6.43 8.38 -19.70
CA THR D 90 5.38 8.74 -20.65
C THR D 90 4.11 9.10 -19.89
N TYR D 91 3.48 10.19 -20.29
CA TYR D 91 2.25 10.66 -19.68
C TYR D 91 1.24 11.03 -20.76
N ARG D 92 -0.04 10.94 -20.40
CA ARG D 92 -1.09 11.50 -21.24
C ARG D 92 -1.31 12.96 -20.87
N LEU D 93 -1.74 13.74 -21.87
CA LEU D 93 -2.00 15.13 -21.57
C LEU D 93 -3.30 15.25 -20.75
N VAL D 94 -4.28 14.38 -21.02
CA VAL D 94 -5.53 14.38 -20.28
C VAL D 94 -5.38 13.49 -19.04
N GLY D 95 -5.39 14.14 -17.87
CA GLY D 95 -5.30 13.45 -16.60
C GLY D 95 -3.90 13.20 -16.09
N ASN D 96 -2.89 13.28 -16.96
CA ASN D 96 -1.49 13.07 -16.59
C ASN D 96 -1.27 11.73 -15.89
N ILE D 97 -1.90 10.68 -16.42
CA ILE D 97 -1.75 9.34 -15.87
C ILE D 97 -0.49 8.70 -16.41
N MET D 98 0.36 8.21 -15.50
CA MET D 98 1.59 7.54 -15.91
C MET D 98 1.28 6.22 -16.61
N VAL D 99 1.86 6.02 -17.78
CA VAL D 99 1.60 4.83 -18.58
C VAL D 99 2.85 3.97 -18.73
N ASP D 100 4.02 4.58 -18.86
CA ASP D 100 5.25 3.82 -19.01
C ASP D 100 6.40 4.60 -18.39
N GLY D 101 7.42 3.88 -17.93
CA GLY D 101 8.57 4.50 -17.31
C GLY D 101 9.54 3.51 -16.73
N ASN D 102 10.85 3.76 -16.91
CA ASN D 102 11.89 2.90 -16.38
C ASN D 102 12.81 3.63 -15.41
N TYR D 103 12.34 4.73 -14.81
CA TYR D 103 13.21 5.54 -13.96
C TYR D 103 13.61 4.85 -12.67
N ASN D 104 12.87 3.83 -12.25
CA ASN D 104 13.27 3.06 -11.07
C ASN D 104 14.13 1.86 -11.44
N SER D 105 15.17 2.11 -12.24
CA SER D 105 16.16 1.11 -12.59
C SER D 105 17.43 1.83 -13.01
N GLU D 106 18.56 1.17 -12.81
CA GLU D 106 19.84 1.81 -13.03
C GLU D 106 20.35 1.67 -14.46
N LYS D 107 20.02 0.58 -15.12
CA LYS D 107 20.51 0.37 -16.48
C LYS D 107 19.55 0.98 -17.49
N PRO D 108 20.02 1.87 -18.36
CA PRO D 108 19.12 2.50 -19.34
C PRO D 108 18.57 1.49 -20.33
N ALA D 109 17.39 1.81 -20.87
CA ALA D 109 16.71 0.95 -21.83
C ALA D 109 17.01 1.41 -23.24
N ARG D 110 17.29 0.45 -24.13
CA ARG D 110 17.66 0.75 -25.50
C ARG D 110 16.42 0.84 -26.38
N ILE D 111 16.28 1.95 -27.10
CA ILE D 111 15.17 2.22 -27.99
C ILE D 111 15.73 2.63 -29.34
N THR D 112 15.09 2.16 -30.41
CA THR D 112 15.52 2.47 -31.76
C THR D 112 14.63 3.56 -32.34
N LEU D 113 15.24 4.50 -33.05
CA LEU D 113 14.45 5.55 -33.69
C LEU D 113 13.66 5.00 -34.87
N TYR D 114 14.37 4.52 -35.90
CA TYR D 114 13.71 3.91 -37.05
C TYR D 114 14.71 3.06 -37.80
N ARG D 115 14.43 1.76 -37.91
CA ARG D 115 15.18 0.86 -38.76
C ARG D 115 14.34 0.27 -39.88
N ASN D 116 13.12 -0.16 -39.56
CA ASN D 116 12.18 -0.70 -40.54
C ASN D 116 10.78 -0.55 -39.95
N GLU D 117 9.81 -1.20 -40.58
CA GLU D 117 8.43 -1.09 -40.10
C GLU D 117 8.16 -1.94 -38.86
N LYS D 118 9.05 -2.87 -38.52
CA LYS D 118 8.90 -3.65 -37.30
C LYS D 118 9.73 -3.08 -36.15
N ASP D 119 10.84 -2.42 -36.44
CA ASP D 119 11.74 -1.93 -35.42
C ASP D 119 11.71 -0.41 -35.58
N LYS D 120 10.94 0.28 -34.75
CA LYS D 120 10.80 1.74 -34.85
C LYS D 120 10.20 2.27 -33.56
N SER D 121 9.91 3.57 -33.55
CA SER D 121 9.21 4.24 -32.45
C SER D 121 8.30 5.30 -33.06
N ILE D 122 7.53 5.97 -32.20
CA ILE D 122 6.59 6.99 -32.69
C ILE D 122 7.38 8.17 -33.28
N THR D 123 6.71 8.89 -34.19
CA THR D 123 7.39 9.94 -34.95
C THR D 123 7.86 11.08 -34.05
N GLY D 124 7.04 11.49 -33.09
CA GLY D 124 7.43 12.57 -32.20
C GLY D 124 8.66 12.23 -31.38
N PHE D 125 8.80 10.96 -30.99
CA PHE D 125 9.99 10.51 -30.28
C PHE D 125 11.24 10.66 -31.15
N ARG D 126 11.14 10.31 -32.43
CA ARG D 126 12.26 10.50 -33.35
C ARG D 126 12.59 11.97 -33.51
N ILE D 127 11.56 12.81 -33.69
CA ILE D 127 11.81 14.25 -33.89
C ILE D 127 12.48 14.85 -32.66
N ALA D 128 12.05 14.44 -31.46
CA ALA D 128 12.65 14.99 -30.25
C ALA D 128 14.08 14.51 -30.07
N LEU D 129 14.34 13.22 -30.28
CA LEU D 129 15.68 12.70 -30.02
C LEU D 129 16.70 13.09 -31.08
N GLN D 130 16.25 13.48 -32.27
CA GLN D 130 17.21 13.90 -33.29
C GLN D 130 17.82 15.27 -33.00
N ASN D 131 17.30 16.00 -32.02
CA ASN D 131 17.79 17.33 -31.69
C ASN D 131 18.53 17.38 -30.36
N MET D 132 18.42 16.35 -29.54
CA MET D 132 19.06 16.32 -28.24
C MET D 132 20.54 15.97 -28.41
N VAL D 133 21.25 15.79 -27.29
CA VAL D 133 22.64 15.37 -27.31
C VAL D 133 22.90 14.67 -25.98
N ILE D 134 24.00 13.91 -25.92
CA ILE D 134 24.30 13.12 -24.74
C ILE D 134 24.40 14.01 -23.51
N GLY D 135 23.73 13.59 -22.44
CA GLY D 135 23.70 14.33 -21.19
C GLY D 135 22.44 15.15 -20.97
N ASP D 136 21.65 15.38 -22.02
CA ASP D 136 20.45 16.19 -21.89
C ASP D 136 19.37 15.44 -21.10
N GLU D 137 18.39 16.21 -20.63
CA GLU D 137 17.16 15.68 -20.07
C GLU D 137 16.06 16.65 -20.48
N CYS D 138 15.23 16.24 -21.44
CA CYS D 138 14.24 17.12 -22.04
C CYS D 138 12.83 16.59 -21.82
N GLU D 139 11.88 17.52 -21.80
CA GLU D 139 10.47 17.20 -21.73
C GLU D 139 9.81 17.71 -23.00
N PHE D 140 9.04 16.86 -23.66
CA PHE D 140 8.44 17.27 -24.93
C PHE D 140 7.01 16.74 -25.04
N ILE D 141 6.17 17.51 -25.74
CA ILE D 141 4.75 17.21 -25.89
C ILE D 141 4.49 16.81 -27.33
N VAL D 142 3.99 15.60 -27.54
CA VAL D 142 3.77 15.03 -28.87
C VAL D 142 2.26 14.98 -29.12
N PRO D 143 1.76 15.58 -30.20
CA PRO D 143 0.31 15.58 -30.43
C PRO D 143 -0.21 14.20 -30.81
N TRP D 144 -1.54 14.09 -30.95
CA TRP D 144 -2.15 12.77 -31.17
C TRP D 144 -1.74 12.19 -32.52
N TYR D 145 -1.66 13.02 -33.56
CA TYR D 145 -1.41 12.54 -34.91
C TYR D 145 0.05 12.17 -35.15
N LEU D 146 0.95 12.47 -34.20
CA LEU D 146 2.33 12.04 -34.29
C LEU D 146 2.66 10.87 -33.38
N ALA D 147 1.81 10.58 -32.40
CA ALA D 147 2.10 9.51 -31.45
C ALA D 147 1.46 8.18 -31.87
N TYR D 148 0.13 8.13 -31.93
CA TYR D 148 -0.55 6.90 -32.32
C TYR D 148 -1.75 7.12 -33.23
N GLY D 149 -2.16 8.35 -33.51
CA GLY D 149 -3.28 8.58 -34.42
C GLY D 149 -4.56 7.96 -33.92
N SER D 150 -5.24 7.23 -34.81
CA SER D 150 -6.50 6.57 -34.51
C SER D 150 -6.34 5.12 -34.10
N LYS D 151 -5.12 4.57 -34.20
CA LYS D 151 -4.93 3.14 -33.96
C LYS D 151 -5.27 2.77 -32.51
N GLY D 152 -4.83 3.58 -31.56
CA GLY D 152 -5.08 3.29 -30.15
C GLY D 152 -4.22 2.15 -29.64
N VAL D 153 -3.93 2.16 -28.34
CA VAL D 153 -3.12 1.10 -27.76
C VAL D 153 -3.96 0.36 -26.73
N PRO D 154 -4.42 -0.87 -27.02
CA PRO D 154 -5.10 -1.66 -26.00
C PRO D 154 -4.14 -2.00 -24.86
N ALA D 155 -4.71 -2.15 -23.66
CA ALA D 155 -3.90 -2.46 -22.49
C ALA D 155 -3.18 -3.80 -22.67
N SER D 156 -3.94 -4.84 -23.00
CA SER D 156 -3.42 -6.19 -23.25
C SER D 156 -2.66 -6.67 -22.01
N SER D 157 -1.61 -7.46 -22.21
CA SER D 157 -0.78 -7.91 -21.11
C SER D 157 0.29 -6.84 -20.82
N ALA D 158 1.21 -7.17 -19.91
CA ALA D 158 2.30 -6.27 -19.51
C ALA D 158 1.76 -4.94 -19.03
N ASN D 159 1.71 -3.95 -19.93
CA ASN D 159 1.09 -2.67 -19.61
C ASN D 159 -0.38 -2.87 -19.25
N LEU D 160 -0.82 -2.17 -18.21
CA LEU D 160 -2.18 -2.28 -17.72
C LEU D 160 -3.04 -1.06 -18.03
N VAL D 161 -2.43 0.09 -18.28
CA VAL D 161 -3.15 1.31 -18.62
C VAL D 161 -3.10 1.49 -20.14
N PRO D 162 -4.23 1.36 -20.83
CA PRO D 162 -4.24 1.54 -22.28
C PRO D 162 -4.19 3.01 -22.66
N ILE D 163 -3.81 3.26 -23.90
CA ILE D 163 -3.77 4.60 -24.47
C ILE D 163 -5.08 4.83 -25.22
N PRO D 164 -5.92 5.78 -24.79
CA PRO D 164 -7.12 6.10 -25.57
C PRO D 164 -6.72 6.64 -26.94
N SER D 165 -7.58 6.39 -27.93
CA SER D 165 -7.30 6.85 -29.28
C SER D 165 -7.23 8.37 -29.32
N TYR D 166 -6.35 8.87 -30.17
CA TYR D 166 -6.10 10.30 -30.34
C TYR D 166 -5.70 10.95 -29.02
N SER D 167 -4.59 10.47 -28.47
CA SER D 167 -4.06 10.97 -27.22
C SER D 167 -2.72 11.66 -27.46
N ALA D 168 -2.61 12.89 -26.97
CA ALA D 168 -1.31 13.55 -26.93
C ALA D 168 -0.51 13.05 -25.74
N LEU D 169 0.81 12.99 -25.90
CA LEU D 169 1.68 12.40 -24.91
C LEU D 169 2.70 13.40 -24.41
N ARG D 170 3.15 13.19 -23.17
CA ARG D 170 4.15 14.04 -22.52
C ARG D 170 5.32 13.15 -22.10
N PHE D 171 6.47 13.36 -22.72
CA PHE D 171 7.65 12.54 -22.49
C PHE D 171 8.69 13.32 -21.70
N ILE D 172 9.39 12.62 -20.80
CA ILE D 172 10.58 13.12 -20.13
C ILE D 172 11.68 12.11 -20.42
N VAL D 173 12.69 12.53 -21.18
CA VAL D 173 13.72 11.62 -21.68
C VAL D 173 15.09 12.17 -21.33
N LYS D 174 15.93 11.33 -20.73
CA LYS D 174 17.32 11.65 -20.44
C LYS D 174 18.21 10.76 -21.31
N LEU D 175 18.94 11.37 -22.23
CA LEU D 175 19.80 10.63 -23.14
C LEU D 175 21.15 10.36 -22.48
N SER D 176 21.61 9.11 -22.59
CA SER D 176 22.86 8.69 -21.95
C SER D 176 23.98 8.40 -22.93
N GLY D 177 23.65 8.03 -24.17
CA GLY D 177 24.68 7.79 -25.17
C GLY D 177 24.06 7.26 -26.44
N ILE D 178 24.91 7.05 -27.44
CA ILE D 178 24.49 6.68 -28.78
C ILE D 178 25.24 5.43 -29.21
N ILE D 179 24.50 4.42 -29.66
CA ILE D 179 25.11 3.19 -30.17
C ILE D 179 25.63 3.46 -31.59
N PRO D 180 26.89 3.13 -31.89
CA PRO D 180 27.40 3.35 -33.24
C PRO D 180 26.67 2.49 -34.26
N GLU D 181 26.60 3.00 -35.50
CA GLU D 181 25.92 2.29 -36.57
C GLU D 181 26.65 1.03 -37.00
N GLU D 182 27.91 0.84 -36.58
CA GLU D 182 28.66 -0.33 -37.00
C GLU D 182 28.04 -1.61 -36.48
N ASP D 183 27.55 -1.59 -35.24
CA ASP D 183 26.79 -2.71 -34.69
C ASP D 183 25.57 -2.90 -35.59
N LEU E 32 -29.53 -12.64 -16.31
CA LEU E 32 -28.77 -13.21 -15.21
C LEU E 32 -29.51 -14.37 -14.56
N LYS E 33 -30.82 -14.20 -14.37
CA LYS E 33 -31.64 -15.26 -13.79
C LYS E 33 -31.65 -16.50 -14.66
N GLU E 34 -31.48 -16.32 -15.98
CA GLU E 34 -31.36 -17.47 -16.88
C GLU E 34 -30.12 -18.28 -16.55
N MET E 35 -29.01 -17.62 -16.22
CA MET E 35 -27.80 -18.34 -15.82
C MET E 35 -28.04 -19.13 -14.54
N LYS E 36 -28.75 -18.53 -13.58
CA LYS E 36 -29.07 -19.25 -12.35
C LYS E 36 -29.92 -20.48 -12.63
N LYS E 37 -30.93 -20.34 -13.51
CA LYS E 37 -31.77 -21.48 -13.85
C LYS E 37 -30.96 -22.57 -14.55
N ASP E 38 -30.08 -22.18 -15.48
CA ASP E 38 -29.27 -23.16 -16.18
C ASP E 38 -28.35 -23.90 -15.23
N GLU E 39 -27.77 -23.18 -14.26
CA GLU E 39 -26.98 -23.83 -13.22
C GLU E 39 -27.80 -24.77 -12.34
N ARG E 40 -29.02 -24.38 -11.97
CA ARG E 40 -29.86 -25.30 -11.22
C ARG E 40 -30.12 -26.57 -12.01
N LYS E 41 -30.43 -26.44 -13.31
CA LYS E 41 -30.67 -27.61 -14.14
C LYS E 41 -29.41 -28.46 -14.27
N ALA E 42 -28.24 -27.82 -14.42
CA ALA E 42 -26.99 -28.56 -14.53
C ALA E 42 -26.69 -29.33 -13.26
N ILE E 43 -26.90 -28.70 -12.10
CA ILE E 43 -26.65 -29.38 -10.82
C ILE E 43 -27.59 -30.57 -10.67
N GLU E 44 -28.87 -30.38 -11.00
CA GLU E 44 -29.83 -31.48 -10.87
C GLU E 44 -29.50 -32.63 -11.81
N SER E 45 -29.11 -32.31 -13.05
CA SER E 45 -28.76 -33.37 -14.00
C SER E 45 -27.42 -34.01 -13.68
N PHE E 46 -26.55 -33.34 -12.92
CA PHE E 46 -25.25 -33.91 -12.62
C PHE E 46 -25.32 -34.81 -11.39
N ILE E 47 -26.12 -34.41 -10.39
CA ILE E 47 -26.17 -35.14 -9.12
C ILE E 47 -26.70 -36.55 -9.34
N ASN E 48 -27.77 -36.69 -10.13
CA ASN E 48 -28.34 -38.00 -10.36
C ASN E 48 -27.59 -38.80 -11.42
N ARG E 49 -26.64 -38.18 -12.13
CA ARG E 49 -25.92 -38.89 -13.18
C ARG E 49 -25.04 -40.01 -12.61
N MET E 50 -24.45 -39.78 -11.43
CA MET E 50 -23.77 -40.82 -10.68
C MET E 50 -24.35 -40.90 -9.27
N GLY E 51 -24.11 -42.03 -8.61
CA GLY E 51 -24.73 -42.28 -7.32
C GLY E 51 -24.30 -41.33 -6.23
N PHE E 52 -25.20 -40.40 -5.90
CA PHE E 52 -24.97 -39.35 -4.90
C PHE E 52 -26.17 -39.31 -3.96
N THR E 53 -25.88 -39.18 -2.67
CA THR E 53 -26.93 -39.11 -1.64
C THR E 53 -26.88 -37.71 -1.03
N ILE E 54 -27.76 -36.83 -1.48
CA ILE E 54 -27.79 -35.46 -1.00
C ILE E 54 -28.53 -35.39 0.33
N LYS E 55 -27.88 -34.79 1.32
CA LYS E 55 -28.48 -34.54 2.62
C LYS E 55 -28.42 -33.04 2.90
N GLU E 56 -28.82 -32.65 4.11
CA GLU E 56 -28.78 -31.27 4.54
C GLU E 56 -27.72 -31.11 5.62
N GLY E 57 -27.02 -29.98 5.59
CA GLY E 57 -25.95 -29.72 6.54
C GLY E 57 -26.16 -28.40 7.25
N HIS E 58 -25.88 -28.40 8.56
CA HIS E 58 -25.97 -27.22 9.38
C HIS E 58 -24.56 -26.73 9.74
N GLU E 59 -24.46 -25.44 10.00
CA GLU E 59 -23.17 -24.84 10.31
C GLU E 59 -22.62 -25.39 11.62
N GLY E 60 -21.30 -25.58 11.66
CA GLY E 60 -20.67 -26.18 12.82
C GLY E 60 -20.80 -27.68 12.92
N GLN E 61 -21.23 -28.34 11.85
CA GLN E 61 -21.39 -29.79 11.86
C GLN E 61 -20.05 -30.47 12.13
N SER E 62 -20.09 -31.58 12.85
CA SER E 62 -18.86 -32.25 13.20
C SER E 62 -18.76 -33.66 12.65
N GLU E 63 -19.86 -34.40 12.60
CA GLU E 63 -19.87 -35.78 12.16
C GLU E 63 -20.30 -35.85 10.71
N PHE E 64 -19.45 -36.42 9.86
CA PHE E 64 -19.71 -36.53 8.43
C PHE E 64 -19.74 -38.00 8.04
N ASP E 65 -20.80 -38.41 7.38
CA ASP E 65 -20.85 -39.75 6.83
C ASP E 65 -19.93 -39.82 5.61
N PRO E 66 -19.00 -40.78 5.56
CA PRO E 66 -18.05 -40.82 4.44
C PRO E 66 -18.66 -41.27 3.12
N ASP E 67 -19.99 -41.40 3.07
CA ASP E 67 -20.68 -41.81 1.86
C ASP E 67 -21.82 -40.88 1.47
N ILE E 68 -21.99 -39.76 2.16
CA ILE E 68 -23.12 -38.87 1.96
C ILE E 68 -22.62 -37.50 1.56
N MET E 69 -23.20 -36.93 0.51
CA MET E 69 -22.96 -35.56 0.13
C MET E 69 -23.95 -34.63 0.80
N TYR E 70 -23.42 -33.53 1.36
CA TYR E 70 -24.19 -32.62 2.18
C TYR E 70 -24.40 -31.29 1.46
N HIS E 71 -25.50 -30.64 1.76
CA HIS E 71 -25.83 -29.31 1.26
C HIS E 71 -25.72 -28.34 2.43
N PHE E 72 -24.88 -27.31 2.28
CA PHE E 72 -24.45 -26.50 3.41
C PHE E 72 -25.00 -25.07 3.36
N ASP E 73 -26.14 -24.87 2.70
CA ASP E 73 -26.89 -23.62 2.69
C ASP E 73 -26.14 -22.52 1.95
N ASN E 74 -24.88 -22.77 1.56
CA ASN E 74 -24.12 -21.83 0.76
C ASN E 74 -23.98 -22.33 -0.67
N ASP E 75 -24.94 -23.17 -1.10
CA ASP E 75 -24.99 -23.94 -2.33
C ASP E 75 -23.80 -24.88 -2.51
N LEU E 76 -22.94 -24.99 -1.52
CA LEU E 76 -21.80 -25.88 -1.61
C LEU E 76 -22.22 -27.30 -1.30
N TYR E 77 -21.66 -28.26 -2.03
CA TYR E 77 -21.86 -29.68 -1.78
C TYR E 77 -20.53 -30.28 -1.35
N MET E 78 -20.55 -31.01 -0.24
CA MET E 78 -19.35 -31.56 0.37
C MET E 78 -19.55 -33.02 0.72
N GLN E 79 -18.49 -33.81 0.53
CA GLN E 79 -18.47 -35.20 0.99
C GLN E 79 -17.06 -35.46 1.52
N VAL E 80 -16.93 -35.44 2.84
CA VAL E 80 -15.62 -35.54 3.48
C VAL E 80 -15.14 -36.98 3.39
N LEU E 81 -14.02 -37.19 2.68
CA LEU E 81 -13.39 -38.51 2.64
C LEU E 81 -12.47 -38.72 3.83
N ASP E 82 -11.86 -37.65 4.33
CA ASP E 82 -11.11 -37.79 5.59
C ASP E 82 -11.26 -36.49 6.37
N LYS E 83 -11.64 -36.61 7.66
CA LYS E 83 -11.79 -35.42 8.49
C LYS E 83 -10.47 -34.69 8.66
N GLY E 84 -9.39 -35.42 8.88
CA GLY E 84 -8.08 -34.81 8.98
C GLY E 84 -7.48 -34.81 10.37
N LYS E 85 -7.04 -33.64 10.81
CA LYS E 85 -6.27 -33.47 12.04
C LYS E 85 -6.64 -32.14 12.67
N GLU E 86 -5.75 -31.62 13.51
CA GLU E 86 -6.01 -30.42 14.29
C GLU E 86 -6.50 -29.27 13.40
N PRO E 87 -7.49 -28.50 13.84
CA PRO E 87 -8.08 -27.44 13.00
C PRO E 87 -7.11 -26.29 12.82
N PRO E 88 -7.27 -25.50 11.76
CA PRO E 88 -6.37 -24.37 11.53
C PRO E 88 -6.65 -23.22 12.48
N VAL E 89 -5.67 -22.33 12.59
CA VAL E 89 -5.78 -21.12 13.40
C VAL E 89 -6.06 -19.95 12.48
N LEU E 90 -7.12 -19.22 12.78
CA LEU E 90 -7.55 -18.07 11.97
C LEU E 90 -6.53 -16.93 11.98
N ASN E 91 -6.34 -16.32 10.80
CA ASN E 91 -5.31 -15.32 10.49
C ASN E 91 -3.88 -15.75 10.81
N LYS E 92 -3.64 -17.04 11.02
CA LYS E 92 -2.27 -17.52 11.22
C LYS E 92 -1.85 -18.56 10.19
N THR E 93 -2.65 -19.60 10.00
CA THR E 93 -2.22 -20.75 9.23
C THR E 93 -2.22 -20.44 7.73
N LYS E 94 -1.16 -20.88 7.05
CA LYS E 94 -1.08 -20.85 5.60
C LYS E 94 -1.16 -22.28 5.08
N ILE E 95 -2.06 -22.52 4.13
CA ILE E 95 -2.40 -23.86 3.68
C ILE E 95 -2.14 -23.97 2.19
N ASN E 96 -1.54 -25.10 1.79
CA ASN E 96 -1.39 -25.43 0.38
C ASN E 96 -2.37 -26.53 0.00
N VAL E 97 -2.96 -26.36 -1.19
CA VAL E 97 -4.04 -27.22 -1.66
C VAL E 97 -3.63 -27.84 -3.00
N ARG E 98 -4.04 -29.09 -3.20
CA ARG E 98 -3.89 -29.76 -4.49
C ARG E 98 -5.25 -30.30 -4.89
N MET E 99 -5.76 -29.86 -6.04
CA MET E 99 -7.11 -30.16 -6.47
C MET E 99 -7.09 -30.87 -7.81
N GLU E 100 -8.08 -31.73 -8.02
CA GLU E 100 -8.26 -32.45 -9.27
C GLU E 100 -9.74 -32.51 -9.60
N GLY E 101 -10.09 -32.12 -10.82
CA GLY E 101 -11.48 -32.11 -11.23
C GLY E 101 -11.63 -31.38 -12.56
N PHE E 102 -12.86 -30.95 -12.82
CA PHE E 102 -13.19 -30.27 -14.07
C PHE E 102 -14.40 -29.37 -13.85
N MET E 103 -14.63 -28.50 -14.82
CA MET E 103 -15.77 -27.60 -14.82
C MET E 103 -16.74 -27.96 -15.94
N PHE E 104 -18.02 -27.79 -15.67
CA PHE E 104 -19.07 -28.20 -16.60
C PHE E 104 -20.14 -27.11 -16.68
N ASN E 105 -20.93 -27.18 -17.75
CA ASN E 105 -22.06 -26.29 -17.97
C ASN E 105 -23.33 -27.15 -18.01
N ARG E 106 -24.45 -26.53 -18.39
CA ARG E 106 -25.72 -27.24 -18.43
C ARG E 106 -25.69 -28.37 -19.47
N GLU E 107 -25.17 -28.10 -20.66
CA GLU E 107 -25.17 -29.07 -21.74
C GLU E 107 -23.77 -29.54 -22.13
N ARG E 108 -22.74 -28.74 -21.89
CA ARG E 108 -21.38 -29.08 -22.25
C ARG E 108 -20.55 -29.21 -20.99
N ASP E 109 -19.82 -30.32 -20.87
CA ASP E 109 -18.95 -30.57 -19.74
C ASP E 109 -17.50 -30.58 -20.20
N SER E 110 -16.60 -30.65 -19.21
CA SER E 110 -15.15 -30.74 -19.45
C SER E 110 -14.63 -29.55 -20.25
N ILE E 111 -15.16 -28.36 -19.96
CA ILE E 111 -14.64 -27.15 -20.59
C ILE E 111 -13.23 -26.87 -20.11
N TYR E 112 -13.00 -27.00 -18.81
CA TYR E 112 -11.67 -26.93 -18.22
C TYR E 112 -11.45 -28.17 -17.37
N VAL E 113 -10.27 -28.76 -17.49
CA VAL E 113 -9.86 -29.91 -16.69
C VAL E 113 -8.56 -29.56 -15.99
N PHE E 114 -8.51 -29.82 -14.68
CA PHE E 114 -7.32 -29.51 -13.89
C PHE E 114 -6.97 -30.72 -13.02
N ASN E 115 -5.66 -30.92 -12.81
CA ASN E 115 -5.18 -32.04 -12.02
C ASN E 115 -3.84 -31.67 -11.41
N SER E 116 -3.71 -31.87 -10.10
CA SER E 116 -2.44 -31.71 -9.41
C SER E 116 -2.13 -32.83 -8.45
N LEU E 117 -3.05 -33.77 -8.23
CA LEU E 117 -2.84 -34.88 -7.31
C LEU E 117 -2.15 -36.07 -7.96
N THR E 118 -2.34 -36.28 -9.26
CA THR E 118 -1.76 -37.42 -9.96
C THR E 118 -0.69 -37.00 -10.95
N SER E 119 -1.03 -36.13 -11.90
CA SER E 119 -0.03 -35.62 -12.83
C SER E 119 0.89 -34.62 -12.13
N GLY E 120 2.14 -34.60 -12.55
CA GLY E 120 3.13 -33.70 -11.99
C GLY E 120 3.15 -32.35 -12.67
N GLY E 121 4.23 -31.61 -12.44
CA GLY E 121 4.46 -30.34 -13.11
C GLY E 121 3.49 -29.25 -12.75
N PHE E 122 3.15 -29.12 -11.47
CA PHE E 122 2.24 -28.07 -11.05
C PHE E 122 2.62 -27.64 -9.65
N GLN E 123 2.93 -26.35 -9.50
CA GLN E 123 3.17 -25.80 -8.17
C GLN E 123 1.90 -25.81 -7.35
N GLU E 124 2.06 -26.01 -6.05
CA GLU E 124 0.92 -25.96 -5.14
C GLU E 124 0.40 -24.54 -5.01
N SER E 125 -0.87 -24.43 -4.64
CA SER E 125 -1.52 -23.14 -4.41
C SER E 125 -1.63 -22.89 -2.91
N VAL E 126 -1.23 -21.70 -2.49
CA VAL E 126 -1.11 -21.34 -1.08
C VAL E 126 -2.09 -20.22 -0.77
N PHE E 127 -2.87 -20.39 0.30
CA PHE E 127 -3.74 -19.33 0.77
C PHE E 127 -3.65 -19.22 2.29
N ARG E 128 -3.83 -18.00 2.78
CA ARG E 128 -3.89 -17.72 4.20
C ARG E 128 -5.34 -17.76 4.67
N TYR E 129 -5.58 -18.45 5.78
CA TYR E 129 -6.92 -18.59 6.33
C TYR E 129 -7.29 -17.31 7.09
N ILE E 130 -8.25 -16.56 6.56
CA ILE E 130 -8.74 -15.33 7.18
C ILE E 130 -10.26 -15.36 7.17
N TYR E 131 -10.85 -14.27 7.65
CA TYR E 131 -12.29 -14.05 7.53
C TYR E 131 -12.51 -12.55 7.34
N LYS E 132 -13.14 -12.18 6.24
CA LYS E 132 -13.39 -10.77 5.92
C LYS E 132 -14.57 -10.68 4.97
N TYR E 133 -15.54 -9.84 5.31
CA TYR E 133 -16.72 -9.63 4.48
C TYR E 133 -16.47 -8.41 3.61
N ASN E 134 -15.94 -8.66 2.40
CA ASN E 134 -15.76 -7.60 1.42
C ASN E 134 -17.02 -7.40 0.58
N ASP E 135 -17.46 -8.47 -0.10
CA ASP E 135 -18.75 -8.49 -0.78
C ASP E 135 -19.65 -9.57 -0.22
N GLY E 136 -19.14 -10.79 -0.07
CA GLY E 136 -19.79 -11.87 0.63
C GLY E 136 -18.88 -12.41 1.71
N ASP E 137 -19.00 -13.71 1.94
CA ASP E 137 -18.10 -14.39 2.87
C ASP E 137 -16.81 -14.76 2.15
N ILE E 138 -15.69 -14.26 2.63
CA ILE E 138 -14.38 -14.60 2.09
C ILE E 138 -13.56 -15.23 3.20
N HIS E 139 -13.11 -16.47 2.98
CA HIS E 139 -12.39 -17.22 4.00
C HIS E 139 -10.94 -17.50 3.60
N PHE E 140 -10.40 -16.77 2.62
CA PHE E 140 -9.04 -17.03 2.17
C PHE E 140 -8.42 -15.76 1.61
N GLU E 141 -7.09 -15.71 1.67
CA GLU E 141 -6.30 -14.69 0.99
C GLU E 141 -5.24 -15.43 0.18
N LEU E 142 -5.38 -15.43 -1.14
CA LEU E 142 -4.46 -16.18 -1.98
C LEU E 142 -3.10 -15.51 -2.03
N ILE E 143 -2.05 -16.32 -1.91
CA ILE E 143 -0.68 -15.85 -2.11
C ILE E 143 -0.30 -16.24 -3.53
N LYS E 144 -0.10 -15.25 -4.39
CA LYS E 144 0.16 -15.52 -5.79
C LYS E 144 1.46 -16.29 -5.95
N CYS E 145 1.40 -17.37 -6.72
CA CYS E 145 2.58 -18.17 -6.98
C CYS E 145 3.25 -17.67 -8.26
N THR E 146 4.55 -17.42 -8.17
CA THR E 146 5.34 -16.84 -9.24
C THR E 146 6.50 -17.75 -9.65
N THR E 147 6.39 -19.05 -9.38
CA THR E 147 7.44 -20.01 -9.65
C THR E 147 6.98 -21.11 -10.61
N GLY E 148 6.25 -20.72 -11.66
CA GLY E 148 5.93 -21.64 -12.75
C GLY E 148 4.43 -21.79 -12.93
N SER E 149 4.04 -22.97 -13.44
CA SER E 149 2.66 -23.25 -13.79
C SER E 149 1.90 -23.77 -12.57
N ASN E 150 0.71 -23.22 -12.35
CA ASN E 150 -0.08 -23.51 -11.15
C ASN E 150 -1.56 -23.44 -11.52
N LEU E 151 -2.41 -23.48 -10.50
CA LEU E 151 -3.85 -23.41 -10.65
C LEU E 151 -4.45 -22.36 -9.72
N ASP E 152 -3.83 -21.17 -9.69
CA ASP E 152 -4.31 -20.11 -8.82
C ASP E 152 -5.70 -19.62 -9.22
N MET E 153 -6.07 -19.78 -10.48
CA MET E 153 -7.37 -19.31 -10.96
C MET E 153 -8.49 -20.31 -10.70
N PHE E 154 -8.19 -21.46 -10.10
CA PHE E 154 -9.19 -22.44 -9.71
C PHE E 154 -9.41 -22.49 -8.19
N VAL E 155 -8.85 -21.55 -7.44
CA VAL E 155 -9.05 -21.46 -6.00
C VAL E 155 -10.12 -20.40 -5.75
N CYS E 156 -11.22 -20.81 -5.11
CA CYS E 156 -12.35 -19.93 -4.88
C CYS E 156 -12.84 -20.10 -3.45
N GLU E 157 -13.94 -19.42 -3.13
CA GLU E 157 -14.51 -19.50 -1.80
C GLU E 157 -14.97 -20.92 -1.47
N GLY E 158 -15.51 -21.63 -2.47
CA GLY E 158 -15.95 -23.00 -2.24
C GLY E 158 -14.81 -23.92 -1.88
N VAL E 159 -13.63 -23.69 -2.44
CA VAL E 159 -12.47 -24.53 -2.12
C VAL E 159 -11.99 -24.26 -0.70
N ALA E 160 -11.99 -22.99 -0.27
CA ALA E 160 -11.47 -22.64 1.04
C ALA E 160 -12.50 -22.85 2.16
N PHE E 161 -13.78 -23.02 1.82
CA PHE E 161 -14.80 -23.19 2.85
C PHE E 161 -14.63 -24.43 3.71
N PRO E 162 -14.30 -25.63 3.20
CA PRO E 162 -14.21 -26.80 4.08
C PRO E 162 -13.19 -26.69 5.21
N MET E 163 -12.33 -25.68 5.21
CA MET E 163 -11.37 -25.52 6.30
C MET E 163 -11.99 -25.00 7.58
N THR E 164 -13.21 -24.44 7.51
CA THR E 164 -13.88 -23.94 8.71
C THR E 164 -14.28 -25.07 9.65
N MET E 165 -14.29 -26.30 9.15
CA MET E 165 -14.80 -27.46 9.89
C MET E 165 -13.78 -28.58 9.99
N LEU E 166 -13.02 -28.83 8.94
CA LEU E 166 -12.07 -29.93 8.89
C LEU E 166 -10.70 -29.45 9.37
N GLY E 167 -9.68 -30.28 9.18
CA GLY E 167 -8.36 -29.95 9.65
C GLY E 167 -7.24 -30.24 8.69
N ASN E 168 -6.03 -30.42 9.23
CA ASN E 168 -4.86 -30.68 8.42
C ASN E 168 -4.94 -32.05 7.74
N LYS E 169 -4.36 -32.14 6.55
CA LYS E 169 -4.32 -33.38 5.76
C LYS E 169 -5.73 -33.86 5.43
N ALA E 170 -6.51 -32.99 4.79
CA ALA E 170 -7.92 -33.25 4.58
C ALA E 170 -8.21 -33.50 3.10
N ARG E 171 -9.05 -34.49 2.82
CA ARG E 171 -9.44 -34.83 1.46
C ARG E 171 -10.96 -34.78 1.36
N VAL E 172 -11.45 -33.96 0.41
CA VAL E 172 -12.87 -33.67 0.21
C VAL E 172 -13.21 -33.76 -1.28
N ARG E 173 -14.50 -33.82 -1.55
CA ARG E 173 -15.06 -33.75 -2.90
C ARG E 173 -16.12 -32.65 -2.93
N LEU E 174 -16.04 -31.76 -3.91
CA LEU E 174 -16.84 -30.55 -3.90
C LEU E 174 -17.58 -30.35 -5.22
N ILE E 175 -18.70 -29.65 -5.14
CA ILE E 175 -19.45 -29.19 -6.31
C ILE E 175 -19.76 -27.71 -6.06
N VAL E 176 -19.00 -26.83 -6.68
CA VAL E 176 -19.04 -25.39 -6.40
C VAL E 176 -19.85 -24.70 -7.50
N PRO E 177 -20.98 -24.06 -7.17
CA PRO E 177 -21.74 -23.30 -8.18
C PRO E 177 -21.03 -21.99 -8.54
N PHE E 178 -21.53 -21.32 -9.60
CA PHE E 178 -20.79 -20.18 -10.14
C PHE E 178 -20.72 -19.01 -9.19
N ARG E 179 -21.60 -18.96 -8.18
CA ARG E 179 -21.67 -17.74 -7.37
C ARG E 179 -20.45 -17.66 -6.47
N ILE E 180 -20.01 -18.80 -5.93
CA ILE E 180 -18.80 -18.90 -5.13
C ILE E 180 -17.68 -19.58 -5.91
N GLY E 181 -17.78 -19.58 -7.24
CA GLY E 181 -16.73 -20.12 -8.08
C GLY E 181 -15.61 -19.13 -8.28
N PRO E 182 -14.66 -19.50 -9.15
CA PRO E 182 -13.55 -18.59 -9.43
C PRO E 182 -14.02 -17.27 -10.01
N GLU E 183 -13.37 -16.19 -9.60
CA GLU E 183 -13.82 -14.85 -9.97
C GLU E 183 -13.58 -14.58 -11.46
N SER E 184 -12.53 -15.14 -12.03
CA SER E 184 -12.26 -14.95 -13.45
C SER E 184 -13.35 -15.57 -14.30
N LEU E 185 -13.79 -16.78 -13.95
CA LEU E 185 -14.86 -17.46 -14.68
C LEU E 185 -16.21 -17.25 -14.00
N TYR E 186 -16.58 -15.98 -13.86
CA TYR E 186 -17.86 -15.60 -13.26
C TYR E 186 -18.90 -15.19 -14.29
N SER E 187 -18.50 -14.46 -15.32
CA SER E 187 -19.45 -14.04 -16.35
C SER E 187 -20.01 -15.25 -17.11
N ARG E 188 -19.14 -16.21 -17.43
CA ARG E 188 -19.53 -17.38 -18.19
C ARG E 188 -20.44 -18.32 -17.41
N GLY E 189 -20.57 -18.12 -16.10
CA GLY E 189 -21.46 -18.91 -15.29
C GLY E 189 -21.16 -20.39 -15.30
N LEU E 190 -19.90 -20.77 -15.12
CA LEU E 190 -19.49 -22.17 -15.04
C LEU E 190 -19.59 -22.73 -13.63
N THR E 191 -19.96 -24.01 -13.56
CA THR E 191 -20.05 -24.75 -12.30
C THR E 191 -18.85 -25.68 -12.22
N GLY E 192 -18.09 -25.56 -11.13
CA GLY E 192 -16.95 -26.41 -10.93
C GLY E 192 -17.34 -27.68 -10.19
N TYR E 193 -16.72 -28.79 -10.56
CA TYR E 193 -16.81 -30.05 -9.83
C TYR E 193 -15.40 -30.48 -9.49
N TYR E 194 -15.05 -30.39 -8.21
CA TYR E 194 -13.73 -30.79 -7.74
C TYR E 194 -13.81 -32.24 -7.28
N LYS E 195 -13.25 -33.15 -8.09
CA LYS E 195 -13.31 -34.57 -7.75
C LYS E 195 -12.59 -34.86 -6.45
N GLU E 196 -11.43 -34.24 -6.25
CA GLU E 196 -10.73 -34.41 -4.97
C GLU E 196 -9.85 -33.21 -4.69
N VAL E 197 -10.03 -32.63 -3.50
CA VAL E 197 -9.22 -31.52 -3.02
C VAL E 197 -8.54 -31.94 -1.74
N GLU E 198 -7.22 -31.73 -1.66
CA GLU E 198 -6.43 -32.09 -0.51
C GLU E 198 -5.78 -30.84 0.08
N TYR E 199 -5.96 -30.65 1.39
CA TYR E 199 -5.43 -29.53 2.14
C TYR E 199 -4.31 -30.03 3.05
N VAL E 200 -3.16 -29.33 3.01
CA VAL E 200 -2.04 -29.60 3.91
C VAL E 200 -1.52 -28.26 4.44
N PHE E 201 -1.25 -28.19 5.74
CA PHE E 201 -0.81 -26.95 6.35
C PHE E 201 0.61 -26.59 5.90
N ARG E 202 1.12 -25.50 6.49
CA ARG E 202 2.42 -24.90 6.16
C ARG E 202 2.44 -24.34 4.75
N ASP E 203 3.54 -23.69 4.38
CA ASP E 203 3.67 -23.08 3.06
C ASP E 203 3.68 -24.16 1.97
N ILE F 503 -57.11 7.80 -2.12
CA ILE F 503 -58.01 6.66 -2.30
C ILE F 503 -58.56 6.21 -0.95
N ILE F 504 -59.83 6.52 -0.71
CA ILE F 504 -60.52 6.10 0.51
C ILE F 504 -61.74 5.27 0.14
N PRO F 505 -61.61 3.94 0.06
CA PRO F 505 -62.78 3.10 -0.21
C PRO F 505 -63.73 3.04 0.98
N GLN F 506 -64.50 4.11 1.19
CA GLN F 506 -65.48 4.11 2.26
C GLN F 506 -66.58 3.11 1.94
N GLY F 507 -66.92 2.29 2.91
CA GLY F 507 -68.02 1.35 2.77
C GLY F 507 -68.12 0.50 4.02
N ASP F 508 -69.29 -0.12 4.17
CA ASP F 508 -69.57 -1.03 5.29
C ASP F 508 -69.40 -0.34 6.65
N GLY F 509 -69.67 0.96 6.68
CA GLY F 509 -69.56 1.75 7.91
C GLY F 509 -68.13 1.89 8.42
N GLN F 510 -67.17 2.04 7.52
CA GLN F 510 -65.75 1.93 7.85
C GLN F 510 -64.96 2.26 6.58
N THR F 511 -63.63 2.19 6.68
CA THR F 511 -62.78 2.53 5.54
C THR F 511 -61.75 1.43 5.29
N LEU F 512 -61.30 1.36 4.03
CA LEU F 512 -60.33 0.37 3.58
C LEU F 512 -59.26 1.05 2.72
N SER F 513 -58.72 2.16 3.22
CA SER F 513 -57.71 2.91 2.49
C SER F 513 -56.44 2.09 2.33
N LEU F 514 -55.82 2.19 1.14
CA LEU F 514 -54.62 1.41 0.83
C LEU F 514 -53.79 2.18 -0.18
N SER F 515 -52.51 1.81 -0.26
CA SER F 515 -51.63 2.47 -1.23
C SER F 515 -50.39 1.62 -1.44
N ALA F 516 -49.65 1.96 -2.49
CA ALA F 516 -48.45 1.21 -2.83
C ALA F 516 -47.54 2.11 -3.66
N GLN F 517 -46.26 2.14 -3.29
CA GLN F 517 -45.30 2.99 -4.00
C GLN F 517 -44.13 2.11 -4.44
N THR F 518 -43.80 2.21 -5.72
CA THR F 518 -42.67 1.48 -6.29
C THR F 518 -41.86 2.47 -7.11
N ASN F 519 -40.60 2.66 -6.74
CA ASN F 519 -39.74 3.52 -7.52
C ASN F 519 -39.42 2.86 -8.85
N GLY F 520 -38.96 3.67 -9.81
CA GLY F 520 -38.70 3.17 -11.15
C GLY F 520 -37.53 2.23 -11.26
N LYS F 521 -36.77 2.04 -10.18
CA LYS F 521 -35.59 1.19 -10.19
C LYS F 521 -35.62 0.06 -9.17
N TYR F 522 -36.03 0.32 -7.94
CA TYR F 522 -36.17 -0.69 -6.89
C TYR F 522 -37.15 -0.18 -5.83
N TYR F 523 -37.14 -0.84 -4.67
CA TYR F 523 -37.95 -0.47 -3.51
C TYR F 523 -39.44 -0.56 -3.84
N GLN F 524 -39.87 -1.77 -4.16
CA GLN F 524 -41.28 -2.04 -4.32
C GLN F 524 -41.94 -2.20 -2.95
N GLN F 525 -43.05 -1.50 -2.72
CA GLN F 525 -43.75 -1.69 -1.45
C GLN F 525 -45.25 -1.55 -1.63
N TYR F 526 -45.99 -2.40 -0.92
CA TYR F 526 -47.45 -2.41 -0.93
C TYR F 526 -47.95 -2.34 0.50
N SER F 527 -49.13 -1.74 0.69
CA SER F 527 -49.68 -1.61 2.02
C SER F 527 -51.21 -1.49 1.96
N VAL F 528 -51.86 -2.12 2.94
CA VAL F 528 -53.30 -2.07 3.12
C VAL F 528 -53.59 -1.71 4.57
N THR F 529 -54.70 -0.97 4.76
CA THR F 529 -55.10 -0.49 6.07
C THR F 529 -56.61 -0.60 6.20
N PHE F 530 -57.07 -0.97 7.40
CA PHE F 530 -58.48 -1.21 7.68
C PHE F 530 -58.78 -0.74 9.09
N MET F 531 -59.59 0.30 9.23
CA MET F 531 -59.86 0.86 10.55
C MET F 531 -61.35 0.92 10.80
N ASP F 532 -61.73 0.70 12.06
CA ASP F 532 -63.11 0.79 12.49
C ASP F 532 -63.23 1.95 13.46
N PRO F 533 -63.86 3.04 13.06
CA PRO F 533 -63.95 4.24 13.92
C PRO F 533 -64.86 4.05 15.11
N TRP F 534 -65.76 3.07 15.05
CA TRP F 534 -66.80 2.83 16.04
C TRP F 534 -66.91 1.35 16.34
N PHE F 535 -65.76 0.69 16.50
CA PHE F 535 -65.73 -0.72 16.86
C PHE F 535 -66.36 -0.92 18.24
N GLY F 536 -67.27 -1.89 18.32
CA GLY F 536 -68.04 -2.15 19.52
C GLY F 536 -69.43 -1.54 19.49
N GLY F 537 -69.61 -0.46 18.75
CA GLY F 537 -70.91 0.16 18.58
C GLY F 537 -71.36 1.05 19.71
N LYS F 538 -70.55 1.22 20.76
CA LYS F 538 -70.92 2.02 21.92
C LYS F 538 -70.23 3.38 21.97
N ARG F 539 -68.91 3.41 21.83
CA ARG F 539 -68.09 4.59 21.94
C ARG F 539 -67.09 4.64 20.79
N PRO F 540 -66.53 5.82 20.48
CA PRO F 540 -65.64 5.92 19.29
C PRO F 540 -64.27 5.31 19.54
N ASP F 541 -64.26 4.00 19.80
CA ASP F 541 -63.01 3.29 20.08
C ASP F 541 -62.43 2.77 18.77
N MET F 542 -61.29 3.31 18.38
CA MET F 542 -60.66 2.93 17.12
C MET F 542 -60.12 1.51 17.19
N PHE F 543 -60.33 0.75 16.12
CA PHE F 543 -59.73 -0.57 15.97
C PHE F 543 -59.14 -0.66 14.55
N SER F 544 -57.82 -0.49 14.44
CA SER F 544 -57.15 -0.44 13.15
C SER F 544 -56.25 -1.66 12.95
N PHE F 545 -56.24 -2.16 11.71
CA PHE F 545 -55.42 -3.30 11.29
C PHE F 545 -54.65 -2.89 10.05
N SER F 546 -53.33 -2.97 10.10
CA SER F 546 -52.52 -2.56 8.96
C SER F 546 -51.51 -3.64 8.62
N ALA F 547 -51.37 -3.93 7.32
CA ALA F 547 -50.37 -4.89 6.89
C ALA F 547 -49.66 -4.36 5.67
N PHE F 548 -48.37 -4.68 5.56
CA PHE F 548 -47.58 -4.18 4.45
C PHE F 548 -46.43 -5.12 4.14
N TYR F 549 -45.91 -5.00 2.93
CA TYR F 549 -44.77 -5.77 2.50
C TYR F 549 -43.86 -4.90 1.65
N SER F 550 -42.55 -5.06 1.83
CA SER F 550 -41.65 -4.26 1.01
C SER F 550 -40.38 -5.04 0.68
N LYS F 551 -39.89 -4.89 -0.55
CA LYS F 551 -38.64 -5.49 -0.98
C LYS F 551 -37.80 -4.47 -1.72
N THR F 552 -36.50 -4.46 -1.41
CA THR F 552 -35.55 -3.49 -1.90
C THR F 552 -34.29 -4.21 -2.37
N THR F 553 -33.70 -3.74 -3.48
CA THR F 553 -32.46 -4.28 -3.98
C THR F 553 -31.43 -3.18 -4.24
N ALA F 597 -20.53 -7.84 -12.47
CA ALA F 597 -20.75 -8.25 -11.09
C ALA F 597 -22.15 -7.87 -10.61
N SER F 598 -22.30 -6.62 -10.20
CA SER F 598 -23.56 -6.05 -9.74
C SER F 598 -24.15 -6.83 -8.58
N ASP F 599 -25.46 -6.73 -8.40
CA ASP F 599 -26.17 -7.43 -7.32
C ASP F 599 -27.01 -8.56 -7.90
N PRO F 600 -26.58 -9.83 -7.75
CA PRO F 600 -27.37 -10.95 -8.28
C PRO F 600 -28.71 -11.08 -7.58
N ASP F 601 -28.68 -11.24 -6.26
CA ASP F 601 -29.88 -11.38 -5.45
C ASP F 601 -29.77 -10.60 -4.14
N ARG F 602 -29.04 -9.49 -4.16
CA ARG F 602 -28.96 -8.67 -2.95
C ARG F 602 -30.33 -8.08 -2.71
N SER F 603 -31.11 -8.69 -1.81
CA SER F 603 -32.48 -8.23 -1.61
C SER F 603 -32.85 -8.25 -0.13
N LEU F 604 -33.53 -7.19 0.30
CA LEU F 604 -34.08 -7.06 1.65
C LEU F 604 -35.60 -7.08 1.58
N GLN F 605 -36.22 -8.02 2.31
CA GLN F 605 -37.67 -8.12 2.27
C GLN F 605 -38.24 -8.14 3.68
N MET F 606 -39.39 -7.49 3.82
CA MET F 606 -40.01 -7.27 5.13
C MET F 606 -41.50 -7.54 5.04
N LEU F 607 -41.98 -8.40 5.93
CA LEU F 607 -43.41 -8.67 6.11
C LEU F 607 -43.85 -8.02 7.42
N GLY F 608 -44.82 -7.12 7.34
CA GLY F 608 -45.25 -6.38 8.53
C GLY F 608 -46.74 -6.47 8.75
N THR F 609 -47.12 -6.63 10.02
CA THR F 609 -48.52 -6.60 10.39
C THR F 609 -48.65 -5.94 11.77
N SER F 610 -49.82 -5.33 11.99
CA SER F 610 -50.03 -4.58 13.23
C SER F 610 -51.52 -4.46 13.52
N ILE F 611 -51.86 -4.51 14.81
CA ILE F 611 -53.20 -4.22 15.28
C ILE F 611 -53.12 -3.08 16.30
N GLY F 612 -54.19 -2.31 16.40
CA GLY F 612 -54.24 -1.19 17.31
C GLY F 612 -55.61 -0.85 17.84
N TYR F 613 -55.71 -0.64 19.16
CA TYR F 613 -56.94 -0.24 19.81
C TYR F 613 -56.70 1.09 20.49
N GLY F 614 -57.44 2.10 20.06
CA GLY F 614 -57.26 3.46 20.55
C GLY F 614 -58.53 3.94 21.24
N LYS F 615 -58.35 4.65 22.34
CA LYS F 615 -59.46 5.11 23.18
C LYS F 615 -59.55 6.63 23.13
N ARG F 616 -60.53 7.17 23.84
CA ARG F 616 -60.82 8.59 23.92
C ARG F 616 -61.05 9.01 25.37
N LEU F 617 -60.11 8.65 26.24
CA LEU F 617 -60.20 8.86 27.69
C LEU F 617 -60.74 10.23 28.07
N THR F 618 -61.57 10.24 29.11
CA THR F 618 -62.08 11.47 29.70
C THR F 618 -61.62 11.67 31.14
N TRP F 619 -60.65 10.87 31.64
CA TRP F 619 -60.22 11.02 33.03
C TRP F 619 -59.49 12.34 33.27
N PRO F 620 -58.37 12.65 32.60
CA PRO F 620 -57.76 13.97 32.84
C PRO F 620 -58.64 15.05 32.26
N ASP F 621 -58.98 14.94 30.98
CA ASP F 621 -60.00 15.78 30.36
C ASP F 621 -60.32 15.19 28.99
N ASN F 622 -61.43 15.61 28.39
CA ASN F 622 -61.95 14.90 27.23
C ASN F 622 -61.08 15.16 26.01
N TRP F 623 -59.76 14.97 26.15
CA TRP F 623 -58.84 15.12 25.04
C TRP F 623 -57.72 14.07 25.03
N PHE F 624 -57.44 13.48 26.18
CA PHE F 624 -56.37 12.48 26.25
C PHE F 624 -56.79 11.24 25.46
N GLN F 625 -55.85 10.68 24.70
CA GLN F 625 -56.12 9.56 23.82
C GLN F 625 -55.03 8.50 24.00
N ILE F 626 -55.28 7.53 24.88
CA ILE F 626 -54.37 6.40 25.00
C ILE F 626 -54.46 5.56 23.73
N TYR F 627 -53.43 4.74 23.51
CA TYR F 627 -53.34 3.95 22.29
C TYR F 627 -52.44 2.75 22.54
N THR F 628 -53.00 1.54 22.45
CA THR F 628 -52.19 0.35 22.62
C THR F 628 -52.17 -0.43 21.32
N SER F 629 -50.99 -0.91 20.93
CA SER F 629 -50.87 -1.65 19.68
C SER F 629 -49.92 -2.83 19.85
N LEU F 630 -50.13 -3.85 19.03
CA LEU F 630 -49.27 -5.01 18.99
C LEU F 630 -48.75 -5.16 17.57
N ASN F 631 -47.42 -5.22 17.42
CA ASN F 631 -46.79 -5.16 16.10
C ASN F 631 -45.81 -6.31 15.91
N TYR F 632 -45.70 -6.77 14.66
CA TYR F 632 -44.76 -7.83 14.32
C TYR F 632 -44.22 -7.57 12.92
N THR F 633 -42.92 -7.82 12.76
CA THR F 633 -42.23 -7.63 11.48
C THR F 633 -41.19 -8.71 11.28
N TYR F 634 -41.17 -9.32 10.10
CA TYR F 634 -40.21 -10.36 9.75
C TYR F 634 -39.25 -9.78 8.72
N TYR F 635 -37.95 -9.82 9.04
CA TYR F 635 -36.87 -9.36 8.18
C TYR F 635 -36.18 -10.56 7.56
N ARG F 636 -35.96 -10.50 6.24
CA ARG F 636 -35.16 -11.53 5.57
C ARG F 636 -34.19 -10.86 4.61
N LEU F 637 -32.96 -11.38 4.58
CA LEU F 637 -31.92 -10.80 3.78
C LEU F 637 -31.29 -11.84 2.86
N ARG F 638 -30.84 -11.36 1.70
CA ARG F 638 -30.16 -12.18 0.70
C ARG F 638 -28.91 -11.39 0.33
N ASN F 639 -27.84 -11.63 1.10
CA ASN F 639 -26.50 -11.07 0.88
C ASN F 639 -26.53 -9.55 0.75
N TRP F 640 -26.94 -8.88 1.83
CA TRP F 640 -27.03 -7.43 1.83
C TRP F 640 -25.65 -6.86 2.12
N SER F 641 -25.01 -6.32 1.09
CA SER F 641 -23.64 -5.83 1.21
C SER F 641 -23.55 -4.58 2.08
N TYR F 642 -24.58 -3.74 2.06
CA TYR F 642 -24.51 -2.47 2.78
C TYR F 642 -24.30 -2.72 4.27
N ASN F 643 -23.38 -1.94 4.86
CA ASN F 643 -23.10 -2.10 6.28
C ASN F 643 -24.27 -1.67 7.14
N THR F 644 -25.39 -1.33 6.50
CA THR F 644 -26.64 -1.21 7.22
C THR F 644 -26.87 -2.47 8.04
N PHE F 645 -27.31 -2.23 9.26
CA PHE F 645 -27.76 -3.20 10.24
C PHE F 645 -26.55 -3.98 10.74
N GLN F 646 -25.55 -3.23 11.18
CA GLN F 646 -24.25 -3.72 11.66
C GLN F 646 -23.67 -4.75 10.70
N ASN F 647 -23.66 -6.02 11.12
CA ASN F 647 -23.08 -7.09 10.32
C ASN F 647 -24.13 -8.06 9.80
N PHE F 648 -25.41 -7.82 10.11
CA PHE F 648 -26.49 -8.63 9.56
C PHE F 648 -26.52 -8.49 8.04
N HIS F 649 -26.17 -9.56 7.34
CA HIS F 649 -25.99 -9.48 5.89
C HIS F 649 -26.76 -10.58 5.16
N HIS F 650 -26.93 -11.75 5.78
CA HIS F 650 -27.46 -12.90 5.06
C HIS F 650 -28.65 -13.55 5.76
N GLY F 651 -28.71 -13.46 7.08
CA GLY F 651 -29.72 -14.21 7.83
C GLY F 651 -31.12 -13.64 7.75
N SER F 652 -31.95 -14.02 8.72
CA SER F 652 -33.31 -13.53 8.84
C SER F 652 -33.67 -13.37 10.31
N ALA F 653 -34.43 -12.34 10.63
CA ALA F 653 -34.73 -11.98 12.00
C ALA F 653 -36.22 -11.72 12.17
N ASN F 654 -36.68 -11.80 13.42
CA ASN F 654 -38.07 -11.60 13.78
C ASN F 654 -38.18 -10.49 14.82
N ASP F 655 -39.19 -9.64 14.67
CA ASP F 655 -39.42 -8.51 15.56
C ASP F 655 -40.86 -8.61 16.08
N LEU F 656 -41.00 -8.51 17.40
CA LEU F 656 -42.30 -8.55 18.06
C LEU F 656 -42.28 -7.52 19.18
N ASN F 657 -43.10 -6.48 19.07
CA ASN F 657 -43.07 -5.43 20.08
C ASN F 657 -44.48 -5.03 20.49
N LEU F 658 -44.60 -4.65 21.76
CA LEU F 658 -45.84 -4.14 22.33
C LEU F 658 -45.64 -2.66 22.59
N GLU F 659 -46.51 -1.84 22.02
CA GLU F 659 -46.40 -0.39 22.06
C GLU F 659 -47.55 0.20 22.85
N LEU F 660 -47.22 1.10 23.77
CA LEU F 660 -48.18 1.84 24.57
C LEU F 660 -47.89 3.33 24.41
N ARG F 661 -48.91 4.12 24.09
CA ARG F 661 -48.72 5.53 23.80
C ARG F 661 -49.82 6.35 24.46
N LEU F 662 -49.45 7.49 25.03
CA LEU F 662 -50.39 8.42 25.65
C LEU F 662 -50.16 9.79 25.05
N SER F 663 -51.24 10.45 24.61
CA SER F 663 -51.08 11.71 23.92
C SER F 663 -52.25 12.64 24.22
N ARG F 664 -52.00 13.93 24.03
CA ARG F 664 -53.00 14.98 24.18
C ARG F 664 -52.82 15.98 23.05
N THR F 665 -53.86 16.19 22.25
CA THR F 665 -53.78 17.10 21.11
C THR F 665 -55.01 17.98 21.09
N SER F 666 -54.81 19.30 21.09
CA SER F 666 -55.92 20.26 21.04
C SER F 666 -55.60 21.41 20.10
N ILE F 667 -55.00 21.11 18.95
CA ILE F 667 -54.67 22.14 17.97
C ILE F 667 -55.83 22.33 17.02
N ASP F 668 -55.81 23.47 16.33
CA ASP F 668 -56.75 23.75 15.25
C ASP F 668 -56.32 23.04 13.98
N ASN F 669 -56.87 23.45 12.83
CA ASN F 669 -56.57 22.89 11.51
C ASN F 669 -55.07 22.63 11.36
N PRO F 670 -54.68 21.38 11.10
CA PRO F 670 -53.24 21.04 11.12
C PRO F 670 -52.44 21.65 9.98
N ILE F 671 -53.10 22.21 8.96
CA ILE F 671 -52.36 22.80 7.86
C ILE F 671 -51.62 24.06 8.31
N TYR F 672 -52.32 24.95 9.03
CA TYR F 672 -51.73 26.18 9.56
C TYR F 672 -52.34 26.42 10.95
N THR F 673 -51.67 25.92 11.98
CA THR F 673 -52.17 26.01 13.33
C THR F 673 -51.99 27.42 13.87
N ARG F 674 -53.00 27.91 14.60
CA ARG F 674 -52.95 29.23 15.21
C ARG F 674 -52.80 29.19 16.72
N SER F 675 -53.36 28.19 17.39
CA SER F 675 -53.23 28.07 18.83
C SER F 675 -53.51 26.62 19.22
N GLY F 676 -52.84 26.18 20.28
CA GLY F 676 -53.01 24.85 20.80
C GLY F 676 -51.69 24.23 21.17
N SER F 677 -51.76 22.95 21.52
CA SER F 677 -50.60 22.18 21.97
C SER F 677 -50.70 20.77 21.42
N ASP F 678 -49.60 20.03 21.58
CA ASP F 678 -49.54 18.64 21.14
C ASP F 678 -48.47 17.91 21.93
N PHE F 679 -48.87 16.93 22.72
CA PHE F 679 -47.94 16.22 23.59
C PHE F 679 -48.11 14.72 23.34
N MET F 680 -47.00 13.99 23.44
CA MET F 680 -47.02 12.55 23.20
C MET F 680 -45.88 11.87 23.94
N VAL F 681 -46.19 10.78 24.65
CA VAL F 681 -45.20 9.92 25.32
C VAL F 681 -45.48 8.48 24.90
N SER F 682 -44.48 7.82 24.31
CA SER F 682 -44.68 6.46 23.82
C SER F 682 -43.56 5.54 24.28
N VAL F 683 -43.92 4.27 24.49
CA VAL F 683 -43.00 3.22 24.91
C VAL F 683 -43.24 2.00 24.04
N ALA F 684 -42.16 1.38 23.56
CA ALA F 684 -42.25 0.16 22.77
C ALA F 684 -41.23 -0.84 23.30
N ALA F 685 -41.69 -2.02 23.72
CA ALA F 685 -40.78 -2.98 24.32
C ALA F 685 -41.01 -4.38 23.75
N THR F 686 -40.00 -5.23 23.89
CA THR F 686 -40.04 -6.61 23.42
C THR F 686 -39.81 -7.57 24.59
N LEU F 687 -39.89 -8.86 24.30
CA LEU F 687 -39.66 -9.89 25.30
C LEU F 687 -38.17 -10.12 25.49
N PRO F 688 -37.67 -10.05 26.73
CA PRO F 688 -36.23 -10.29 26.96
C PRO F 688 -35.84 -11.76 26.79
N TYR F 689 -35.64 -12.19 25.54
CA TYR F 689 -35.26 -13.57 25.27
C TYR F 689 -33.90 -13.92 25.88
N SER F 690 -33.02 -12.92 26.04
CA SER F 690 -31.68 -13.17 26.53
C SER F 690 -31.67 -13.76 27.94
N LEU F 691 -32.73 -13.57 28.71
CA LEU F 691 -32.82 -14.14 30.04
C LEU F 691 -33.29 -15.59 30.05
N TRP F 692 -33.70 -16.11 28.90
CA TRP F 692 -34.24 -17.47 28.86
C TRP F 692 -33.53 -18.38 27.86
N ASP F 693 -33.10 -17.83 26.71
CA ASP F 693 -32.41 -18.65 25.72
C ASP F 693 -31.06 -19.13 26.24
N ASN F 694 -30.45 -18.39 27.16
CA ASN F 694 -29.18 -18.76 27.78
C ASN F 694 -28.07 -18.91 26.73
N HIS F 695 -28.04 -17.98 25.79
CA HIS F 695 -26.95 -17.88 24.81
C HIS F 695 -26.03 -16.75 25.21
N ASP F 696 -24.73 -17.04 25.31
CA ASP F 696 -23.75 -16.06 25.76
C ASP F 696 -23.34 -15.20 24.56
N TYR F 697 -23.77 -13.93 24.57
CA TYR F 697 -23.45 -13.01 23.49
C TYR F 697 -22.09 -12.34 23.66
N ALA F 698 -21.44 -12.51 24.81
CA ALA F 698 -20.14 -11.87 25.03
C ALA F 698 -19.08 -12.42 24.08
N SER F 699 -19.08 -13.73 23.85
CA SER F 699 -18.10 -14.35 22.98
C SER F 699 -18.38 -14.00 21.52
N GLN F 700 -17.36 -14.17 20.69
CA GLN F 700 -17.48 -13.89 19.26
C GLN F 700 -17.87 -15.13 18.47
N ASN F 701 -17.57 -16.34 18.98
CA ASN F 701 -17.85 -17.57 18.27
C ASN F 701 -19.34 -17.86 18.12
N LEU F 702 -20.21 -17.10 18.78
CA LEU F 702 -21.64 -17.30 18.67
C LEU F 702 -22.10 -17.11 17.23
N SER F 703 -23.02 -17.97 16.81
CA SER F 703 -23.46 -17.99 15.40
C SER F 703 -24.16 -16.69 15.03
N VAL F 704 -23.98 -16.29 13.77
CA VAL F 704 -24.64 -15.09 13.26
C VAL F 704 -26.16 -15.27 13.28
N SER F 705 -26.63 -16.45 12.88
CA SER F 705 -28.07 -16.73 12.92
C SER F 705 -28.59 -16.70 14.34
N ASP F 706 -27.83 -17.25 15.29
CA ASP F 706 -28.26 -17.24 16.69
C ASP F 706 -28.21 -15.85 17.30
N ARG F 707 -27.40 -14.94 16.74
CA ARG F 707 -27.31 -13.59 17.27
C ARG F 707 -28.46 -12.72 16.78
N TYR F 708 -28.59 -12.57 15.46
CA TYR F 708 -29.63 -11.72 14.87
C TYR F 708 -30.84 -12.56 14.48
N ARG F 709 -31.52 -13.07 15.49
CA ARG F 709 -32.73 -13.85 15.24
C ARG F 709 -33.95 -13.31 15.98
N TYR F 710 -33.78 -12.89 17.23
CA TYR F 710 -34.87 -12.34 18.04
C TYR F 710 -34.42 -10.99 18.59
N ILE F 711 -35.08 -9.92 18.14
CA ILE F 711 -34.63 -8.57 18.43
C ILE F 711 -35.11 -8.13 19.80
N GLU F 712 -34.20 -7.55 20.59
CA GLU F 712 -34.50 -7.04 21.91
C GLU F 712 -34.16 -5.56 22.00
N TYR F 713 -35.06 -4.79 22.61
CA TYR F 713 -34.82 -3.38 22.90
C TYR F 713 -35.95 -2.91 23.82
N HIS F 714 -35.86 -1.64 24.20
CA HIS F 714 -36.97 -0.92 24.79
C HIS F 714 -36.77 0.55 24.41
N LYS F 715 -37.66 1.05 23.56
CA LYS F 715 -37.53 2.35 22.95
C LYS F 715 -38.56 3.30 23.56
N TRP F 716 -38.08 4.48 23.92
CA TRP F 716 -38.91 5.52 24.52
C TRP F 716 -38.89 6.75 23.62
N LYS F 717 -40.03 7.43 23.52
CA LYS F 717 -40.13 8.66 22.75
C LYS F 717 -40.97 9.68 23.51
N PHE F 718 -40.65 10.95 23.27
CA PHE F 718 -41.49 12.03 23.78
C PHE F 718 -41.44 13.20 22.81
N ARG F 719 -42.53 13.98 22.79
CA ARG F 719 -42.64 15.12 21.89
C ARG F 719 -43.64 16.12 22.45
N GLY F 720 -43.36 17.41 22.25
CA GLY F 720 -44.23 18.49 22.66
C GLY F 720 -44.14 19.70 21.76
N ARG F 721 -45.30 20.15 21.26
CA ARG F 721 -45.40 21.30 20.37
C ARG F 721 -46.37 22.31 20.96
N VAL F 722 -46.01 23.59 20.84
CA VAL F 722 -46.75 24.69 21.43
C VAL F 722 -46.91 25.80 20.38
N PHE F 723 -48.13 26.28 20.20
CA PHE F 723 -48.41 27.37 19.27
C PHE F 723 -49.06 28.53 20.01
N THR F 724 -48.73 29.76 19.61
CA THR F 724 -49.35 30.91 20.24
C THR F 724 -49.44 32.07 19.25
N PRO F 725 -50.62 32.68 19.08
CA PRO F 725 -50.74 33.84 18.19
C PRO F 725 -50.36 35.12 18.90
N LEU F 726 -49.56 35.96 18.23
CA LEU F 726 -49.15 37.22 18.83
C LEU F 726 -50.32 38.20 18.91
N LEU F 727 -51.15 38.24 17.86
CA LEU F 727 -52.27 39.17 17.79
C LEU F 727 -53.58 38.40 17.69
N ASN F 728 -54.69 39.13 17.86
CA ASN F 728 -55.98 38.49 18.00
C ASN F 728 -56.42 37.94 16.66
N PRO F 729 -56.76 36.66 16.56
CA PRO F 729 -57.18 36.13 15.25
C PRO F 729 -58.42 36.82 14.71
N ALA F 730 -59.36 37.23 15.56
CA ALA F 730 -60.59 37.85 15.06
C ALA F 730 -60.32 39.25 14.53
N THR F 731 -59.52 40.05 15.24
CA THR F 731 -59.27 41.41 14.79
C THR F 731 -58.36 41.43 13.56
N HIS F 732 -57.37 40.54 13.51
CA HIS F 732 -56.41 40.49 12.41
C HIS F 732 -56.35 39.07 11.87
N LYS F 733 -56.63 38.91 10.58
CA LYS F 733 -56.51 37.60 9.96
C LYS F 733 -55.05 37.20 9.77
N TYR F 734 -54.21 38.17 9.41
CA TYR F 734 -52.77 37.93 9.25
C TYR F 734 -52.10 38.19 10.59
N THR F 735 -51.74 37.13 11.29
CA THR F 735 -51.10 37.24 12.59
C THR F 735 -49.85 36.36 12.64
N PRO F 736 -48.75 36.87 13.18
CA PRO F 736 -47.58 36.01 13.39
C PRO F 736 -47.88 34.92 14.40
N VAL F 737 -47.22 33.78 14.22
CA VAL F 737 -47.42 32.62 15.08
C VAL F 737 -46.07 32.23 15.68
N LEU F 738 -46.03 32.08 17.00
CA LEU F 738 -44.84 31.66 17.70
C LEU F 738 -44.96 30.18 18.05
N MET F 739 -43.93 29.41 17.70
CA MET F 739 -43.98 27.96 17.84
C MET F 739 -42.76 27.44 18.57
N SER F 740 -42.96 26.41 19.39
CA SER F 740 -41.86 25.75 20.10
C SER F 740 -42.05 24.25 20.06
N ARG F 741 -40.99 23.52 19.71
CA ARG F 741 -41.04 22.06 19.61
C ARG F 741 -39.88 21.45 20.39
N VAL F 742 -40.18 20.43 21.19
CA VAL F 742 -39.19 19.67 21.94
C VAL F 742 -39.43 18.19 21.66
N GLU F 743 -38.39 17.48 21.24
CA GLU F 743 -38.62 16.06 21.02
C GLU F 743 -37.33 15.27 21.23
N GLY F 744 -37.50 14.02 21.62
CA GLY F 744 -36.34 13.19 21.87
C GLY F 744 -36.70 11.74 22.00
N ALA F 745 -35.67 10.90 21.90
CA ALA F 745 -35.91 9.47 22.02
C ALA F 745 -34.66 8.73 22.47
N VAL F 746 -34.89 7.59 23.12
CA VAL F 746 -33.86 6.71 23.67
C VAL F 746 -34.16 5.29 23.22
N LEU F 747 -33.12 4.58 22.76
CA LEU F 747 -33.24 3.18 22.34
C LEU F 747 -32.35 2.34 23.25
N GLY F 748 -32.93 1.78 24.31
CA GLY F 748 -32.16 1.00 25.25
C GLY F 748 -31.96 -0.43 24.78
N SER F 749 -31.36 -1.23 25.66
CA SER F 749 -31.13 -2.64 25.39
C SER F 749 -31.03 -3.39 26.71
N TYR F 750 -31.60 -4.60 26.74
CA TYR F 750 -31.58 -5.41 27.95
C TYR F 750 -30.15 -5.89 28.26
N ASN F 751 -29.47 -6.44 27.26
CA ASN F 751 -28.12 -6.95 27.42
C ASN F 751 -27.15 -5.94 26.83
N SER F 752 -26.08 -5.65 27.57
CA SER F 752 -25.13 -4.62 27.15
C SER F 752 -24.39 -5.00 25.87
N ASN F 753 -24.39 -6.27 25.49
CA ASN F 753 -23.71 -6.71 24.28
C ASN F 753 -24.65 -6.95 23.10
N LYS F 754 -25.92 -7.24 23.36
CA LYS F 754 -26.89 -7.49 22.31
C LYS F 754 -27.76 -6.24 22.15
N LYS F 755 -27.55 -5.51 21.06
CA LYS F 755 -28.26 -4.29 20.75
C LYS F 755 -28.91 -4.42 19.39
N SER F 756 -30.10 -3.85 19.26
CA SER F 756 -30.89 -3.99 18.04
C SER F 756 -30.20 -3.29 16.87
N PRO F 757 -29.92 -3.99 15.76
CA PRO F 757 -29.48 -3.29 14.55
C PRO F 757 -30.64 -2.66 13.78
N PHE F 758 -31.86 -2.97 14.21
CA PHE F 758 -33.13 -2.55 13.61
C PHE F 758 -33.68 -1.37 14.42
N GLY F 759 -33.78 -0.19 13.79
CA GLY F 759 -34.43 0.94 14.43
C GLY F 759 -33.55 2.07 14.96
N THR F 760 -32.28 2.14 14.55
CA THR F 760 -31.38 3.20 14.97
C THR F 760 -31.76 4.52 14.30
N PHE F 761 -31.03 5.57 14.63
CA PHE F 761 -31.37 6.92 14.19
C PHE F 761 -30.37 7.45 13.17
N TYR F 762 -30.87 8.21 12.21
CA TYR F 762 -30.08 8.83 11.16
C TYR F 762 -30.44 10.31 11.15
N MET F 763 -29.55 11.16 11.63
CA MET F 763 -29.85 12.57 11.86
C MET F 763 -28.98 13.45 10.98
N GLY F 764 -29.55 14.59 10.57
CA GLY F 764 -28.83 15.55 9.76
C GLY F 764 -29.53 15.87 8.46
N GLY F 765 -29.39 17.10 7.99
CA GLY F 765 -29.97 17.49 6.72
C GLY F 765 -31.46 17.74 6.81
N ASP F 766 -32.08 17.83 5.63
CA ASP F 766 -33.52 18.03 5.56
C ASP F 766 -34.28 16.84 6.14
N GLY F 767 -34.09 15.65 5.56
CA GLY F 767 -34.62 14.44 6.14
C GLY F 767 -35.98 14.08 5.58
N MET F 768 -36.03 13.14 4.65
CA MET F 768 -37.31 12.60 4.21
C MET F 768 -37.34 11.08 4.24
N SER F 769 -36.26 10.42 3.80
CA SER F 769 -36.18 8.98 3.69
C SER F 769 -34.78 8.57 3.25
N SER F 770 -34.55 7.28 3.06
CA SER F 770 -33.28 6.77 2.56
C SER F 770 -33.44 6.34 1.11
N TYR F 771 -32.58 6.88 0.24
CA TYR F 771 -32.60 6.56 -1.18
C TYR F 771 -31.57 5.51 -1.58
N TYR F 772 -30.85 4.93 -0.62
CA TYR F 772 -29.88 3.89 -0.90
C TYR F 772 -29.97 2.68 0.02
N GLY F 773 -30.54 2.82 1.21
CA GLY F 773 -30.65 1.71 2.13
C GLY F 773 -32.07 1.43 2.57
N GLY F 774 -32.22 0.74 3.71
CA GLY F 774 -33.54 0.39 4.19
C GLY F 774 -34.24 1.54 4.89
N TYR F 775 -35.52 1.32 5.18
CA TYR F 775 -36.36 2.29 5.87
C TYR F 775 -36.52 1.97 7.35
N MET F 776 -35.72 1.06 7.89
CA MET F 776 -35.79 0.66 9.28
C MET F 776 -34.87 1.47 10.17
N ASN F 777 -34.52 2.68 9.74
CA ASN F 777 -33.78 3.63 10.54
C ASN F 777 -34.46 4.98 10.45
N GLU F 778 -34.88 5.51 11.60
CA GLU F 778 -35.62 6.76 11.60
C GLU F 778 -34.72 7.90 11.17
N THR F 779 -35.24 8.75 10.29
CA THR F 779 -34.52 9.89 9.78
C THR F 779 -35.06 11.14 10.47
N ILE F 780 -34.16 11.88 11.13
CA ILE F 780 -34.52 13.09 11.86
C ILE F 780 -33.81 14.26 11.20
N GLY F 781 -34.57 15.27 10.79
CA GLY F 781 -34.01 16.42 10.11
C GLY F 781 -33.49 17.48 11.06
N LEU F 782 -32.34 18.06 10.69
CA LEU F 782 -31.73 19.17 11.43
C LEU F 782 -31.28 20.19 10.39
N ARG F 783 -32.07 21.25 10.23
CA ARG F 783 -31.77 22.26 9.23
C ARG F 783 -30.48 22.99 9.57
N GLY F 784 -29.68 23.27 8.53
CA GLY F 784 -28.38 23.88 8.69
C GLY F 784 -27.21 22.93 8.61
N TYR F 785 -27.44 21.65 8.36
CA TYR F 785 -26.38 20.66 8.26
C TYR F 785 -26.64 19.76 7.06
N LYS F 786 -25.61 19.03 6.65
CA LYS F 786 -25.75 18.10 5.54
C LYS F 786 -26.55 16.88 5.96
N ASN F 787 -26.96 16.09 4.97
CA ASN F 787 -27.73 14.88 5.23
C ASN F 787 -26.82 13.81 5.83
N GLY F 788 -27.15 13.39 7.05
CA GLY F 788 -26.39 12.37 7.74
C GLY F 788 -25.10 12.85 8.39
N SER F 789 -24.81 14.15 8.34
CA SER F 789 -23.57 14.66 8.91
C SER F 789 -23.54 14.47 10.42
N ILE F 790 -24.68 14.69 11.09
CA ILE F 790 -24.73 14.58 12.54
C ILE F 790 -24.51 13.13 12.96
N ALA F 791 -25.23 12.20 12.34
CA ALA F 791 -25.09 10.78 12.63
C ALA F 791 -25.69 9.99 11.48
N GLY F 792 -24.91 9.08 10.91
CA GLY F 792 -25.39 8.27 9.81
C GLY F 792 -24.38 8.10 8.70
N ASN F 793 -23.57 9.13 8.46
CA ASN F 793 -22.43 8.95 7.57
C ASN F 793 -21.37 8.09 8.24
N ASN F 794 -20.54 7.46 7.40
CA ASN F 794 -19.54 6.48 7.83
C ASN F 794 -20.18 5.28 8.55
N TYR F 795 -21.48 5.06 8.29
CA TYR F 795 -22.23 3.94 8.86
C TYR F 795 -22.18 3.95 10.39
N ASP F 796 -22.26 5.14 10.98
CA ASP F 796 -22.37 5.32 12.42
C ASP F 796 -23.78 5.78 12.72
N TYR F 797 -24.58 4.90 13.32
CA TYR F 797 -25.97 5.19 13.63
C TYR F 797 -26.13 5.39 15.13
N ALA F 798 -26.84 6.44 15.51
CA ALA F 798 -26.98 6.80 16.90
C ALA F 798 -28.08 5.98 17.57
N TYR F 799 -28.09 6.03 18.91
CA TYR F 799 -29.11 5.36 19.69
C TYR F 799 -29.94 6.32 20.53
N ALA F 800 -29.55 7.59 20.64
CA ALA F 800 -30.43 8.55 21.28
C ALA F 800 -30.32 9.89 20.56
N TYR F 801 -31.38 10.70 20.67
CA TYR F 801 -31.29 12.01 20.04
C TYR F 801 -32.22 12.99 20.74
N MET F 802 -31.94 14.28 20.53
CA MET F 802 -32.81 15.34 21.00
C MET F 802 -32.76 16.52 20.04
N ARG F 803 -33.92 17.18 19.87
CA ARG F 803 -34.06 18.29 18.95
C ARG F 803 -35.03 19.33 19.52
N LEU F 804 -34.61 20.59 19.48
CA LEU F 804 -35.35 21.73 20.02
C LEU F 804 -35.46 22.79 18.93
N THR F 805 -36.68 23.30 18.72
CA THR F 805 -36.94 24.23 17.64
C THR F 805 -37.79 25.40 18.15
N MET F 806 -37.42 26.61 17.74
CA MET F 806 -38.23 27.80 17.98
C MET F 806 -38.47 28.50 16.66
N GLU F 807 -39.74 28.79 16.36
CA GLU F 807 -40.13 29.31 15.06
C GLU F 807 -41.06 30.50 15.17
N LEU F 808 -41.06 31.30 14.10
CA LEU F 808 -41.94 32.46 13.98
C LEU F 808 -42.46 32.52 12.55
N ARG F 809 -43.77 32.33 12.38
CA ARG F 809 -44.41 32.24 11.07
C ARG F 809 -45.16 33.54 10.77
N PHE F 810 -44.94 34.09 9.58
CA PHE F 810 -45.63 35.24 9.04
C PHE F 810 -46.50 34.80 7.88
N PRO F 811 -47.83 34.82 8.02
CA PRO F 811 -48.69 34.43 6.89
C PRO F 811 -48.60 35.42 5.74
N ILE F 812 -48.87 34.93 4.53
CA ILE F 812 -48.80 35.77 3.34
C ILE F 812 -50.12 35.67 2.58
N LEU F 813 -50.55 34.45 2.28
CA LEU F 813 -51.73 34.21 1.44
C LEU F 813 -52.73 33.34 2.17
N PHE F 814 -54.00 33.75 2.15
CA PHE F 814 -55.11 33.00 2.72
C PHE F 814 -56.26 33.06 1.72
N GLU F 815 -56.30 32.10 0.80
CA GLU F 815 -57.35 32.04 -0.21
C GLU F 815 -57.82 30.59 -0.36
N ASN F 816 -59.08 30.35 0.01
CA ASN F 816 -59.72 29.05 -0.18
C ASN F 816 -58.89 27.90 0.40
N SER F 817 -58.13 27.23 -0.46
CA SER F 817 -57.29 26.11 -0.05
C SER F 817 -55.81 26.33 -0.38
N PHE F 818 -55.41 27.57 -0.70
CA PHE F 818 -54.03 27.92 -1.00
C PHE F 818 -53.51 28.85 0.08
N ASN F 819 -52.47 28.43 0.79
CA ASN F 819 -51.85 29.25 1.81
C ASN F 819 -50.34 29.25 1.62
N ALA F 820 -49.69 30.34 2.02
CA ALA F 820 -48.23 30.41 1.97
C ALA F 820 -47.75 31.32 3.06
N TRP F 821 -46.60 31.00 3.64
CA TRP F 821 -46.10 31.80 4.75
C TRP F 821 -44.59 31.77 4.78
N LEU F 822 -44.01 32.76 5.47
CA LEU F 822 -42.58 32.84 5.70
C LEU F 822 -42.28 32.49 7.14
N LEU F 823 -41.19 31.77 7.37
CA LEU F 823 -40.86 31.34 8.72
C LEU F 823 -39.40 31.62 9.02
N ALA F 824 -39.13 32.06 10.24
CA ALA F 824 -37.78 32.23 10.76
C ALA F 824 -37.59 31.29 11.94
N PHE F 825 -36.50 30.52 11.93
CA PHE F 825 -36.33 29.44 12.89
C PHE F 825 -34.94 29.46 13.50
N ALA F 826 -34.88 28.92 14.73
CA ALA F 826 -33.63 28.67 15.43
C ALA F 826 -33.73 27.30 16.08
N GLU F 827 -32.79 26.42 15.73
CA GLU F 827 -32.86 25.02 16.11
C GLU F 827 -31.58 24.60 16.81
N ALA F 828 -31.68 23.53 17.61
CA ALA F 828 -30.52 22.92 18.24
C ALA F 828 -30.78 21.43 18.41
N GLY F 829 -29.81 20.61 18.02
CA GLY F 829 -30.01 19.18 18.15
C GLY F 829 -28.73 18.40 18.11
N ASN F 830 -28.85 17.12 18.48
CA ASN F 830 -27.70 16.21 18.41
C ASN F 830 -28.19 14.78 18.58
N ALA F 831 -27.29 13.84 18.30
CA ALA F 831 -27.55 12.41 18.40
C ALA F 831 -26.28 11.71 18.88
N TRP F 832 -26.45 10.76 19.80
CA TRP F 832 -25.34 10.08 20.45
C TRP F 832 -25.43 8.57 20.24
N ARG F 833 -24.25 7.96 20.09
CA ARG F 833 -24.17 6.52 19.88
C ARG F 833 -24.43 5.75 21.16
N SER F 834 -24.00 6.28 22.31
CA SER F 834 -24.25 5.67 23.60
C SER F 834 -25.12 6.59 24.45
N ILE F 835 -25.94 5.98 25.31
CA ILE F 835 -26.87 6.74 26.13
C ILE F 835 -26.13 7.61 27.14
N ASP F 836 -24.99 7.12 27.66
CA ASP F 836 -24.26 7.84 28.70
C ASP F 836 -23.80 9.22 28.28
N ASN F 837 -23.70 9.47 26.97
CA ASN F 837 -23.29 10.77 26.46
C ASN F 837 -24.46 11.75 26.31
N TYR F 838 -25.65 11.36 26.77
CA TYR F 838 -26.82 12.21 26.61
C TYR F 838 -26.62 13.54 27.34
N ASN F 839 -26.68 14.63 26.58
CA ASN F 839 -26.39 15.96 27.10
C ASN F 839 -27.34 16.94 26.43
N PRO F 840 -28.43 17.31 27.09
CA PRO F 840 -29.45 18.17 26.46
C PRO F 840 -29.09 19.65 26.43
N PHE F 841 -27.84 20.02 26.70
CA PHE F 841 -27.49 21.43 26.76
C PHE F 841 -26.39 21.80 25.78
N ASN F 842 -25.30 21.04 25.70
CA ASN F 842 -24.30 21.26 24.65
C ASN F 842 -24.72 20.49 23.40
N LEU F 843 -25.54 21.14 22.57
CA LEU F 843 -26.02 20.55 21.33
C LEU F 843 -25.42 21.31 20.15
N LYS F 844 -25.85 20.95 18.94
CA LYS F 844 -25.39 21.63 17.72
C LYS F 844 -26.44 22.66 17.32
N ARG F 845 -26.02 23.92 17.18
CA ARG F 845 -26.95 25.02 16.99
C ARG F 845 -27.06 25.35 15.51
N SER F 846 -28.18 25.99 15.15
CA SER F 846 -28.37 26.45 13.78
C SER F 846 -29.47 27.49 13.75
N ALA F 847 -29.47 28.29 12.70
CA ALA F 847 -30.53 29.30 12.55
C ALA F 847 -30.73 29.64 11.09
N GLY F 848 -31.90 30.18 10.77
CA GLY F 848 -32.13 30.61 9.39
C GLY F 848 -33.57 30.98 9.13
N VAL F 849 -33.91 31.05 7.84
CA VAL F 849 -35.25 31.44 7.39
C VAL F 849 -35.73 30.43 6.36
N GLY F 850 -36.94 30.65 5.86
CA GLY F 850 -37.47 29.79 4.82
C GLY F 850 -38.79 30.29 4.30
N LEU F 851 -39.48 29.42 3.57
CA LEU F 851 -40.75 29.71 2.92
C LEU F 851 -41.52 28.41 2.78
N ARG F 852 -42.85 28.49 2.97
CA ARG F 852 -43.74 27.35 2.86
C ARG F 852 -44.95 27.73 2.02
N VAL F 853 -45.44 26.76 1.25
CA VAL F 853 -46.63 26.88 0.39
C VAL F 853 -47.44 25.59 0.53
N THR F 854 -48.75 25.73 0.72
CA THR F 854 -49.66 24.61 0.81
C THR F 854 -50.46 24.53 -0.48
N LEU F 855 -50.55 23.33 -1.05
CA LEU F 855 -51.27 23.19 -2.31
C LEU F 855 -52.16 21.96 -2.27
N PRO F 856 -53.38 22.06 -2.76
CA PRO F 856 -54.28 20.90 -2.77
C PRO F 856 -53.74 19.77 -3.64
N MET F 857 -53.96 18.54 -3.16
CA MET F 857 -53.60 17.26 -3.77
C MET F 857 -52.07 17.08 -3.69
N VAL F 858 -51.35 18.13 -3.32
CA VAL F 858 -49.90 18.02 -3.19
C VAL F 858 -49.47 17.94 -1.73
N GLY F 859 -50.16 18.65 -0.86
CA GLY F 859 -49.78 18.71 0.54
C GLY F 859 -49.07 19.99 0.87
N MET F 860 -47.83 19.86 1.34
CA MET F 860 -47.00 20.99 1.74
C MET F 860 -45.69 20.96 0.96
N LEU F 861 -45.31 22.11 0.40
CA LEU F 861 -44.06 22.28 -0.31
C LEU F 861 -43.33 23.49 0.25
N GLY F 862 -42.02 23.35 0.47
CA GLY F 862 -41.32 24.50 1.00
C GLY F 862 -39.82 24.42 0.80
N ILE F 863 -39.17 25.56 1.01
CA ILE F 863 -37.71 25.69 0.92
C ILE F 863 -37.22 26.43 2.15
N ASP F 864 -36.12 25.96 2.74
CA ASP F 864 -35.55 26.56 3.93
C ASP F 864 -34.06 26.77 3.72
N TRP F 865 -33.53 27.84 4.31
CA TRP F 865 -32.11 28.12 4.32
C TRP F 865 -31.64 28.22 5.77
N GLY F 866 -30.57 27.49 6.08
CA GLY F 866 -30.07 27.43 7.44
C GLY F 866 -28.56 27.49 7.47
N TYR F 867 -28.05 28.11 8.53
CA TYR F 867 -26.62 28.22 8.77
C TYR F 867 -26.32 27.44 10.05
N GLY F 868 -25.39 26.49 9.95
CA GLY F 868 -24.94 25.71 11.08
C GLY F 868 -23.64 26.27 11.63
N PHE F 869 -23.66 26.55 12.94
CA PHE F 869 -22.59 27.26 13.64
C PHE F 869 -21.51 26.33 14.19
N ASP F 870 -21.81 25.07 14.44
CA ASP F 870 -20.90 24.17 15.14
C ASP F 870 -20.50 23.00 14.27
N ARG F 871 -19.31 22.49 14.52
CA ARG F 871 -18.81 21.32 13.82
C ARG F 871 -19.47 20.06 14.36
N PRO F 872 -19.98 19.18 13.49
CA PRO F 872 -20.45 17.88 13.97
C PRO F 872 -19.31 17.05 14.51
N ASP F 873 -19.65 16.12 15.41
CA ASP F 873 -18.65 15.21 15.95
C ASP F 873 -18.03 14.39 14.84
N ASN F 874 -16.73 14.09 15.00
CA ASN F 874 -15.95 13.37 13.99
C ASN F 874 -15.92 14.10 12.65
N SER F 875 -15.77 15.43 12.72
CA SER F 875 -15.69 16.26 11.52
C SER F 875 -14.93 17.53 11.88
N LEU F 876 -14.45 18.22 10.83
CA LEU F 876 -13.65 19.43 11.01
C LEU F 876 -14.22 20.63 10.26
N GLN F 877 -15.43 20.52 9.72
CA GLN F 877 -16.07 21.61 8.98
C GLN F 877 -17.42 21.91 9.61
N ARG F 878 -17.71 23.20 9.78
CA ARG F 878 -19.00 23.60 10.32
C ARG F 878 -20.11 23.30 9.32
N GLY F 879 -21.35 23.44 9.79
CA GLY F 879 -22.48 23.25 8.90
C GLY F 879 -22.50 24.26 7.77
N GLY F 880 -22.14 25.52 8.06
CA GLY F 880 -22.08 26.46 6.96
C GLY F 880 -23.46 26.83 6.49
N SER F 881 -23.55 27.28 5.23
CA SER F 881 -24.81 27.68 4.62
C SER F 881 -25.35 26.55 3.78
N ASN F 882 -26.62 26.18 4.02
CA ASN F 882 -27.24 25.10 3.27
C ASN F 882 -28.69 25.43 2.98
N VAL F 883 -29.21 24.79 1.92
CA VAL F 883 -30.58 24.96 1.46
C VAL F 883 -31.26 23.59 1.48
N HIS F 884 -32.44 23.54 2.07
CA HIS F 884 -33.21 22.32 2.27
C HIS F 884 -34.57 22.45 1.63
N PHE F 885 -35.03 21.39 0.95
CA PHE F 885 -36.36 21.33 0.38
C PHE F 885 -37.22 20.38 1.21
N VAL F 886 -38.42 20.82 1.57
CA VAL F 886 -39.36 20.00 2.33
C VAL F 886 -40.55 19.70 1.44
N LEU F 887 -40.93 18.42 1.40
CA LEU F 887 -42.06 17.93 0.61
C LEU F 887 -43.06 17.27 1.53
N GLY F 888 -44.33 17.63 1.39
CA GLY F 888 -45.35 17.08 2.26
C GLY F 888 -45.15 17.51 3.70
N GLN F 889 -45.55 16.65 4.62
CA GLN F 889 -45.40 16.94 6.05
C GLN F 889 -43.95 16.70 6.47
#